data_6IXY
#
_entry.id   6IXY
#
_cell.length_a   104.140
_cell.length_b   111.830
_cell.length_c   118.590
_cell.angle_alpha   90.00
_cell.angle_beta   107.79
_cell.angle_gamma   90.00
#
_symmetry.space_group_name_H-M   'P 1 21 1'
#
loop_
_entity.id
_entity.type
_entity.pdbx_description
1 polymer pilin
2 water water
#
_entity_poly.entity_id   1
_entity_poly.type   'polypeptide(L)'
_entity_poly.pdbx_seq_one_letter_code
;MNHKVHHHHHHIEGRHMTPSISKDAPIKGSITISKKGATFTAYKLLDATKSGDAYEYSVNSDLKDFFNNSNYGSYSQESI
QKLSGEEVKEFAVKLHKYVLDNKKSGKELTDGQKNTVDLGYYLVTEASSDSEGAAVASTPIIVSVPQVSGDSWNYDVTIN
PKDNTPILEKNIVKENQRVKTSSENIGDVVKYEVKASIPVYQKNAQDIMYKFTDTMSKGLTYDEKTGFKVTSGDKVFAKD
KDYTVEVKKQEDGETVITINFVYENIKAYAETGITLNYQATLNKDVVISNKENLGNTNNIQLDYTNNPHVKDSYKKLTDK
VTTYTFGFGITKVDSELNSKLLQGAEFSVKDESGKTVAKYTYDEKGQVVSLSGNGVTNSKGITTFVGLKEGKYLITEEVA
PSGYSLLKNPVEVTITANKDESGKYTGAATIEISNGNKAGQIINDISENDGNILFNVQIENHAGFSLPSTGGLGNT
;
_entity_poly.pdbx_strand_id   A,B,C,D
#
# COMPACT_ATOMS: atom_id res chain seq x y z
N MET A 17 1.75 -3.82 -20.34
CA MET A 17 0.63 -4.71 -19.89
C MET A 17 -0.18 -5.25 -21.07
N THR A 18 -0.87 -4.38 -21.79
CA THR A 18 -1.85 -4.82 -22.80
C THR A 18 -1.17 -5.33 -24.08
N PRO A 19 -1.79 -6.33 -24.75
CA PRO A 19 -1.26 -6.83 -26.02
C PRO A 19 -1.42 -5.83 -27.15
N SER A 20 -0.53 -5.94 -28.14
CA SER A 20 -0.55 -5.05 -29.29
C SER A 20 -1.83 -5.25 -30.10
N ILE A 21 -2.20 -4.21 -30.85
CA ILE A 21 -3.38 -4.25 -31.70
C ILE A 21 -2.89 -4.53 -33.12
N SER A 22 -3.35 -5.63 -33.70
CA SER A 22 -2.95 -6.01 -35.06
C SER A 22 -3.42 -4.94 -36.03
N LYS A 23 -2.75 -4.86 -37.17
CA LYS A 23 -3.27 -4.14 -38.33
C LYS A 23 -4.65 -4.67 -38.78
N ASP A 24 -4.82 -6.00 -38.70
CA ASP A 24 -6.05 -6.68 -39.16
C ASP A 24 -7.02 -6.88 -37.98
N ALA A 25 -6.93 -5.98 -36.99
CA ALA A 25 -7.90 -5.89 -35.92
C ALA A 25 -9.17 -5.22 -36.45
N PRO A 26 -10.34 -5.83 -36.19
CA PRO A 26 -11.60 -5.19 -36.58
C PRO A 26 -11.92 -3.99 -35.70
N ILE A 27 -12.66 -3.01 -36.25
CA ILE A 27 -13.24 -1.92 -35.44
C ILE A 27 -14.52 -2.30 -34.71
N LYS A 28 -15.03 -3.51 -34.98
CA LYS A 28 -16.26 -4.04 -34.39
C LYS A 28 -15.94 -5.28 -33.56
N GLY A 29 -16.80 -5.56 -32.59
CA GLY A 29 -16.73 -6.79 -31.80
C GLY A 29 -18.11 -7.42 -31.69
N SER A 30 -18.23 -8.43 -30.82
CA SER A 30 -19.53 -9.02 -30.55
C SER A 30 -19.69 -9.49 -29.11
N ILE A 31 -20.95 -9.51 -28.67
CA ILE A 31 -21.36 -10.15 -27.43
C ILE A 31 -22.35 -11.27 -27.78
N THR A 32 -22.04 -12.48 -27.32
CA THR A 32 -22.97 -13.60 -27.39
C THR A 32 -23.38 -13.98 -25.97
N ILE A 33 -24.69 -14.16 -25.77
CA ILE A 33 -25.25 -14.44 -24.44
C ILE A 33 -26.21 -15.62 -24.50
N SER A 34 -25.74 -16.80 -24.09
CA SER A 34 -26.52 -18.04 -24.18
C SER A 34 -27.46 -18.15 -22.98
N LYS A 35 -28.73 -18.42 -23.27
CA LYS A 35 -29.77 -18.60 -22.24
C LYS A 35 -30.92 -19.44 -22.82
N LYS A 36 -31.77 -19.97 -21.93
CA LYS A 36 -33.12 -20.38 -22.29
C LYS A 36 -34.09 -19.24 -21.98
N GLY A 37 -34.44 -18.47 -23.02
CA GLY A 37 -35.66 -17.66 -23.00
C GLY A 37 -35.61 -16.51 -22.01
N ALA A 38 -34.56 -15.71 -22.10
CA ALA A 38 -34.53 -14.37 -21.49
C ALA A 38 -33.73 -13.42 -22.37
N THR A 39 -34.21 -12.19 -22.51
CA THR A 39 -33.55 -11.17 -23.33
C THR A 39 -32.78 -10.18 -22.44
N PHE A 40 -31.58 -9.81 -22.87
CA PHE A 40 -30.71 -8.91 -22.11
C PHE A 40 -30.52 -7.61 -22.86
N THR A 41 -30.34 -6.53 -22.09
CA THR A 41 -29.98 -5.22 -22.65
C THR A 41 -28.53 -4.90 -22.31
N ALA A 42 -27.78 -4.43 -23.32
CA ALA A 42 -26.38 -3.99 -23.15
C ALA A 42 -26.29 -2.49 -23.32
N TYR A 43 -25.73 -1.80 -22.33
CA TYR A 43 -25.58 -0.34 -22.35
C TYR A 43 -24.13 0.04 -22.56
N LYS A 44 -23.86 0.80 -23.62
CA LYS A 44 -22.51 1.29 -23.90
C LYS A 44 -22.13 2.36 -22.87
N LEU A 45 -21.23 2.00 -21.95
CA LEU A 45 -20.79 2.89 -20.89
C LEU A 45 -19.66 3.77 -21.37
N LEU A 46 -18.61 3.15 -21.89
CA LEU A 46 -17.43 3.84 -22.38
C LEU A 46 -17.11 3.36 -23.79
N ASP A 47 -16.68 4.28 -24.66
CA ASP A 47 -16.10 3.93 -25.96
C ASP A 47 -14.67 3.44 -25.76
N ALA A 48 -14.27 2.41 -26.52
CA ALA A 48 -12.87 2.05 -26.68
C ALA A 48 -12.47 2.52 -28.06
N THR A 49 -11.36 3.26 -28.16
CA THR A 49 -10.91 3.80 -29.44
C THR A 49 -9.44 3.45 -29.63
N LYS A 50 -9.09 3.00 -30.84
CA LYS A 50 -7.72 2.68 -31.15
C LYS A 50 -6.91 3.97 -31.23
N SER A 51 -5.77 3.99 -30.56
CA SER A 51 -4.82 5.09 -30.64
C SER A 51 -3.42 4.52 -30.55
N GLY A 52 -2.66 4.60 -31.64
CA GLY A 52 -1.38 3.93 -31.74
C GLY A 52 -1.54 2.44 -31.59
N ASP A 53 -0.97 1.89 -30.51
CA ASP A 53 -0.99 0.45 -30.21
C ASP A 53 -1.67 0.23 -28.86
N ALA A 54 -2.77 0.94 -28.62
CA ALA A 54 -3.58 0.76 -27.42
C ALA A 54 -5.01 1.25 -27.62
N TYR A 55 -5.92 0.78 -26.76
CA TYR A 55 -7.32 1.23 -26.74
C TYR A 55 -7.53 2.29 -25.65
N GLU A 56 -7.87 3.50 -26.05
CA GLU A 56 -8.21 4.55 -25.10
C GLU A 56 -9.70 4.57 -24.87
N TYR A 57 -10.07 4.60 -23.60
CA TYR A 57 -11.47 4.57 -23.21
C TYR A 57 -11.92 5.99 -22.84
N SER A 58 -13.17 6.30 -23.15
CA SER A 58 -13.79 7.53 -22.68
C SER A 58 -15.30 7.34 -22.60
N VAL A 59 -15.97 8.19 -21.82
CA VAL A 59 -17.41 8.04 -21.58
C VAL A 59 -18.23 8.23 -22.87
N ASN A 60 -19.24 7.38 -23.04
CA ASN A 60 -20.12 7.47 -24.20
C ASN A 60 -21.05 8.69 -24.14
N SER A 61 -21.30 9.27 -25.32
CA SER A 61 -22.12 10.48 -25.45
C SER A 61 -23.51 10.45 -24.79
N ASP A 62 -24.22 9.33 -24.93
CA ASP A 62 -25.54 9.16 -24.30
C ASP A 62 -25.52 9.31 -22.77
N LEU A 63 -24.42 8.92 -22.13
CA LEU A 63 -24.33 8.92 -20.66
C LEU A 63 -23.45 10.04 -20.11
N LYS A 64 -23.05 10.99 -20.95
CA LYS A 64 -22.28 12.17 -20.48
C LYS A 64 -22.93 12.85 -19.28
N ASP A 65 -24.25 12.97 -19.29
CA ASP A 65 -25.01 13.59 -18.19
C ASP A 65 -25.42 12.63 -17.07
N PHE A 66 -25.37 11.32 -17.32
CA PHE A 66 -25.44 10.31 -16.26
C PHE A 66 -24.18 10.35 -15.39
N PHE A 67 -23.01 10.30 -16.02
CA PHE A 67 -21.73 10.28 -15.29
C PHE A 67 -21.53 11.59 -14.52
N ASN A 68 -20.92 11.48 -13.33
CA ASN A 68 -20.60 12.62 -12.47
C ASN A 68 -21.82 13.45 -12.05
N ASN A 69 -22.95 12.75 -11.87
CA ASN A 69 -24.23 13.36 -11.56
C ASN A 69 -24.67 12.87 -10.19
N SER A 70 -25.08 13.80 -9.32
CA SER A 70 -25.29 13.50 -7.90
C SER A 70 -26.61 12.75 -7.68
N ASN A 71 -27.59 13.02 -8.55
CA ASN A 71 -28.85 12.26 -8.60
C ASN A 71 -28.75 10.83 -9.16
N TYR A 72 -27.56 10.41 -9.61
CA TYR A 72 -27.34 9.07 -10.14
C TYR A 72 -26.00 8.45 -9.72
N GLY A 73 -25.49 8.88 -8.56
CA GLY A 73 -24.44 8.14 -7.83
C GLY A 73 -23.01 8.63 -8.00
N SER A 74 -22.83 9.76 -8.69
CA SER A 74 -21.49 10.37 -8.89
C SER A 74 -20.45 9.39 -9.44
N TYR A 75 -20.87 8.55 -10.38
CA TYR A 75 -19.98 7.55 -10.97
C TYR A 75 -19.05 8.25 -11.95
N SER A 76 -17.73 8.11 -11.74
CA SER A 76 -16.72 8.55 -12.70
C SER A 76 -16.36 7.42 -13.68
N GLN A 77 -15.68 7.80 -14.77
CA GLN A 77 -15.05 6.83 -15.65
C GLN A 77 -14.19 5.82 -14.88
N GLU A 78 -13.44 6.31 -13.90
CA GLU A 78 -12.48 5.50 -13.15
C GLU A 78 -13.22 4.63 -12.13
N SER A 79 -14.27 5.17 -11.51
CA SER A 79 -14.93 4.50 -10.38
C SER A 79 -15.66 3.21 -10.78
N ILE A 80 -16.24 3.19 -11.98
CA ILE A 80 -16.83 1.95 -12.53
C ILE A 80 -15.82 0.83 -12.89
N GLN A 81 -14.54 1.16 -12.99
CA GLN A 81 -13.46 0.14 -13.14
C GLN A 81 -13.14 -0.68 -11.90
N LYS A 82 -13.70 -0.32 -10.74
CA LYS A 82 -13.40 -1.03 -9.49
C LYS A 82 -14.65 -1.08 -8.61
N LEU A 83 -15.73 -1.61 -9.16
CA LEU A 83 -16.96 -1.85 -8.43
C LEU A 83 -16.94 -3.23 -7.78
N SER A 84 -17.25 -3.29 -6.49
CA SER A 84 -17.61 -4.55 -5.83
C SER A 84 -18.93 -5.11 -6.38
N GLY A 85 -19.16 -6.40 -6.16
CA GLY A 85 -20.40 -7.07 -6.52
C GLY A 85 -21.66 -6.32 -6.14
N GLU A 86 -21.70 -5.79 -4.92
CA GLU A 86 -22.82 -4.96 -4.47
C GLU A 86 -22.91 -3.62 -5.22
N GLU A 87 -21.77 -3.04 -5.58
CA GLU A 87 -21.74 -1.73 -6.23
C GLU A 87 -22.10 -1.81 -7.72
N VAL A 88 -21.76 -2.91 -8.36
CA VAL A 88 -22.24 -3.20 -9.73
C VAL A 88 -23.77 -3.27 -9.76
N LYS A 89 -24.36 -3.95 -8.78
CA LYS A 89 -25.81 -3.98 -8.60
C LYS A 89 -26.40 -2.58 -8.41
N GLU A 90 -25.87 -1.84 -7.45
CA GLU A 90 -26.29 -0.47 -7.21
C GLU A 90 -26.13 0.41 -8.44
N PHE A 91 -25.03 0.24 -9.18
CA PHE A 91 -24.80 0.97 -10.43
C PHE A 91 -25.90 0.69 -11.46
N ALA A 92 -26.31 -0.57 -11.57
CA ALA A 92 -27.33 -0.99 -12.54
C ALA A 92 -28.70 -0.38 -12.26
N VAL A 93 -29.05 -0.31 -10.98
CA VAL A 93 -30.31 0.30 -10.56
C VAL A 93 -30.35 1.80 -10.91
N LYS A 94 -29.21 2.47 -10.78
CA LYS A 94 -29.12 3.91 -11.01
C LYS A 94 -28.99 4.23 -12.51
N LEU A 95 -28.34 3.34 -13.26
CA LEU A 95 -28.33 3.48 -14.72
C LEU A 95 -29.71 3.28 -15.32
N HIS A 96 -30.39 2.21 -14.93
CA HIS A 96 -31.80 1.99 -15.31
C HIS A 96 -32.65 3.22 -15.10
N LYS A 97 -32.57 3.80 -13.91
CA LYS A 97 -33.40 4.96 -13.56
C LYS A 97 -33.11 6.15 -14.47
N TYR A 98 -31.83 6.37 -14.78
CA TYR A 98 -31.43 7.42 -15.73
C TYR A 98 -32.01 7.18 -17.12
N VAL A 99 -31.85 5.96 -17.62
CA VAL A 99 -32.31 5.59 -18.95
C VAL A 99 -33.83 5.75 -19.07
N LEU A 100 -34.58 5.31 -18.05
CA LEU A 100 -36.02 5.58 -17.96
C LEU A 100 -36.32 7.08 -17.91
N ASP A 101 -35.70 7.78 -16.96
CA ASP A 101 -35.95 9.21 -16.77
C ASP A 101 -35.71 10.03 -18.04
N ASN A 102 -34.71 9.64 -18.82
CA ASN A 102 -34.36 10.35 -20.06
C ASN A 102 -34.85 9.66 -21.34
N LYS A 103 -35.72 8.67 -21.19
CA LYS A 103 -36.38 7.99 -22.31
C LYS A 103 -35.37 7.45 -23.35
N LYS A 104 -34.21 7.01 -22.86
CA LYS A 104 -33.14 6.44 -23.70
C LYS A 104 -33.39 4.93 -23.77
N SER A 105 -32.49 4.19 -24.41
CA SER A 105 -32.53 2.73 -24.36
C SER A 105 -31.18 2.11 -24.75
N GLY A 106 -30.89 0.94 -24.18
CA GLY A 106 -29.75 0.13 -24.58
C GLY A 106 -30.07 -0.77 -25.75
N LYS A 107 -29.07 -1.53 -26.19
CA LYS A 107 -29.22 -2.52 -27.25
C LYS A 107 -29.85 -3.78 -26.67
N GLU A 108 -30.99 -4.20 -27.21
CA GLU A 108 -31.52 -5.55 -26.96
C GLU A 108 -30.59 -6.57 -27.60
N LEU A 109 -30.31 -7.65 -26.88
CA LEU A 109 -29.38 -8.68 -27.34
C LEU A 109 -30.14 -9.98 -27.59
N THR A 110 -30.04 -10.48 -28.82
CA THR A 110 -30.67 -11.73 -29.23
C THR A 110 -30.07 -12.92 -28.47
N ASP A 111 -30.96 -13.76 -27.94
CA ASP A 111 -30.55 -14.90 -27.11
C ASP A 111 -29.85 -15.96 -27.99
N GLY A 112 -28.66 -16.39 -27.58
CA GLY A 112 -27.95 -17.48 -28.24
C GLY A 112 -27.20 -17.11 -29.52
N GLN A 113 -27.44 -15.91 -30.04
CA GLN A 113 -26.84 -15.46 -31.30
C GLN A 113 -25.66 -14.54 -30.98
N LYS A 114 -24.79 -14.36 -31.97
CA LYS A 114 -23.84 -13.25 -32.00
C LYS A 114 -24.60 -11.92 -32.09
N ASN A 115 -24.15 -10.91 -31.35
CA ASN A 115 -24.67 -9.54 -31.47
C ASN A 115 -23.51 -8.60 -31.75
N THR A 116 -23.58 -7.88 -32.87
CA THR A 116 -22.54 -6.92 -33.25
C THR A 116 -22.65 -5.65 -32.39
N VAL A 117 -21.52 -5.21 -31.84
CA VAL A 117 -21.44 -4.00 -31.01
C VAL A 117 -20.14 -3.27 -31.26
N ASP A 118 -20.16 -1.95 -31.04
CA ASP A 118 -18.94 -1.14 -31.05
C ASP A 118 -17.98 -1.59 -29.96
N LEU A 119 -16.70 -1.28 -30.12
CA LEU A 119 -15.73 -1.54 -29.07
C LEU A 119 -16.02 -0.61 -27.89
N GLY A 120 -16.10 -1.17 -26.69
CA GLY A 120 -16.37 -0.38 -25.49
C GLY A 120 -16.46 -1.17 -24.19
N TYR A 121 -16.99 -0.49 -23.17
CA TYR A 121 -17.27 -1.09 -21.86
C TYR A 121 -18.80 -1.07 -21.66
N TYR A 122 -19.37 -2.21 -21.26
CA TYR A 122 -20.82 -2.44 -21.37
C TYR A 122 -21.40 -2.95 -20.05
N LEU A 123 -22.51 -2.37 -19.62
CA LEU A 123 -23.38 -3.01 -18.65
C LEU A 123 -24.33 -3.94 -19.41
N VAL A 124 -24.40 -5.19 -18.98
CA VAL A 124 -25.46 -6.10 -19.44
C VAL A 124 -26.40 -6.46 -18.28
N THR A 125 -27.69 -6.15 -18.46
CA THR A 125 -28.72 -6.53 -17.53
C THR A 125 -29.81 -7.31 -18.25
N GLU A 126 -30.48 -8.19 -17.51
CA GLU A 126 -31.68 -8.88 -18.00
C GLU A 126 -32.82 -7.88 -18.24
N ALA A 127 -33.44 -7.98 -19.41
CA ALA A 127 -34.62 -7.16 -19.76
C ALA A 127 -35.92 -7.93 -19.51
N SER A 128 -35.93 -9.23 -19.82
CA SER A 128 -37.12 -10.07 -19.66
C SER A 128 -36.75 -11.53 -19.42
N SER A 129 -37.70 -12.28 -18.88
CA SER A 129 -37.88 -13.71 -19.20
C SER A 129 -39.12 -13.89 -20.08
N ASP A 130 -39.12 -14.96 -20.88
CA ASP A 130 -40.34 -15.45 -21.56
C ASP A 130 -41.22 -16.35 -20.65
N SER A 131 -40.67 -16.73 -19.49
CA SER A 131 -41.45 -17.32 -18.39
C SER A 131 -42.60 -16.40 -17.93
N GLU A 132 -43.73 -17.00 -17.57
CA GLU A 132 -44.84 -16.29 -16.91
C GLU A 132 -44.63 -16.24 -15.39
N GLY A 133 -44.04 -17.30 -14.83
CA GLY A 133 -43.73 -17.38 -13.40
C GLY A 133 -42.69 -16.39 -12.92
N ALA A 134 -42.64 -16.21 -11.60
CA ALA A 134 -41.66 -15.33 -10.94
C ALA A 134 -40.24 -15.76 -11.27
N ALA A 135 -39.47 -14.85 -11.88
CA ALA A 135 -38.04 -15.05 -12.12
C ALA A 135 -37.19 -14.25 -11.14
N VAL A 136 -35.93 -14.66 -11.03
CA VAL A 136 -34.92 -13.83 -10.38
C VAL A 136 -34.05 -13.26 -11.49
N ALA A 137 -33.83 -11.96 -11.47
CA ALA A 137 -32.91 -11.32 -12.39
C ALA A 137 -31.51 -11.89 -12.19
N SER A 138 -30.86 -12.22 -13.30
CA SER A 138 -29.41 -12.48 -13.30
C SER A 138 -28.68 -11.22 -12.87
N THR A 139 -27.58 -11.42 -12.14
CA THR A 139 -26.83 -10.30 -11.59
C THR A 139 -26.17 -9.54 -12.74
N PRO A 140 -26.16 -8.20 -12.66
CA PRO A 140 -25.67 -7.42 -13.79
C PRO A 140 -24.17 -7.59 -14.02
N ILE A 141 -23.76 -7.37 -15.27
CA ILE A 141 -22.44 -7.79 -15.76
C ILE A 141 -21.82 -6.59 -16.48
N ILE A 142 -20.56 -6.32 -16.15
CA ILE A 142 -19.75 -5.35 -16.86
C ILE A 142 -18.71 -6.11 -17.69
N VAL A 143 -18.72 -5.88 -19.00
CA VAL A 143 -17.85 -6.60 -19.92
C VAL A 143 -17.11 -5.64 -20.86
N SER A 144 -15.84 -5.93 -21.10
CA SER A 144 -15.03 -5.17 -22.02
C SER A 144 -15.05 -5.85 -23.40
N VAL A 145 -15.28 -5.06 -24.46
CA VAL A 145 -15.16 -5.57 -25.83
C VAL A 145 -14.19 -4.69 -26.63
N PRO A 146 -12.98 -5.21 -26.95
CA PRO A 146 -12.49 -6.55 -26.72
C PRO A 146 -11.95 -6.67 -25.30
N GLN A 147 -11.81 -7.91 -24.83
CA GLN A 147 -11.16 -8.19 -23.55
C GLN A 147 -9.86 -8.93 -23.80
N VAL A 148 -8.89 -8.72 -22.91
CA VAL A 148 -7.61 -9.40 -23.02
C VAL A 148 -7.78 -10.87 -22.65
N SER A 149 -7.09 -11.74 -23.39
CA SER A 149 -7.27 -13.19 -23.28
C SER A 149 -6.03 -13.88 -23.84
N GLY A 150 -5.34 -14.63 -22.99
CA GLY A 150 -3.91 -14.87 -23.16
C GLY A 150 -3.15 -13.58 -23.36
N ASP A 151 -2.47 -13.46 -24.50
CA ASP A 151 -1.70 -12.27 -24.87
C ASP A 151 -2.29 -11.67 -26.14
N SER A 152 -3.62 -11.67 -26.21
CA SER A 152 -4.36 -11.22 -27.39
C SER A 152 -5.70 -10.61 -26.99
N TRP A 153 -6.21 -9.75 -27.86
CA TRP A 153 -7.56 -9.22 -27.71
C TRP A 153 -8.56 -10.21 -28.29
N ASN A 154 -9.55 -10.61 -27.49
CA ASN A 154 -10.75 -11.27 -27.99
C ASN A 154 -11.85 -10.23 -28.28
N TYR A 155 -12.24 -10.15 -29.55
CA TYR A 155 -13.28 -9.22 -30.00
C TYR A 155 -14.70 -9.81 -29.92
N ASP A 156 -14.81 -11.12 -29.65
CA ASP A 156 -16.08 -11.84 -29.69
C ASP A 156 -16.35 -12.49 -28.34
N VAL A 157 -16.88 -11.71 -27.40
CA VAL A 157 -17.02 -12.18 -26.02
C VAL A 157 -18.32 -12.96 -25.84
N THR A 158 -18.23 -14.03 -25.04
CA THR A 158 -19.36 -14.86 -24.68
C THR A 158 -19.57 -14.72 -23.18
N ILE A 159 -20.83 -14.63 -22.77
CA ILE A 159 -21.18 -14.58 -21.35
C ILE A 159 -22.37 -15.50 -21.07
N ASN A 160 -22.12 -16.56 -20.32
CA ASN A 160 -23.17 -17.34 -19.68
C ASN A 160 -23.30 -16.84 -18.23
N PRO A 161 -24.37 -16.05 -17.95
CA PRO A 161 -24.52 -15.51 -16.60
C PRO A 161 -24.97 -16.57 -15.61
N LYS A 162 -24.70 -16.34 -14.33
CA LYS A 162 -25.18 -17.23 -13.28
C LYS A 162 -26.70 -17.25 -13.23
N ASP A 163 -27.25 -18.47 -13.12
CA ASP A 163 -28.69 -18.68 -13.12
C ASP A 163 -29.18 -18.61 -11.67
N ASN A 164 -29.64 -17.42 -11.27
CA ASN A 164 -29.86 -17.11 -9.85
C ASN A 164 -31.14 -17.74 -9.32
N THR A 165 -31.05 -18.35 -8.15
CA THR A 165 -32.21 -18.84 -7.41
C THR A 165 -32.63 -17.83 -6.35
N PRO A 166 -33.88 -17.92 -5.87
CA PRO A 166 -34.33 -16.91 -4.91
C PRO A 166 -33.58 -16.97 -3.58
N ILE A 167 -33.22 -15.81 -3.04
CA ILE A 167 -32.64 -15.69 -1.70
C ILE A 167 -33.74 -15.23 -0.73
N LEU A 168 -33.87 -15.95 0.39
CA LEU A 168 -34.29 -15.36 1.67
C LEU A 168 -33.33 -15.83 2.76
N GLU A 169 -32.68 -14.89 3.45
CA GLU A 169 -31.84 -15.24 4.59
C GLU A 169 -32.02 -14.24 5.73
N LYS A 170 -32.18 -14.77 6.96
CA LYS A 170 -32.21 -13.97 8.19
C LYS A 170 -30.93 -14.20 8.99
N ASN A 171 -30.36 -13.12 9.52
CA ASN A 171 -29.21 -13.19 10.40
C ASN A 171 -29.40 -12.31 11.61
N ILE A 172 -28.86 -12.77 12.73
CA ILE A 172 -28.47 -11.93 13.85
C ILE A 172 -27.20 -11.18 13.46
N VAL A 173 -27.22 -9.84 13.55
CA VAL A 173 -26.01 -9.01 13.44
C VAL A 173 -25.39 -8.83 14.81
N LYS A 174 -24.18 -9.35 14.99
CA LYS A 174 -23.44 -9.19 16.26
C LYS A 174 -21.98 -8.86 15.98
N GLU A 175 -21.48 -7.79 16.61
CA GLU A 175 -20.07 -7.37 16.48
C GLU A 175 -19.64 -7.22 15.02
N ASN A 176 -20.48 -6.51 14.26
CA ASN A 176 -20.32 -6.35 12.81
C ASN A 176 -20.05 -7.68 12.05
N GLN A 177 -20.72 -8.74 12.46
CA GLN A 177 -20.80 -9.98 11.70
C GLN A 177 -22.24 -10.43 11.61
N ARG A 178 -22.49 -11.45 10.78
CA ARG A 178 -23.82 -11.99 10.60
C ARG A 178 -23.81 -13.48 10.87
N VAL A 179 -24.59 -13.90 11.86
CA VAL A 179 -24.54 -15.27 12.39
C VAL A 179 -25.95 -15.82 12.57
N LYS A 180 -26.10 -17.13 12.35
CA LYS A 180 -27.41 -17.79 12.47
C LYS A 180 -27.86 -17.98 13.91
N THR A 181 -26.94 -17.88 14.87
CA THR A 181 -27.24 -18.09 16.29
C THR A 181 -26.44 -17.18 17.19
N SER A 182 -26.92 -16.97 18.41
CA SER A 182 -26.26 -16.07 19.36
C SER A 182 -26.64 -16.39 20.79
N SER A 183 -26.03 -15.66 21.72
CA SER A 183 -26.41 -15.70 23.13
C SER A 183 -26.36 -14.30 23.71
N GLU A 184 -27.34 -13.98 24.56
CA GLU A 184 -27.45 -12.66 25.17
C GLU A 184 -27.93 -12.81 26.60
N ASN A 185 -27.86 -11.73 27.36
CA ASN A 185 -28.52 -11.66 28.67
C ASN A 185 -29.97 -11.21 28.47
N ILE A 186 -30.81 -11.48 29.47
CA ILE A 186 -32.13 -10.87 29.54
C ILE A 186 -31.96 -9.36 29.62
N GLY A 187 -32.71 -8.66 28.78
CA GLY A 187 -32.66 -7.20 28.72
C GLY A 187 -31.87 -6.68 27.55
N ASP A 188 -30.95 -7.49 27.02
CA ASP A 188 -30.10 -7.08 25.89
C ASP A 188 -30.85 -7.15 24.57
N VAL A 189 -30.41 -6.33 23.62
CA VAL A 189 -31.00 -6.28 22.28
C VAL A 189 -30.35 -7.35 21.41
N VAL A 190 -31.19 -8.18 20.78
CA VAL A 190 -30.79 -8.99 19.61
C VAL A 190 -31.15 -8.21 18.34
N LYS A 191 -30.15 -7.87 17.53
CA LYS A 191 -30.37 -7.22 16.24
C LYS A 191 -30.54 -8.24 15.12
N TYR A 192 -31.40 -7.94 14.15
CA TYR A 192 -31.67 -8.82 13.01
C TYR A 192 -31.45 -8.10 11.68
N GLU A 193 -31.09 -8.89 10.67
CA GLU A 193 -31.04 -8.42 9.28
C GLU A 193 -31.56 -9.52 8.35
N VAL A 194 -32.46 -9.15 7.45
CA VAL A 194 -32.96 -10.06 6.43
C VAL A 194 -32.56 -9.54 5.06
N LYS A 195 -31.87 -10.35 4.27
CA LYS A 195 -31.70 -10.09 2.83
C LYS A 195 -32.75 -10.91 2.10
N ALA A 196 -33.29 -10.35 1.02
CA ALA A 196 -34.19 -11.10 0.12
C ALA A 196 -34.09 -10.68 -1.35
N SER A 197 -34.06 -11.68 -2.25
CA SER A 197 -34.53 -11.54 -3.64
C SER A 197 -35.81 -10.73 -3.78
N ILE A 198 -35.84 -9.86 -4.78
CA ILE A 198 -37.08 -9.31 -5.32
C ILE A 198 -37.37 -10.04 -6.62
N PRO A 199 -38.54 -10.70 -6.73
CA PRO A 199 -38.87 -11.39 -7.97
C PRO A 199 -39.11 -10.43 -9.13
N VAL A 200 -38.84 -10.89 -10.35
CA VAL A 200 -39.24 -10.16 -11.56
C VAL A 200 -40.23 -10.98 -12.40
N TYR A 201 -41.02 -10.26 -13.19
CA TYR A 201 -42.15 -10.80 -13.95
C TYR A 201 -42.17 -10.14 -15.34
N GLN A 202 -43.11 -10.54 -16.19
CA GLN A 202 -43.29 -9.89 -17.50
C GLN A 202 -44.02 -8.55 -17.35
N LYS A 203 -43.87 -7.68 -18.34
CA LYS A 203 -44.12 -6.25 -18.17
C LYS A 203 -45.58 -5.94 -17.78
N ASN A 204 -46.52 -6.73 -18.28
CA ASN A 204 -47.95 -6.50 -18.07
C ASN A 204 -48.48 -6.85 -16.66
N ALA A 205 -47.60 -7.28 -15.76
CA ALA A 205 -48.00 -8.17 -14.68
C ALA A 205 -48.75 -7.40 -13.59
N GLN A 206 -49.70 -8.08 -12.96
CA GLN A 206 -50.73 -7.44 -12.16
C GLN A 206 -50.91 -8.18 -10.84
N ASP A 207 -51.40 -7.46 -9.83
CA ASP A 207 -51.75 -8.05 -8.54
C ASP A 207 -50.58 -8.84 -7.96
N ILE A 208 -49.39 -8.24 -8.01
CA ILE A 208 -48.18 -8.86 -7.47
C ILE A 208 -48.13 -8.68 -5.95
N MET A 209 -48.01 -9.79 -5.24
CA MET A 209 -47.79 -9.78 -3.79
C MET A 209 -46.31 -10.01 -3.46
N TYR A 210 -45.81 -9.24 -2.49
CA TYR A 210 -44.49 -9.43 -1.90
C TYR A 210 -44.57 -9.17 -0.40
N LYS A 211 -44.73 -10.24 0.39
CA LYS A 211 -45.18 -10.12 1.77
C LYS A 211 -44.34 -10.96 2.75
N PHE A 212 -43.80 -10.28 3.78
CA PHE A 212 -43.01 -10.94 4.82
C PHE A 212 -43.92 -11.18 5.99
N THR A 213 -43.78 -12.35 6.62
CA THR A 213 -44.34 -12.58 7.94
C THR A 213 -43.23 -13.04 8.88
N ASP A 214 -42.87 -12.16 9.81
CA ASP A 214 -41.87 -12.47 10.80
C ASP A 214 -42.55 -12.95 12.09
N THR A 215 -42.08 -14.06 12.64
CA THR A 215 -42.63 -14.59 13.88
C THR A 215 -41.56 -14.74 14.96
N MET A 216 -41.70 -13.97 16.04
CA MET A 216 -40.82 -14.03 17.21
C MET A 216 -41.45 -14.86 18.32
N SER A 217 -40.65 -15.67 18.99
CA SER A 217 -41.16 -16.50 20.08
C SER A 217 -41.35 -15.65 21.35
N LYS A 218 -42.01 -16.22 22.35
CA LYS A 218 -42.44 -15.47 23.55
C LYS A 218 -41.31 -14.78 24.29
N GLY A 219 -40.11 -15.38 24.22
CA GLY A 219 -38.92 -14.84 24.86
C GLY A 219 -38.39 -13.52 24.33
N LEU A 220 -38.87 -13.09 23.16
CA LEU A 220 -38.36 -11.88 22.50
C LEU A 220 -39.46 -10.84 22.41
N THR A 221 -39.14 -9.59 22.77
CA THR A 221 -40.05 -8.46 22.65
C THR A 221 -39.62 -7.58 21.48
N TYR A 222 -40.40 -7.61 20.40
CA TYR A 222 -40.14 -6.76 19.23
C TYR A 222 -40.03 -5.30 19.64
N ASP A 223 -38.98 -4.64 19.16
CA ASP A 223 -38.74 -3.23 19.43
C ASP A 223 -39.43 -2.38 18.35
N GLU A 224 -40.71 -2.10 18.59
CA GLU A 224 -41.52 -1.30 17.65
C GLU A 224 -41.29 0.20 17.77
N LYS A 225 -40.72 0.64 18.89
CA LYS A 225 -40.14 1.98 18.97
C LYS A 225 -39.03 2.16 17.92
N THR A 226 -38.05 1.28 17.91
CA THR A 226 -37.01 1.27 16.86
C THR A 226 -37.59 0.94 15.47
N GLY A 227 -38.46 -0.06 15.40
CA GLY A 227 -39.19 -0.37 14.17
C GLY A 227 -38.32 -0.94 13.06
N PHE A 228 -38.87 -1.01 11.85
CA PHE A 228 -38.15 -1.55 10.69
C PHE A 228 -37.41 -0.44 9.96
N LYS A 229 -36.20 -0.74 9.50
CA LYS A 229 -35.56 0.06 8.45
C LYS A 229 -35.42 -0.79 7.16
N VAL A 230 -36.14 -0.36 6.12
CA VAL A 230 -36.28 -1.14 4.90
C VAL A 230 -35.44 -0.48 3.81
N THR A 231 -34.55 -1.26 3.20
CA THR A 231 -33.57 -0.72 2.28
C THR A 231 -33.30 -1.66 1.11
N SER A 232 -33.13 -1.08 -0.08
CA SER A 232 -32.47 -1.75 -1.19
C SER A 232 -31.23 -0.95 -1.54
N GLY A 233 -30.08 -1.45 -1.08
CA GLY A 233 -28.80 -0.75 -1.24
C GLY A 233 -28.88 0.68 -0.75
N ASP A 234 -28.82 1.61 -1.69
CA ASP A 234 -28.79 3.05 -1.38
C ASP A 234 -30.14 3.55 -0.88
N LYS A 235 -31.21 2.94 -1.37
CA LYS A 235 -32.56 3.47 -1.26
C LYS A 235 -33.17 3.15 0.10
N VAL A 236 -33.87 4.12 0.68
CA VAL A 236 -34.59 3.94 1.94
C VAL A 236 -36.08 4.13 1.66
N PHE A 237 -36.83 3.04 1.74
CA PHE A 237 -38.26 3.09 1.46
C PHE A 237 -39.03 3.70 2.65
N ALA A 238 -40.23 4.21 2.39
CA ALA A 238 -41.00 4.95 3.39
C ALA A 238 -42.18 4.12 3.87
N LYS A 239 -42.42 4.10 5.18
CA LYS A 239 -43.52 3.32 5.76
C LYS A 239 -44.84 3.96 5.35
N ASP A 240 -45.84 3.11 5.07
CA ASP A 240 -47.16 3.54 4.57
C ASP A 240 -47.16 4.21 3.20
N LYS A 241 -46.06 4.07 2.45
CA LYS A 241 -46.02 4.36 1.03
C LYS A 241 -45.59 3.09 0.28
N ASP A 242 -44.40 2.59 0.62
CA ASP A 242 -43.80 1.46 -0.06
C ASP A 242 -44.09 0.13 0.63
N TYR A 243 -44.33 0.18 1.94
CA TYR A 243 -44.63 -1.02 2.75
C TYR A 243 -45.45 -0.66 3.98
N THR A 244 -46.13 -1.65 4.54
CA THR A 244 -46.81 -1.47 5.83
C THR A 244 -46.24 -2.45 6.86
N VAL A 245 -46.33 -2.09 8.14
CA VAL A 245 -45.91 -2.96 9.24
C VAL A 245 -47.09 -3.10 10.19
N GLU A 246 -47.64 -4.31 10.26
CA GLU A 246 -48.70 -4.67 11.20
C GLU A 246 -48.11 -5.65 12.22
N VAL A 247 -48.44 -5.46 13.49
CA VAL A 247 -47.89 -6.28 14.59
C VAL A 247 -49.02 -6.91 15.41
N LYS A 248 -48.97 -8.22 15.60
CA LYS A 248 -49.98 -8.95 16.36
C LYS A 248 -49.34 -9.85 17.41
N LYS A 249 -49.50 -9.50 18.69
CA LYS A 249 -49.06 -10.34 19.79
C LYS A 249 -50.06 -11.48 20.00
N GLN A 250 -49.60 -12.71 19.87
CA GLN A 250 -50.46 -13.89 19.90
C GLN A 250 -50.85 -14.24 21.33
N GLU A 251 -51.83 -15.13 21.44
CA GLU A 251 -52.28 -15.69 22.72
C GLU A 251 -51.14 -16.46 23.38
N ASP A 252 -50.48 -17.33 22.60
CA ASP A 252 -49.36 -18.15 23.10
C ASP A 252 -48.08 -17.36 23.45
N GLY A 253 -48.07 -16.05 23.21
CA GLY A 253 -46.96 -15.19 23.60
C GLY A 253 -46.07 -14.79 22.43
N GLU A 254 -46.18 -15.51 21.31
CA GLU A 254 -45.45 -15.18 20.09
C GLU A 254 -45.91 -13.84 19.54
N THR A 255 -45.01 -13.11 18.90
CA THR A 255 -45.37 -11.90 18.13
C THR A 255 -45.32 -12.24 16.65
N VAL A 256 -46.40 -11.98 15.93
CA VAL A 256 -46.41 -12.12 14.46
C VAL A 256 -46.45 -10.74 13.83
N ILE A 257 -45.48 -10.45 12.96
CA ILE A 257 -45.28 -9.14 12.32
C ILE A 257 -45.38 -9.31 10.82
N THR A 258 -46.16 -8.45 10.16
CA THR A 258 -46.35 -8.52 8.71
C THR A 258 -45.76 -7.30 8.02
N ILE A 259 -44.80 -7.54 7.12
CA ILE A 259 -44.26 -6.48 6.29
C ILE A 259 -44.68 -6.72 4.85
N ASN A 260 -45.61 -5.89 4.38
CA ASN A 260 -46.26 -6.09 3.10
C ASN A 260 -46.04 -4.89 2.19
N PHE A 261 -45.63 -5.17 0.96
CA PHE A 261 -44.98 -4.20 0.08
C PHE A 261 -45.91 -3.85 -1.10
N VAL A 262 -45.80 -2.62 -1.56
CA VAL A 262 -46.26 -2.23 -2.89
C VAL A 262 -45.17 -2.62 -3.88
N TYR A 263 -45.38 -3.72 -4.59
CA TYR A 263 -44.38 -4.28 -5.49
C TYR A 263 -43.90 -3.27 -6.53
N GLU A 264 -44.83 -2.54 -7.14
CA GLU A 264 -44.45 -1.52 -8.11
C GLU A 264 -43.40 -0.53 -7.59
N ASN A 265 -43.45 -0.19 -6.31
CA ASN A 265 -42.48 0.73 -5.70
C ASN A 265 -41.08 0.17 -5.50
N ILE A 266 -40.95 -1.16 -5.43
CA ILE A 266 -39.64 -1.84 -5.29
C ILE A 266 -39.12 -2.50 -6.58
N LYS A 267 -39.92 -2.45 -7.65
CA LYS A 267 -39.58 -3.13 -8.91
C LYS A 267 -38.30 -2.58 -9.55
N ALA A 268 -38.17 -1.26 -9.59
CA ALA A 268 -36.98 -0.59 -10.13
C ALA A 268 -35.70 -0.86 -9.36
N TYR A 269 -35.81 -1.37 -8.13
CA TYR A 269 -34.65 -1.75 -7.30
C TYR A 269 -34.45 -3.28 -7.20
N ALA A 270 -34.83 -4.03 -8.24
CA ALA A 270 -34.84 -5.49 -8.18
C ALA A 270 -33.45 -6.09 -8.04
N GLU A 271 -32.46 -5.49 -8.69
CA GLU A 271 -31.11 -6.04 -8.72
C GLU A 271 -30.35 -5.91 -7.38
N THR A 272 -30.77 -4.94 -6.56
CA THR A 272 -30.20 -4.72 -5.22
C THR A 272 -30.97 -5.42 -4.08
N GLY A 273 -32.07 -6.09 -4.40
CA GLY A 273 -32.82 -6.87 -3.40
C GLY A 273 -33.51 -6.01 -2.36
N ILE A 274 -34.09 -6.65 -1.33
CA ILE A 274 -34.62 -5.96 -0.15
C ILE A 274 -33.77 -6.34 1.05
N THR A 275 -33.48 -5.35 1.90
CA THR A 275 -32.85 -5.57 3.20
C THR A 275 -33.76 -5.03 4.32
N LEU A 276 -34.01 -5.83 5.35
CA LEU A 276 -34.74 -5.40 6.55
C LEU A 276 -33.81 -5.35 7.74
N ASN A 277 -33.78 -4.23 8.45
CA ASN A 277 -33.11 -4.13 9.74
C ASN A 277 -34.10 -3.84 10.86
N TYR A 278 -34.14 -4.75 11.83
CA TYR A 278 -35.04 -4.67 12.98
C TYR A 278 -34.44 -5.47 14.15
N GLN A 279 -34.97 -5.26 15.34
CA GLN A 279 -34.40 -5.83 16.56
C GLN A 279 -35.47 -6.12 17.61
N ALA A 280 -35.18 -7.08 18.48
CA ALA A 280 -36.02 -7.39 19.61
C ALA A 280 -35.17 -7.35 20.87
N THR A 281 -35.82 -7.48 22.01
CA THR A 281 -35.14 -7.53 23.30
C THR A 281 -35.47 -8.84 24.01
N LEU A 282 -34.46 -9.42 24.64
CA LEU A 282 -34.66 -10.64 25.43
C LEU A 282 -35.42 -10.25 26.70
N ASN A 283 -36.51 -10.98 26.98
CA ASN A 283 -37.40 -10.67 28.10
C ASN A 283 -37.44 -11.81 29.13
N LYS A 284 -38.27 -11.67 30.15
CA LYS A 284 -38.30 -12.64 31.25
C LYS A 284 -39.05 -13.94 30.90
N ASP A 285 -39.69 -14.00 29.74
CA ASP A 285 -40.33 -15.25 29.26
C ASP A 285 -39.38 -16.19 28.49
N VAL A 286 -38.10 -15.83 28.52
CA VAL A 286 -37.06 -16.43 27.69
C VAL A 286 -36.91 -17.91 28.04
N VAL A 287 -36.65 -18.75 27.03
CA VAL A 287 -36.24 -20.14 27.27
C VAL A 287 -34.78 -20.14 27.77
N ILE A 288 -34.58 -20.74 28.93
CA ILE A 288 -33.28 -20.85 29.59
C ILE A 288 -33.02 -22.34 29.81
N SER A 289 -31.92 -22.84 29.26
CA SER A 289 -31.58 -24.26 29.38
C SER A 289 -30.08 -24.46 29.22
N ASN A 290 -29.63 -25.68 29.46
CA ASN A 290 -28.25 -26.10 29.18
C ASN A 290 -28.15 -27.44 28.42
N LYS A 291 -29.27 -27.91 27.90
CA LYS A 291 -29.30 -28.94 26.87
C LYS A 291 -29.54 -28.35 25.50
N GLU A 292 -29.24 -29.13 24.47
CA GLU A 292 -29.62 -28.78 23.11
C GLU A 292 -31.12 -28.50 23.09
N ASN A 293 -31.49 -27.32 22.60
CA ASN A 293 -32.87 -26.88 22.56
C ASN A 293 -33.07 -25.82 21.48
N LEU A 294 -34.33 -25.45 21.24
CA LEU A 294 -34.68 -24.54 20.16
C LEU A 294 -34.36 -23.09 20.46
N GLY A 295 -34.25 -22.74 21.74
CA GLY A 295 -33.85 -21.39 22.13
C GLY A 295 -34.94 -20.37 21.89
N ASN A 296 -34.54 -19.12 21.67
CA ASN A 296 -35.48 -18.03 21.44
C ASN A 296 -35.37 -17.58 19.99
N THR A 297 -36.43 -17.87 19.24
CA THR A 297 -36.35 -18.01 17.79
C THR A 297 -36.95 -16.78 17.14
N ASN A 298 -36.32 -16.30 16.07
CA ASN A 298 -36.97 -15.44 15.08
C ASN A 298 -37.17 -16.24 13.76
N ASN A 299 -38.41 -16.33 13.31
CA ASN A 299 -38.76 -16.92 12.01
C ASN A 299 -39.13 -15.82 11.01
N ILE A 300 -38.60 -15.92 9.80
CA ILE A 300 -39.00 -15.04 8.70
C ILE A 300 -39.59 -15.88 7.55
N GLN A 301 -40.70 -15.41 7.00
CA GLN A 301 -41.33 -16.04 5.84
C GLN A 301 -41.60 -14.97 4.81
N LEU A 302 -41.20 -15.23 3.56
CA LEU A 302 -41.58 -14.38 2.43
C LEU A 302 -42.55 -15.14 1.53
N ASP A 303 -43.73 -14.59 1.34
CA ASP A 303 -44.67 -15.07 0.34
C ASP A 303 -44.72 -14.09 -0.82
N TYR A 304 -44.65 -14.62 -2.04
CA TYR A 304 -44.70 -13.79 -3.23
C TYR A 304 -45.41 -14.48 -4.39
N THR A 305 -45.91 -13.66 -5.32
CA THR A 305 -46.63 -14.16 -6.48
C THR A 305 -45.70 -15.01 -7.33
N ASN A 306 -46.17 -16.20 -7.71
CA ASN A 306 -45.47 -17.06 -8.66
C ASN A 306 -45.93 -16.69 -10.07
N ASN A 307 -47.04 -17.28 -10.51
CA ASN A 307 -47.65 -16.93 -11.78
C ASN A 307 -48.76 -15.90 -11.54
N PRO A 308 -48.54 -14.64 -11.96
CA PRO A 308 -49.58 -13.62 -11.76
C PRO A 308 -50.85 -13.82 -12.60
N HIS A 309 -50.75 -14.60 -13.67
CA HIS A 309 -51.89 -14.89 -14.53
C HIS A 309 -52.90 -15.86 -13.95
N VAL A 310 -52.51 -16.64 -12.94
CA VAL A 310 -53.44 -17.50 -12.21
C VAL A 310 -53.53 -17.05 -10.75
N LYS A 311 -54.74 -16.99 -10.21
CA LYS A 311 -54.95 -16.51 -8.85
C LYS A 311 -54.51 -17.59 -7.87
N ASP A 312 -54.14 -17.15 -6.67
CA ASP A 312 -53.62 -18.02 -5.63
C ASP A 312 -52.41 -18.89 -6.04
N SER A 313 -51.57 -18.35 -6.94
CA SER A 313 -50.29 -18.96 -7.31
C SER A 313 -49.15 -18.23 -6.61
N TYR A 314 -48.73 -18.75 -5.46
CA TYR A 314 -47.63 -18.18 -4.70
C TYR A 314 -46.49 -19.18 -4.49
N LYS A 315 -45.30 -18.64 -4.22
CA LYS A 315 -44.19 -19.41 -3.69
C LYS A 315 -43.81 -18.88 -2.31
N LYS A 316 -43.25 -19.77 -1.48
CA LYS A 316 -42.95 -19.48 -0.08
C LYS A 316 -41.43 -19.63 0.13
N LEU A 317 -40.86 -18.76 0.96
CA LEU A 317 -39.50 -18.95 1.50
C LEU A 317 -39.50 -18.74 3.02
N THR A 318 -38.63 -19.49 3.71
CA THR A 318 -38.52 -19.44 5.15
C THR A 318 -37.05 -19.43 5.56
N ASP A 319 -36.70 -18.60 6.53
CA ASP A 319 -35.47 -18.76 7.30
C ASP A 319 -35.71 -18.56 8.79
N LYS A 320 -34.79 -19.04 9.61
CA LYS A 320 -34.82 -18.72 11.02
C LYS A 320 -33.44 -18.60 11.66
N VAL A 321 -33.38 -17.80 12.72
CA VAL A 321 -32.24 -17.73 13.62
C VAL A 321 -32.76 -17.98 15.04
N THR A 322 -31.85 -18.27 15.97
CA THR A 322 -32.24 -18.44 17.35
C THR A 322 -31.21 -17.85 18.32
N THR A 323 -31.66 -17.47 19.51
CA THR A 323 -30.80 -16.86 20.52
C THR A 323 -30.94 -17.56 21.87
N TYR A 324 -29.81 -17.83 22.49
CA TYR A 324 -29.78 -18.64 23.70
C TYR A 324 -29.42 -17.78 24.91
N THR A 325 -29.85 -18.24 26.09
CA THR A 325 -29.33 -17.73 27.34
C THR A 325 -29.40 -18.80 28.39
N PHE A 326 -28.61 -18.61 29.44
CA PHE A 326 -28.33 -19.67 30.42
C PHE A 326 -28.64 -19.15 31.81
N GLY A 327 -28.64 -20.03 32.80
CA GLY A 327 -28.73 -19.60 34.19
C GLY A 327 -28.12 -20.59 35.15
N PHE A 328 -27.86 -20.13 36.38
CA PHE A 328 -27.40 -21.02 37.45
C PHE A 328 -28.03 -20.69 38.81
N GLY A 329 -28.24 -21.74 39.61
CA GLY A 329 -28.47 -21.60 41.05
C GLY A 329 -27.17 -21.64 41.83
N ILE A 330 -27.19 -20.96 42.99
CA ILE A 330 -26.27 -21.27 44.09
C ILE A 330 -27.02 -22.19 45.05
N THR A 331 -26.36 -23.21 45.57
CA THR A 331 -26.86 -23.96 46.74
C THR A 331 -25.90 -23.77 47.91
N LYS A 332 -26.30 -22.93 48.87
CA LYS A 332 -25.48 -22.60 50.03
C LYS A 332 -25.68 -23.68 51.07
N VAL A 333 -24.57 -24.08 51.69
CA VAL A 333 -24.47 -25.37 52.38
C VAL A 333 -23.42 -25.26 53.50
N ASP A 334 -23.54 -26.11 54.52
CA ASP A 334 -22.55 -26.18 55.62
C ASP A 334 -21.34 -27.04 55.22
N SER A 335 -20.18 -26.70 55.77
CA SER A 335 -18.88 -27.28 55.37
C SER A 335 -18.81 -28.81 55.47
N GLU A 336 -19.27 -29.35 56.60
CA GLU A 336 -19.14 -30.78 56.90
C GLU A 336 -20.47 -31.53 56.91
N LEU A 337 -21.57 -30.84 57.19
CA LEU A 337 -22.91 -31.28 56.77
C LEU A 337 -23.30 -30.59 55.46
N ASN A 338 -23.08 -31.26 54.34
CA ASN A 338 -23.59 -30.79 53.05
C ASN A 338 -25.11 -30.86 52.93
N SER A 339 -25.74 -31.73 53.72
CA SER A 339 -27.19 -31.83 53.76
C SER A 339 -27.86 -30.64 54.45
N LYS A 340 -27.11 -29.91 55.28
CA LYS A 340 -27.65 -28.74 55.99
C LYS A 340 -27.67 -27.56 55.03
N LEU A 341 -28.87 -27.05 54.76
CA LEU A 341 -29.09 -26.05 53.72
C LEU A 341 -29.36 -24.71 54.39
N LEU A 342 -28.58 -23.70 54.02
CA LEU A 342 -28.45 -22.48 54.80
C LEU A 342 -29.27 -21.36 54.17
N GLN A 343 -30.23 -20.83 54.94
CA GLN A 343 -31.00 -19.68 54.54
C GLN A 343 -30.25 -18.40 54.87
N GLY A 344 -30.53 -17.35 54.09
CA GLY A 344 -30.16 -15.99 54.47
C GLY A 344 -28.84 -15.50 53.92
N ALA A 345 -28.06 -16.39 53.30
CA ALA A 345 -26.80 -16.01 52.66
C ALA A 345 -27.09 -15.11 51.45
N GLU A 346 -26.27 -14.07 51.25
CA GLU A 346 -26.48 -13.13 50.16
C GLU A 346 -25.33 -13.14 49.16
N PHE A 347 -25.66 -13.23 47.87
CA PHE A 347 -24.66 -13.37 46.82
C PHE A 347 -24.81 -12.29 45.75
N SER A 348 -23.69 -11.95 45.12
CA SER A 348 -23.68 -11.13 43.90
C SER A 348 -22.85 -11.81 42.81
N VAL A 349 -23.12 -11.41 41.57
CA VAL A 349 -22.48 -12.00 40.41
C VAL A 349 -21.95 -10.87 39.52
N LYS A 350 -20.66 -10.93 39.22
CA LYS A 350 -20.03 -10.04 38.24
C LYS A 350 -19.49 -10.83 37.05
N ASP A 351 -19.33 -10.15 35.91
CA ASP A 351 -18.67 -10.69 34.72
C ASP A 351 -17.15 -10.39 34.72
N GLU A 352 -16.46 -10.78 33.64
CA GLU A 352 -15.05 -10.38 33.40
C GLU A 352 -14.77 -8.90 33.65
N SER A 353 -15.63 -8.05 33.08
CA SER A 353 -15.51 -6.59 33.19
C SER A 353 -15.57 -6.10 34.65
N GLY A 354 -16.56 -6.59 35.40
CA GLY A 354 -16.91 -6.06 36.73
C GLY A 354 -18.20 -5.27 36.76
N LYS A 355 -19.19 -5.71 35.98
CA LYS A 355 -20.56 -5.19 36.05
C LYS A 355 -21.40 -6.21 36.83
N THR A 356 -22.14 -5.74 37.84
CA THR A 356 -23.22 -6.52 38.44
C THR A 356 -24.46 -6.47 37.52
N VAL A 357 -24.31 -7.04 36.33
CA VAL A 357 -25.34 -6.96 35.28
C VAL A 357 -26.36 -8.08 35.53
N ALA A 358 -25.88 -9.19 36.09
CA ALA A 358 -26.76 -10.28 36.56
C ALA A 358 -27.86 -9.79 37.50
N LYS A 359 -29.06 -9.54 36.95
CA LYS A 359 -30.17 -8.98 37.74
C LYS A 359 -31.54 -9.58 37.37
N TYR A 360 -31.59 -10.90 37.20
CA TYR A 360 -32.86 -11.64 37.12
C TYR A 360 -32.79 -12.97 37.86
N THR A 361 -33.86 -13.32 38.57
CA THR A 361 -33.90 -14.51 39.42
C THR A 361 -35.30 -15.12 39.36
N TYR A 362 -35.42 -16.35 39.86
CA TYR A 362 -36.72 -16.98 40.06
C TYR A 362 -37.28 -16.60 41.44
N ASP A 363 -38.61 -16.42 41.51
CA ASP A 363 -39.32 -16.20 42.79
C ASP A 363 -40.00 -17.48 43.28
N GLU A 364 -40.62 -17.41 44.46
CA GLU A 364 -41.16 -18.58 45.18
C GLU A 364 -42.27 -19.28 44.40
N LYS A 365 -43.05 -18.51 43.65
CA LYS A 365 -44.06 -19.04 42.74
C LYS A 365 -43.43 -19.73 41.52
N GLY A 366 -42.20 -19.34 41.18
CA GLY A 366 -41.43 -19.99 40.12
C GLY A 366 -41.53 -19.24 38.81
N GLN A 367 -41.39 -17.92 38.89
CA GLN A 367 -41.49 -17.04 37.73
C GLN A 367 -40.37 -16.03 37.75
N VAL A 368 -39.90 -15.63 36.57
CA VAL A 368 -38.67 -14.86 36.47
C VAL A 368 -39.01 -13.40 36.76
N VAL A 369 -38.33 -12.84 37.76
CA VAL A 369 -38.49 -11.44 38.14
C VAL A 369 -37.15 -10.75 38.21
N SER A 370 -37.17 -9.43 38.17
CA SER A 370 -35.95 -8.63 38.31
C SER A 370 -35.46 -8.75 39.76
N LEU A 371 -34.14 -8.79 39.92
CA LEU A 371 -33.51 -8.98 41.22
C LEU A 371 -33.03 -7.63 41.70
N SER A 372 -33.43 -7.25 42.91
CA SER A 372 -33.29 -5.87 43.38
C SER A 372 -31.84 -5.52 43.70
N GLY A 373 -31.20 -6.31 44.57
CA GLY A 373 -29.76 -6.21 44.85
C GLY A 373 -29.06 -7.56 44.83
N ASN A 374 -28.95 -8.18 46.00
CA ASN A 374 -28.26 -9.47 46.17
C ASN A 374 -29.20 -10.66 46.07
N GLY A 375 -28.68 -11.79 45.59
CA GLY A 375 -29.39 -13.04 45.63
C GLY A 375 -29.40 -13.55 47.04
N VAL A 376 -30.58 -13.71 47.63
CA VAL A 376 -30.74 -14.16 49.01
C VAL A 376 -31.16 -15.62 48.99
N THR A 377 -30.44 -16.47 49.71
CA THR A 377 -30.70 -17.91 49.67
C THR A 377 -31.94 -18.24 50.49
N ASN A 378 -32.84 -19.01 49.91
CA ASN A 378 -34.09 -19.38 50.56
C ASN A 378 -33.86 -20.53 51.54
N SER A 379 -34.94 -21.09 52.09
CA SER A 379 -34.83 -22.12 53.14
C SER A 379 -34.27 -23.45 52.64
N LYS A 380 -34.21 -23.62 51.33
CA LYS A 380 -33.59 -24.80 50.73
C LYS A 380 -32.15 -24.54 50.24
N GLY A 381 -31.57 -23.40 50.63
CA GLY A 381 -30.18 -23.07 50.30
C GLY A 381 -29.99 -22.25 49.04
N ILE A 382 -31.09 -22.00 48.32
CA ILE A 382 -31.04 -21.63 46.90
C ILE A 382 -31.29 -20.13 46.69
N THR A 383 -30.40 -19.48 45.96
CA THR A 383 -30.72 -18.32 45.14
C THR A 383 -30.33 -18.60 43.68
N THR A 384 -30.93 -17.88 42.74
CA THR A 384 -30.66 -18.08 41.30
C THR A 384 -30.36 -16.76 40.62
N PHE A 385 -29.45 -16.81 39.65
CA PHE A 385 -29.17 -15.71 38.75
C PHE A 385 -29.33 -16.24 37.32
N VAL A 386 -30.47 -15.95 36.70
CA VAL A 386 -30.82 -16.54 35.41
C VAL A 386 -30.69 -15.52 34.29
N GLY A 387 -30.69 -16.01 33.06
CA GLY A 387 -30.67 -15.13 31.88
C GLY A 387 -29.30 -14.53 31.62
N LEU A 388 -28.28 -15.38 31.69
CA LEU A 388 -26.90 -14.97 31.43
C LEU A 388 -26.35 -15.69 30.20
N LYS A 389 -25.61 -14.98 29.36
CA LYS A 389 -24.87 -15.62 28.26
C LYS A 389 -23.61 -16.28 28.80
N GLU A 390 -22.83 -16.90 27.92
CA GLU A 390 -21.62 -17.61 28.35
C GLU A 390 -20.49 -16.63 28.69
N GLY A 391 -19.55 -17.10 29.51
CA GLY A 391 -18.45 -16.29 30.00
C GLY A 391 -18.01 -16.68 31.39
N LYS A 392 -16.93 -16.04 31.85
CA LYS A 392 -16.48 -16.10 33.23
C LYS A 392 -17.45 -15.28 34.10
N TYR A 393 -17.89 -15.86 35.21
CA TYR A 393 -18.73 -15.15 36.19
C TYR A 393 -18.21 -15.38 37.60
N LEU A 394 -18.15 -14.31 38.40
CA LEU A 394 -17.59 -14.34 39.74
C LEU A 394 -18.74 -14.29 40.75
N ILE A 395 -18.95 -15.39 41.45
CA ILE A 395 -19.90 -15.46 42.55
C ILE A 395 -19.15 -15.07 43.82
N THR A 396 -19.53 -13.92 44.38
CA THR A 396 -18.98 -13.44 45.66
C THR A 396 -20.06 -13.55 46.73
N GLU A 397 -19.69 -13.97 47.93
CA GLU A 397 -20.58 -13.88 49.09
C GLU A 397 -20.49 -12.46 49.68
N GLU A 398 -21.63 -11.77 49.72
CA GLU A 398 -21.70 -10.40 50.22
C GLU A 398 -22.11 -10.39 51.69
N VAL A 399 -23.02 -11.30 52.07
CA VAL A 399 -23.39 -11.51 53.47
C VAL A 399 -23.38 -12.99 53.85
N ALA A 400 -22.71 -13.29 54.96
CA ALA A 400 -22.66 -14.65 55.50
C ALA A 400 -23.97 -14.93 56.22
N PRO A 401 -24.50 -16.17 56.11
CA PRO A 401 -25.69 -16.53 56.87
C PRO A 401 -25.39 -16.65 58.35
N SER A 402 -26.42 -16.49 59.17
CA SER A 402 -26.26 -16.33 60.61
C SER A 402 -25.52 -17.52 61.23
N GLY A 403 -24.50 -17.22 62.03
CA GLY A 403 -23.64 -18.25 62.63
C GLY A 403 -22.44 -18.68 61.79
N TYR A 404 -22.34 -18.15 60.57
CA TYR A 404 -21.25 -18.51 59.64
C TYR A 404 -20.35 -17.30 59.37
N SER A 405 -19.13 -17.59 58.94
CA SER A 405 -18.16 -16.58 58.55
C SER A 405 -18.39 -16.19 57.09
N LEU A 406 -17.82 -15.06 56.69
CA LEU A 406 -17.70 -14.71 55.28
C LEU A 406 -16.68 -15.63 54.64
N LEU A 407 -17.09 -16.29 53.57
CA LEU A 407 -16.18 -16.76 52.52
C LEU A 407 -15.23 -15.64 52.08
N LYS A 408 -13.94 -15.96 51.92
CA LYS A 408 -12.91 -14.96 51.66
C LYS A 408 -12.82 -14.67 50.17
N ASN A 409 -12.69 -15.72 49.37
CA ASN A 409 -12.57 -15.60 47.92
C ASN A 409 -13.92 -15.80 47.20
N PRO A 410 -14.12 -15.13 46.05
CA PRO A 410 -15.26 -15.47 45.22
C PRO A 410 -15.08 -16.81 44.50
N VAL A 411 -16.16 -17.58 44.37
CA VAL A 411 -16.20 -18.76 43.51
C VAL A 411 -16.41 -18.27 42.09
N GLU A 412 -15.56 -18.73 41.16
CA GLU A 412 -15.64 -18.33 39.76
C GLU A 412 -16.13 -19.53 38.96
N VAL A 413 -17.15 -19.32 38.14
CA VAL A 413 -17.59 -20.30 37.17
C VAL A 413 -17.41 -19.76 35.77
N THR A 414 -16.99 -20.64 34.87
CA THR A 414 -17.05 -20.38 33.44
C THR A 414 -18.14 -21.26 32.85
N ILE A 415 -19.11 -20.61 32.20
CA ILE A 415 -20.17 -21.30 31.46
C ILE A 415 -19.77 -21.30 29.99
N THR A 416 -19.62 -22.48 29.38
CA THR A 416 -19.17 -22.60 27.99
C THR A 416 -20.29 -23.14 27.12
N ALA A 417 -20.52 -22.46 25.99
CA ALA A 417 -21.65 -22.75 25.11
C ALA A 417 -21.26 -23.77 24.05
N ASN A 418 -22.07 -24.83 23.94
CA ASN A 418 -21.83 -25.90 22.97
C ASN A 418 -22.05 -25.39 21.55
N LYS A 419 -21.20 -25.85 20.63
CA LYS A 419 -21.43 -25.62 19.20
C LYS A 419 -21.68 -26.93 18.46
N ASP A 420 -22.46 -26.86 17.39
CA ASP A 420 -22.52 -27.93 16.40
C ASP A 420 -21.41 -27.74 15.36
N GLU A 421 -21.36 -28.63 14.37
CA GLU A 421 -20.21 -28.73 13.48
C GLU A 421 -20.05 -27.57 12.47
N SER A 422 -21.04 -26.68 12.36
CA SER A 422 -20.87 -25.39 11.67
C SER A 422 -20.55 -24.22 12.61
N GLY A 423 -20.33 -24.49 13.89
CA GLY A 423 -20.14 -23.43 14.88
C GLY A 423 -21.37 -22.59 15.19
N LYS A 424 -22.56 -23.15 14.97
CA LYS A 424 -23.79 -22.62 15.56
C LYS A 424 -23.88 -23.06 17.01
N TYR A 425 -24.37 -22.17 17.87
CA TYR A 425 -24.85 -22.54 19.21
C TYR A 425 -25.95 -23.59 19.07
N THR A 426 -25.91 -24.63 19.90
CA THR A 426 -26.98 -25.62 19.97
C THR A 426 -27.96 -25.37 21.11
N GLY A 427 -27.57 -24.55 22.08
CA GLY A 427 -28.35 -24.37 23.31
C GLY A 427 -27.88 -25.18 24.50
N ALA A 428 -27.07 -26.21 24.26
CA ALA A 428 -26.35 -26.86 25.35
C ALA A 428 -25.27 -25.94 25.95
N ALA A 429 -24.94 -26.17 27.22
CA ALA A 429 -23.81 -25.51 27.87
C ALA A 429 -23.22 -26.41 28.96
N THR A 430 -21.93 -26.22 29.26
CA THR A 430 -21.32 -26.76 30.48
C THR A 430 -20.93 -25.65 31.42
N ILE A 431 -20.77 -26.01 32.70
CA ILE A 431 -20.26 -25.11 33.74
C ILE A 431 -19.10 -25.77 34.49
N GLU A 432 -18.14 -24.97 34.92
CA GLU A 432 -17.04 -25.45 35.77
C GLU A 432 -16.64 -24.36 36.76
N ILE A 433 -16.09 -24.79 37.89
CA ILE A 433 -15.26 -23.92 38.73
C ILE A 433 -13.97 -23.65 37.96
N SER A 434 -13.58 -22.39 37.82
CA SER A 434 -12.39 -22.03 37.04
C SER A 434 -11.27 -21.32 37.84
N ASN A 435 -11.58 -20.70 38.97
CA ASN A 435 -10.56 -20.10 39.83
C ASN A 435 -10.07 -21.00 40.98
N GLY A 436 -10.45 -22.27 40.98
CA GLY A 436 -9.87 -23.26 41.90
C GLY A 436 -10.33 -23.14 43.35
N ASN A 437 -11.44 -22.46 43.57
CA ASN A 437 -12.00 -22.32 44.90
C ASN A 437 -12.67 -23.62 45.33
N LYS A 438 -12.11 -24.25 46.37
CA LYS A 438 -12.56 -25.57 46.83
C LYS A 438 -13.88 -25.54 47.61
N ALA A 439 -14.38 -24.35 47.94
CA ALA A 439 -15.72 -24.20 48.51
C ALA A 439 -16.83 -24.34 47.46
N GLY A 440 -16.54 -23.96 46.22
CA GLY A 440 -17.45 -24.14 45.10
C GLY A 440 -17.40 -25.52 44.49
N GLN A 441 -18.54 -26.02 44.02
CA GLN A 441 -18.66 -27.38 43.50
C GLN A 441 -19.90 -27.54 42.63
N ILE A 442 -19.71 -28.00 41.39
CA ILE A 442 -20.81 -28.15 40.44
C ILE A 442 -21.63 -29.42 40.75
N ILE A 443 -22.91 -29.24 41.08
CA ILE A 443 -23.83 -30.36 41.36
C ILE A 443 -24.95 -30.42 40.32
N ASN A 444 -25.85 -31.39 40.48
CA ASN A 444 -26.92 -31.62 39.51
C ASN A 444 -27.85 -30.42 39.42
N ASP A 445 -28.44 -30.27 38.23
CA ASP A 445 -29.09 -29.02 37.80
C ASP A 445 -30.34 -28.74 38.60
N ILE A 446 -30.85 -27.52 38.49
CA ILE A 446 -32.16 -27.18 39.02
C ILE A 446 -33.17 -27.16 37.88
N SER A 447 -34.21 -28.00 38.00
CA SER A 447 -35.29 -28.09 37.02
C SER A 447 -36.48 -27.24 37.48
N GLU A 448 -36.75 -26.16 36.75
CA GLU A 448 -37.86 -25.27 37.08
C GLU A 448 -39.16 -25.81 36.48
N ASN A 449 -40.29 -25.35 37.00
CA ASN A 449 -41.59 -25.93 36.61
C ASN A 449 -42.00 -25.58 35.20
N ASP A 450 -41.66 -24.35 34.77
CA ASP A 450 -41.77 -23.93 33.37
C ASP A 450 -40.85 -24.69 32.37
N GLY A 451 -39.99 -25.57 32.88
CA GLY A 451 -39.22 -26.47 32.02
C GLY A 451 -37.85 -25.92 31.66
N ASN A 452 -37.57 -24.68 32.08
CA ASN A 452 -36.21 -24.17 32.10
C ASN A 452 -35.30 -24.93 33.09
N ILE A 453 -34.01 -24.98 32.74
CA ILE A 453 -33.01 -25.75 33.49
C ILE A 453 -31.82 -24.83 33.80
N LEU A 454 -31.41 -24.80 35.07
CA LEU A 454 -30.26 -24.00 35.52
C LEU A 454 -29.12 -24.91 35.95
N PHE A 455 -27.89 -24.44 35.79
CA PHE A 455 -26.75 -25.03 36.51
C PHE A 455 -26.93 -24.88 38.02
N ASN A 456 -26.08 -25.54 38.79
CA ASN A 456 -26.15 -25.47 40.23
C ASN A 456 -24.76 -25.51 40.87
N VAL A 457 -24.29 -24.35 41.29
CA VAL A 457 -23.01 -24.20 41.99
C VAL A 457 -23.24 -24.38 43.49
N GLN A 458 -22.91 -25.57 44.01
CA GLN A 458 -22.93 -25.79 45.46
C GLN A 458 -21.78 -25.05 46.13
N ILE A 459 -22.06 -24.33 47.23
CA ILE A 459 -21.07 -23.51 47.93
C ILE A 459 -21.07 -23.79 49.43
N GLU A 460 -19.92 -24.19 49.96
CA GLU A 460 -19.79 -24.60 51.38
C GLU A 460 -19.44 -23.39 52.25
N ASN A 461 -20.08 -23.29 53.41
CA ASN A 461 -19.79 -22.25 54.40
C ASN A 461 -19.37 -22.89 55.71
N HIS A 462 -18.24 -22.44 56.27
CA HIS A 462 -17.79 -22.88 57.61
C HIS A 462 -18.32 -21.99 58.74
N ALA A 463 -18.67 -22.62 59.87
CA ALA A 463 -19.37 -21.96 60.97
C ALA A 463 -18.50 -21.12 61.94
N GLY A 464 -17.22 -20.96 61.64
CA GLY A 464 -16.44 -19.83 62.16
C GLY A 464 -15.12 -19.65 61.45
N MET B 17 20.18 79.84 -54.28
CA MET B 17 20.85 78.51 -54.05
C MET B 17 22.35 78.49 -54.43
N THR B 18 22.85 79.57 -55.04
CA THR B 18 23.88 79.47 -56.09
C THR B 18 24.67 80.77 -56.35
N PRO B 19 24.01 81.82 -56.88
CA PRO B 19 24.60 82.63 -57.96
C PRO B 19 25.62 83.72 -57.56
N SER B 20 25.79 83.97 -56.25
CA SER B 20 26.18 85.31 -55.74
C SER B 20 27.51 85.80 -56.32
N ILE B 21 27.53 87.05 -56.79
CA ILE B 21 28.72 87.65 -57.41
C ILE B 21 29.16 88.87 -56.61
N SER B 22 30.47 89.00 -56.39
CA SER B 22 31.13 90.29 -56.22
C SER B 22 31.97 90.61 -57.46
N LYS B 23 32.21 91.89 -57.70
CA LYS B 23 33.04 92.35 -58.82
C LYS B 23 34.55 92.34 -58.51
N ASP B 24 34.92 91.90 -57.29
CA ASP B 24 36.26 91.34 -57.02
C ASP B 24 36.41 89.88 -57.48
N ALA B 25 35.30 89.11 -57.47
CA ALA B 25 35.35 87.64 -57.30
C ALA B 25 35.96 86.93 -58.52
N PRO B 26 37.21 86.45 -58.39
CA PRO B 26 38.10 86.40 -59.56
C PRO B 26 37.83 85.22 -60.51
N ILE B 27 38.57 85.16 -61.61
CA ILE B 27 38.61 83.98 -62.49
C ILE B 27 39.40 82.79 -61.91
N LYS B 28 39.87 82.91 -60.66
CA LYS B 28 40.82 81.98 -60.04
C LYS B 28 40.23 81.40 -58.74
N GLY B 29 40.73 80.23 -58.36
CA GLY B 29 40.50 79.67 -57.02
C GLY B 29 41.61 78.71 -56.63
N SER B 30 41.84 78.56 -55.33
CA SER B 30 42.94 77.74 -54.82
C SER B 30 42.43 76.46 -54.14
N ILE B 31 43.22 75.39 -54.26
CA ILE B 31 43.05 74.18 -53.43
C ILE B 31 44.28 73.99 -52.52
N THR B 32 44.03 73.85 -51.23
CA THR B 32 45.02 73.37 -50.26
C THR B 32 44.69 71.93 -49.85
N ILE B 33 45.74 71.12 -49.65
CA ILE B 33 45.60 69.75 -49.14
C ILE B 33 46.74 69.37 -48.20
N SER B 34 46.40 68.79 -47.05
CA SER B 34 47.38 68.46 -46.01
C SER B 34 47.37 66.95 -45.74
N LYS B 35 48.39 66.27 -46.27
CA LYS B 35 48.91 65.03 -45.68
C LYS B 35 50.26 65.33 -45.03
N LYS B 36 50.90 64.28 -44.48
CA LYS B 36 52.33 64.30 -44.19
C LYS B 36 53.08 63.45 -45.22
N GLY B 37 53.83 64.10 -46.11
CA GLY B 37 54.71 63.42 -47.07
C GLY B 37 54.00 62.56 -48.11
N ALA B 38 52.77 62.94 -48.47
CA ALA B 38 52.07 62.38 -49.63
C ALA B 38 51.72 63.49 -50.61
N THR B 39 51.88 63.20 -51.91
CA THR B 39 51.67 64.18 -52.98
C THR B 39 50.50 63.77 -53.89
N PHE B 40 49.68 64.74 -54.26
CA PHE B 40 48.43 64.50 -54.98
C PHE B 40 48.48 65.16 -56.36
N THR B 41 47.89 64.50 -57.36
CA THR B 41 47.55 65.15 -58.63
C THR B 41 46.12 65.69 -58.55
N ALA B 42 45.87 66.81 -59.24
CA ALA B 42 44.51 67.24 -59.58
C ALA B 42 44.37 67.36 -61.10
N TYR B 43 43.43 66.61 -61.65
CA TYR B 43 43.13 66.63 -63.09
C TYR B 43 41.85 67.44 -63.29
N LYS B 44 41.88 68.43 -64.17
CA LYS B 44 40.71 69.29 -64.41
C LYS B 44 39.73 68.57 -65.34
N LEU B 45 38.55 68.23 -64.82
CA LEU B 45 37.53 67.49 -65.57
C LEU B 45 36.67 68.42 -66.41
N LEU B 46 36.13 69.45 -65.78
CA LEU B 46 35.21 70.40 -66.43
C LEU B 46 35.67 71.84 -66.17
N ASP B 47 35.62 72.67 -67.21
CA ASP B 47 35.86 74.11 -67.06
C ASP B 47 34.58 74.84 -66.70
N ALA B 48 34.73 75.92 -65.92
CA ALA B 48 33.62 76.82 -65.56
C ALA B 48 33.82 78.19 -66.23
N THR B 49 32.91 78.54 -67.13
CA THR B 49 32.93 79.84 -67.82
C THR B 49 31.90 80.79 -67.17
N LYS B 50 32.31 82.05 -66.98
CA LYS B 50 31.40 83.10 -66.52
C LYS B 50 30.38 83.45 -67.62
N SER B 51 29.11 83.57 -67.25
CA SER B 51 28.05 83.95 -68.19
C SER B 51 26.86 84.58 -67.46
N GLY B 52 27.00 85.87 -67.15
CA GLY B 52 25.96 86.63 -66.46
C GLY B 52 25.94 86.29 -64.98
N ASP B 53 24.87 85.60 -64.56
CA ASP B 53 24.61 85.36 -63.12
C ASP B 53 25.21 84.04 -62.62
N ALA B 54 25.19 83.00 -63.47
CA ALA B 54 25.59 81.65 -63.11
C ALA B 54 26.69 81.11 -64.06
N TYR B 55 27.45 80.12 -63.58
CA TYR B 55 28.54 79.53 -64.37
C TYR B 55 28.01 78.48 -65.33
N GLU B 56 28.58 78.42 -66.53
CA GLU B 56 28.32 77.35 -67.50
C GLU B 56 29.47 76.36 -67.52
N TYR B 57 29.15 75.07 -67.54
CA TYR B 57 30.15 74.02 -67.44
C TYR B 57 30.38 73.33 -68.78
N SER B 58 31.62 72.95 -69.05
CA SER B 58 31.98 72.23 -70.28
C SER B 58 33.28 71.46 -70.10
N VAL B 59 33.44 70.39 -70.88
CA VAL B 59 34.52 69.42 -70.65
C VAL B 59 35.84 70.09 -71.02
N ASN B 60 36.89 69.79 -70.25
CA ASN B 60 38.17 70.47 -70.41
C ASN B 60 38.91 69.91 -71.62
N SER B 61 39.65 70.79 -72.31
CA SER B 61 40.25 70.48 -73.62
C SER B 61 41.09 69.21 -73.62
N ASP B 62 41.89 69.03 -72.55
CA ASP B 62 42.76 67.87 -72.40
C ASP B 62 42.05 66.52 -72.26
N LEU B 63 40.77 66.54 -71.89
CA LEU B 63 40.00 65.32 -71.65
C LEU B 63 38.77 65.18 -72.55
N LYS B 64 38.81 65.76 -73.76
CA LYS B 64 37.71 65.60 -74.73
C LYS B 64 37.58 64.17 -75.29
N ASP B 65 38.70 63.49 -75.47
CA ASP B 65 38.71 62.10 -75.94
C ASP B 65 38.51 61.11 -74.78
N PHE B 66 38.64 61.58 -73.55
CA PHE B 66 38.24 60.80 -72.37
C PHE B 66 36.71 60.72 -72.26
N PHE B 67 36.06 61.88 -72.21
CA PHE B 67 34.60 61.93 -72.00
C PHE B 67 33.87 61.31 -73.17
N ASN B 68 32.81 60.55 -72.86
CA ASN B 68 32.02 59.82 -73.86
C ASN B 68 32.82 58.83 -74.72
N ASN B 69 33.89 58.27 -74.15
CA ASN B 69 34.68 57.23 -74.78
C ASN B 69 34.23 55.88 -74.19
N SER B 70 34.01 54.90 -75.06
CA SER B 70 33.61 53.56 -74.63
C SER B 70 34.71 52.83 -73.87
N ASN B 71 35.97 53.15 -74.20
CA ASN B 71 37.12 52.50 -73.59
C ASN B 71 37.45 53.01 -72.16
N TYR B 72 36.73 54.04 -71.69
CA TYR B 72 37.00 54.64 -70.37
C TYR B 72 35.69 55.02 -69.65
N GLY B 73 34.70 54.13 -69.73
CA GLY B 73 33.49 54.23 -68.90
C GLY B 73 32.28 54.89 -69.55
N SER B 74 32.52 55.66 -70.61
CA SER B 74 31.49 56.46 -71.29
C SER B 74 30.83 57.46 -70.34
N TYR B 75 31.65 58.20 -69.61
CA TYR B 75 31.16 59.25 -68.71
C TYR B 75 30.78 60.50 -69.50
N SER B 76 29.65 61.10 -69.15
CA SER B 76 29.19 62.35 -69.77
C SER B 76 29.61 63.55 -68.93
N GLN B 77 29.57 64.73 -69.53
CA GLN B 77 29.68 66.00 -68.81
C GLN B 77 28.70 66.12 -67.63
N GLU B 78 27.49 65.59 -67.82
CA GLU B 78 26.42 65.68 -66.82
C GLU B 78 26.63 64.70 -65.67
N SER B 79 27.02 63.47 -66.00
CA SER B 79 27.12 62.37 -65.02
C SER B 79 28.04 62.64 -63.82
N ILE B 80 29.09 63.42 -64.02
CA ILE B 80 30.15 63.51 -63.02
C ILE B 80 29.85 64.42 -61.82
N GLN B 81 28.71 65.12 -61.87
CA GLN B 81 28.12 65.77 -60.69
C GLN B 81 27.40 64.79 -59.74
N LYS B 82 27.19 63.56 -60.20
CA LYS B 82 26.17 62.64 -59.63
C LYS B 82 26.75 61.36 -59.02
N LEU B 83 28.07 61.23 -59.01
CA LEU B 83 28.72 59.94 -58.77
C LEU B 83 28.77 59.64 -57.26
N SER B 84 28.20 58.50 -56.87
CA SER B 84 28.34 57.98 -55.50
C SER B 84 29.79 57.58 -55.22
N GLY B 85 30.12 57.48 -53.93
CA GLY B 85 31.48 57.13 -53.50
C GLY B 85 32.12 56.01 -54.30
N GLU B 86 31.37 54.94 -54.53
CA GLU B 86 31.87 53.80 -55.28
C GLU B 86 32.09 54.13 -56.75
N GLU B 87 31.24 54.99 -57.30
CA GLU B 87 31.40 55.45 -58.68
C GLU B 87 32.56 56.44 -58.83
N VAL B 88 32.84 57.21 -57.78
CA VAL B 88 34.00 58.12 -57.78
C VAL B 88 35.31 57.33 -57.87
N LYS B 89 35.40 56.22 -57.13
CA LYS B 89 36.56 55.34 -57.20
C LYS B 89 36.71 54.70 -58.58
N GLU B 90 35.62 54.16 -59.09
CA GLU B 90 35.60 53.59 -60.44
C GLU B 90 35.97 54.62 -61.51
N PHE B 91 35.52 55.87 -61.34
CA PHE B 91 35.86 56.95 -62.26
C PHE B 91 37.38 57.20 -62.33
N ALA B 92 38.02 57.25 -61.16
CA ALA B 92 39.45 57.56 -61.07
C ALA B 92 40.32 56.44 -61.68
N VAL B 93 39.88 55.20 -61.51
CA VAL B 93 40.53 54.06 -62.19
C VAL B 93 40.51 54.23 -63.71
N LYS B 94 39.38 54.67 -64.25
CA LYS B 94 39.25 54.93 -65.68
C LYS B 94 40.05 56.14 -66.15
N LEU B 95 40.07 57.21 -65.35
CA LEU B 95 40.83 58.40 -65.70
C LEU B 95 42.34 58.18 -65.60
N HIS B 96 42.77 57.47 -64.55
CA HIS B 96 44.17 57.05 -64.44
C HIS B 96 44.65 56.23 -65.64
N LYS B 97 43.81 55.32 -66.12
CA LYS B 97 44.15 54.50 -67.29
C LYS B 97 44.19 55.32 -68.58
N TYR B 98 43.35 56.35 -68.68
CA TYR B 98 43.41 57.29 -69.81
C TYR B 98 44.68 58.15 -69.76
N VAL B 99 44.95 58.73 -68.61
CA VAL B 99 46.13 59.57 -68.38
C VAL B 99 47.44 58.89 -68.84
N LEU B 100 47.58 57.59 -68.57
CA LEU B 100 48.80 56.85 -68.93
C LEU B 100 48.80 56.37 -70.38
N ASP B 101 47.65 55.92 -70.88
CA ASP B 101 47.50 55.48 -72.27
C ASP B 101 47.82 56.58 -73.31
N ASN B 102 47.57 57.84 -72.95
CA ASN B 102 47.80 58.97 -73.85
C ASN B 102 48.91 59.87 -73.34
N LYS B 103 49.89 59.26 -72.66
CA LYS B 103 50.97 59.97 -71.94
C LYS B 103 50.62 61.39 -71.45
N LYS B 104 49.43 61.55 -70.88
CA LYS B 104 49.02 62.81 -70.27
C LYS B 104 49.58 62.87 -68.85
N SER B 105 49.46 64.04 -68.23
CA SER B 105 49.45 64.14 -66.79
C SER B 105 48.60 65.34 -66.36
N GLY B 106 48.17 65.31 -65.11
CA GLY B 106 47.50 66.46 -64.50
C GLY B 106 48.49 67.38 -63.83
N LYS B 107 48.11 67.91 -62.68
CA LYS B 107 48.79 69.03 -62.05
C LYS B 107 49.09 68.69 -60.59
N GLU B 108 50.37 68.58 -60.26
CA GLU B 108 50.79 68.12 -58.94
C GLU B 108 50.51 69.18 -57.88
N LEU B 109 49.71 68.84 -56.87
CA LEU B 109 49.45 69.71 -55.74
C LEU B 109 50.61 69.65 -54.76
N THR B 110 51.07 70.81 -54.30
CA THR B 110 52.03 70.91 -53.20
C THR B 110 51.36 70.52 -51.87
N ASP B 111 52.10 69.77 -51.05
CA ASP B 111 51.57 69.21 -49.80
C ASP B 111 51.47 70.32 -48.74
N GLY B 112 50.25 70.58 -48.27
CA GLY B 112 50.00 71.56 -47.21
C GLY B 112 49.65 72.97 -47.67
N GLN B 113 49.98 73.31 -48.92
CA GLN B 113 50.04 74.71 -49.38
C GLN B 113 48.94 74.99 -50.40
N LYS B 114 48.61 76.28 -50.56
CA LYS B 114 47.68 76.74 -51.61
C LYS B 114 48.30 76.58 -53.00
N ASN B 115 47.51 76.06 -53.93
CA ASN B 115 47.85 76.04 -55.36
C ASN B 115 46.72 76.63 -56.17
N THR B 116 47.04 77.56 -57.08
CA THR B 116 46.04 78.28 -57.86
C THR B 116 45.63 77.44 -59.06
N VAL B 117 44.32 77.40 -59.30
CA VAL B 117 43.74 76.73 -60.46
C VAL B 117 42.63 77.58 -61.04
N ASP B 118 42.21 77.24 -62.27
CA ASP B 118 41.01 77.82 -62.85
C ASP B 118 39.77 77.31 -62.11
N LEU B 119 38.61 77.84 -62.49
CA LEU B 119 37.34 77.39 -61.93
C LEU B 119 36.84 76.12 -62.66
N GLY B 120 36.04 75.32 -61.94
CA GLY B 120 35.42 74.11 -62.50
C GLY B 120 35.60 72.87 -61.63
N TYR B 121 35.35 71.70 -62.20
CA TYR B 121 35.35 70.43 -61.48
C TYR B 121 36.71 69.75 -61.67
N TYR B 122 37.26 69.22 -60.57
CA TYR B 122 38.55 68.51 -60.55
C TYR B 122 38.40 67.14 -59.89
N LEU B 123 39.14 66.16 -60.39
CA LEU B 123 39.39 64.91 -59.65
C LEU B 123 40.74 64.99 -58.97
N VAL B 124 40.78 64.66 -57.68
CA VAL B 124 42.02 64.66 -56.89
C VAL B 124 42.31 63.27 -56.31
N THR B 125 43.46 62.73 -56.69
CA THR B 125 43.93 61.40 -56.28
C THR B 125 45.38 61.47 -55.82
N GLU B 126 45.80 60.47 -55.04
CA GLU B 126 47.19 60.38 -54.59
C GLU B 126 48.07 59.86 -55.74
N ALA B 127 49.20 60.53 -55.96
CA ALA B 127 50.14 60.16 -57.03
C ALA B 127 51.33 59.35 -56.51
N SER B 128 51.77 59.66 -55.29
CA SER B 128 52.88 58.95 -54.65
C SER B 128 52.90 59.24 -53.14
N SER B 129 53.12 58.19 -52.35
CA SER B 129 53.74 58.33 -51.02
C SER B 129 55.25 58.58 -51.16
N ASP B 130 55.84 59.14 -50.11
CA ASP B 130 57.31 59.14 -49.97
C ASP B 130 57.89 57.79 -49.50
N SER B 131 57.08 57.02 -48.76
CA SER B 131 57.54 55.80 -48.09
C SER B 131 57.91 54.69 -49.08
N GLU B 132 59.05 54.04 -48.84
CA GLU B 132 59.37 52.73 -49.43
C GLU B 132 58.44 51.62 -48.91
N GLY B 133 57.96 51.77 -47.67
CA GLY B 133 56.90 50.92 -47.12
C GLY B 133 55.59 50.98 -47.88
N ALA B 134 54.76 49.94 -47.70
CA ALA B 134 53.46 49.87 -48.37
C ALA B 134 52.56 50.99 -47.84
N ALA B 135 52.01 51.76 -48.77
CA ALA B 135 51.06 52.82 -48.43
C ALA B 135 49.65 52.34 -48.71
N VAL B 136 48.67 53.13 -48.27
CA VAL B 136 47.29 53.04 -48.76
C VAL B 136 46.82 54.43 -49.20
N ALA B 137 46.36 54.54 -50.44
CA ALA B 137 45.99 55.84 -51.02
C ALA B 137 44.67 56.33 -50.43
N SER B 138 44.55 57.65 -50.27
CA SER B 138 43.25 58.28 -49.95
C SER B 138 42.28 57.98 -51.07
N THR B 139 41.00 57.85 -50.73
CA THR B 139 39.98 57.64 -51.74
C THR B 139 39.93 58.87 -52.65
N PRO B 140 39.68 58.67 -53.96
CA PRO B 140 39.65 59.80 -54.88
C PRO B 140 38.43 60.70 -54.64
N ILE B 141 38.59 61.99 -54.90
CA ILE B 141 37.60 63.01 -54.55
C ILE B 141 37.28 63.83 -55.81
N ILE B 142 36.00 64.10 -56.04
CA ILE B 142 35.57 65.12 -57.01
C ILE B 142 35.19 66.40 -56.26
N VAL B 143 36.00 67.44 -56.45
CA VAL B 143 35.73 68.78 -55.88
C VAL B 143 35.31 69.73 -57.00
N SER B 144 34.26 70.51 -56.75
CA SER B 144 33.94 71.69 -57.57
C SER B 144 34.65 72.92 -56.99
N VAL B 145 35.30 73.70 -57.85
CA VAL B 145 35.82 75.02 -57.50
C VAL B 145 35.15 76.07 -58.40
N PRO B 146 34.27 76.92 -57.82
CA PRO B 146 33.83 76.95 -56.43
C PRO B 146 32.75 75.89 -56.15
N GLN B 147 32.37 75.75 -54.88
CA GLN B 147 31.30 74.83 -54.47
C GLN B 147 30.19 75.56 -53.73
N VAL B 148 29.04 74.87 -53.60
CA VAL B 148 27.88 75.41 -52.90
C VAL B 148 28.24 75.58 -51.42
N SER B 149 28.71 76.79 -51.07
CA SER B 149 29.33 77.08 -49.77
C SER B 149 28.38 77.94 -48.92
N GLY B 150 27.21 77.38 -48.62
CA GLY B 150 26.02 78.16 -48.28
C GLY B 150 25.26 78.57 -49.52
N ASP B 151 24.84 79.84 -49.57
CA ASP B 151 24.32 80.47 -50.80
C ASP B 151 25.34 81.42 -51.44
N SER B 152 26.36 81.82 -50.68
CA SER B 152 27.68 82.15 -51.24
C SER B 152 28.40 80.91 -51.77
N TRP B 153 29.50 81.11 -52.49
CA TRP B 153 30.44 80.02 -52.83
C TRP B 153 31.89 80.31 -52.36
N ASN B 154 32.74 79.29 -52.44
CA ASN B 154 34.15 79.36 -51.97
C ASN B 154 35.16 79.13 -53.10
N TYR B 155 35.92 80.17 -53.48
CA TYR B 155 37.04 80.02 -54.44
C TYR B 155 38.24 79.28 -53.84
N ASP B 156 38.66 79.71 -52.64
CA ASP B 156 39.73 79.06 -51.90
C ASP B 156 39.16 77.92 -51.06
N VAL B 157 39.11 76.73 -51.65
CA VAL B 157 38.60 75.53 -50.96
C VAL B 157 39.77 74.67 -50.47
N THR B 158 39.64 74.17 -49.25
CA THR B 158 40.65 73.28 -48.64
C THR B 158 39.98 71.96 -48.27
N ILE B 159 40.35 70.89 -48.99
CA ILE B 159 40.00 69.52 -48.61
C ILE B 159 41.16 68.87 -47.85
N ASN B 160 40.83 68.03 -46.88
CA ASN B 160 41.77 67.11 -46.27
C ASN B 160 41.27 65.68 -46.38
N PRO B 161 42.08 64.77 -46.96
CA PRO B 161 41.61 63.41 -47.15
C PRO B 161 41.56 62.64 -45.83
N LYS B 162 40.53 61.82 -45.66
CA LYS B 162 40.55 60.72 -44.70
C LYS B 162 41.86 59.91 -44.82
N ASP B 163 42.70 59.98 -43.79
CA ASP B 163 43.83 59.05 -43.62
C ASP B 163 43.29 57.62 -43.58
N ASN B 164 43.82 56.76 -44.45
CA ASN B 164 43.16 55.49 -44.78
C ASN B 164 43.91 54.30 -44.20
N THR B 165 43.34 53.71 -43.15
CA THR B 165 43.69 52.38 -42.68
C THR B 165 43.61 51.37 -43.82
N PRO B 166 44.56 50.41 -43.88
CA PRO B 166 44.31 49.17 -44.62
C PRO B 166 43.08 48.45 -44.10
N ILE B 167 42.24 47.94 -44.99
CA ILE B 167 41.09 47.15 -44.59
C ILE B 167 41.22 45.70 -45.06
N LEU B 168 40.79 44.79 -44.20
CA LEU B 168 40.39 43.45 -44.60
C LEU B 168 39.16 43.10 -43.79
N GLU B 169 38.01 43.05 -44.44
CA GLU B 169 36.79 42.58 -43.79
C GLU B 169 36.28 41.33 -44.50
N LYS B 170 35.87 40.34 -43.70
CA LYS B 170 35.10 39.20 -44.19
C LYS B 170 33.69 39.30 -43.64
N ASN B 171 32.71 38.96 -44.47
CA ASN B 171 31.31 38.91 -44.06
C ASN B 171 30.61 37.70 -44.71
N ILE B 172 29.77 37.05 -43.94
CA ILE B 172 28.73 36.19 -44.49
C ILE B 172 27.70 37.08 -45.19
N VAL B 173 27.20 36.61 -46.33
CA VAL B 173 26.19 37.34 -47.10
C VAL B 173 24.88 36.58 -46.98
N LYS B 174 23.90 37.19 -46.33
CA LYS B 174 22.63 36.51 -46.03
C LYS B 174 21.44 37.47 -46.14
N GLU B 175 20.46 37.10 -46.96
CA GLU B 175 19.33 37.95 -47.34
C GLU B 175 19.74 39.43 -47.52
N ASN B 176 20.65 39.64 -48.49
CA ASN B 176 21.15 40.96 -48.87
C ASN B 176 21.93 41.75 -47.79
N GLN B 177 22.31 41.08 -46.70
CA GLN B 177 23.02 41.75 -45.60
C GLN B 177 24.38 41.11 -45.36
N ARG B 178 25.37 41.95 -45.07
CA ARG B 178 26.71 41.50 -44.70
C ARG B 178 26.77 41.31 -43.20
N VAL B 179 27.02 40.08 -42.74
CA VAL B 179 27.04 39.78 -41.29
C VAL B 179 28.28 38.98 -40.87
N LYS B 180 28.72 39.21 -39.63
CA LYS B 180 29.84 38.48 -39.04
C LYS B 180 29.47 37.11 -38.47
N THR B 181 28.18 36.88 -38.26
CA THR B 181 27.67 35.60 -37.79
C THR B 181 26.42 35.21 -38.56
N SER B 182 26.18 33.90 -38.65
CA SER B 182 24.89 33.36 -39.08
C SER B 182 24.60 32.03 -38.41
N SER B 183 23.36 31.55 -38.56
CA SER B 183 23.06 30.12 -38.38
C SER B 183 22.50 29.52 -39.66
N GLU B 184 22.61 28.20 -39.77
CA GLU B 184 22.18 27.46 -40.98
C GLU B 184 21.86 26.01 -40.66
N ASN B 185 21.09 25.37 -41.53
CA ASN B 185 20.95 23.91 -41.50
C ASN B 185 22.18 23.23 -42.11
N ILE B 186 22.48 22.01 -41.66
CA ILE B 186 23.36 21.10 -42.41
C ILE B 186 22.87 20.98 -43.85
N GLY B 187 23.80 21.10 -44.80
CA GLY B 187 23.49 21.03 -46.22
C GLY B 187 23.25 22.38 -46.88
N ASP B 188 22.84 23.39 -46.09
CA ASP B 188 22.67 24.76 -46.60
C ASP B 188 24.01 25.35 -46.96
N VAL B 189 23.97 26.37 -47.80
CA VAL B 189 25.17 27.09 -48.25
C VAL B 189 25.36 28.37 -47.42
N VAL B 190 26.62 28.64 -47.07
CA VAL B 190 27.06 29.91 -46.49
C VAL B 190 27.82 30.66 -47.57
N LYS B 191 27.36 31.88 -47.90
CA LYS B 191 28.03 32.73 -48.90
C LYS B 191 28.94 33.76 -48.22
N TYR B 192 30.18 33.86 -48.70
CA TYR B 192 31.20 34.72 -48.09
C TYR B 192 31.54 35.88 -49.01
N GLU B 193 31.82 37.04 -48.41
CA GLU B 193 32.39 38.17 -49.13
C GLU B 193 33.54 38.77 -48.32
N VAL B 194 34.74 38.70 -48.88
CA VAL B 194 35.88 39.48 -48.41
C VAL B 194 35.97 40.76 -49.24
N LYS B 195 36.24 41.88 -48.58
CA LYS B 195 36.71 43.09 -49.25
C LYS B 195 38.08 43.46 -48.69
N ALA B 196 38.94 43.98 -49.57
CA ALA B 196 40.34 44.27 -49.22
C ALA B 196 40.84 45.49 -49.98
N SER B 197 41.60 46.34 -49.29
CA SER B 197 42.37 47.39 -49.95
C SER B 197 43.57 46.80 -50.70
N ILE B 198 43.98 47.49 -51.77
CA ILE B 198 45.17 47.14 -52.53
C ILE B 198 46.26 48.16 -52.24
N PRO B 199 47.32 47.77 -51.50
CA PRO B 199 48.36 48.72 -51.13
C PRO B 199 49.18 49.20 -52.32
N VAL B 200 49.69 50.42 -52.24
CA VAL B 200 50.48 51.05 -53.29
C VAL B 200 51.92 51.32 -52.83
N TYR B 201 52.82 51.41 -53.81
CA TYR B 201 54.26 51.55 -53.57
C TYR B 201 54.85 52.57 -54.53
N GLN B 202 56.10 52.96 -54.26
CA GLN B 202 56.97 53.63 -55.26
C GLN B 202 56.86 52.95 -56.64
N LYS B 203 56.91 53.76 -57.69
CA LYS B 203 56.67 53.27 -59.06
C LYS B 203 57.60 52.14 -59.49
N ASN B 204 58.84 52.14 -58.99
CA ASN B 204 59.81 51.09 -59.32
C ASN B 204 59.46 49.67 -58.83
N ALA B 205 58.59 49.58 -57.82
CA ALA B 205 58.61 48.48 -56.85
C ALA B 205 58.44 47.12 -57.50
N GLN B 206 59.07 46.11 -56.89
CA GLN B 206 59.38 44.85 -57.54
C GLN B 206 59.01 43.67 -56.63
N ASP B 207 58.57 42.58 -57.24
CA ASP B 207 58.38 41.30 -56.54
C ASP B 207 57.44 41.45 -55.36
N ILE B 208 56.22 41.89 -55.64
CA ILE B 208 55.26 42.26 -54.60
C ILE B 208 54.37 41.05 -54.27
N MET B 209 54.34 40.68 -52.99
CA MET B 209 53.43 39.66 -52.49
C MET B 209 52.08 40.29 -52.23
N TYR B 210 51.03 39.66 -52.76
CA TYR B 210 49.65 39.91 -52.33
C TYR B 210 48.90 38.59 -52.32
N LYS B 211 48.74 38.01 -51.13
CA LYS B 211 48.30 36.62 -50.96
C LYS B 211 47.27 36.52 -49.83
N PHE B 212 46.11 35.96 -50.15
CA PHE B 212 45.13 35.58 -49.13
C PHE B 212 45.32 34.12 -48.72
N THR B 213 45.24 33.84 -47.42
CA THR B 213 45.08 32.49 -46.91
C THR B 213 43.74 32.38 -46.20
N ASP B 214 42.85 31.53 -46.72
CA ASP B 214 41.53 31.34 -46.15
C ASP B 214 41.39 29.95 -45.52
N THR B 215 41.08 29.91 -44.23
CA THR B 215 41.08 28.68 -43.44
C THR B 215 39.66 28.38 -42.91
N MET B 216 39.00 27.38 -43.52
CA MET B 216 37.70 26.90 -43.06
C MET B 216 37.83 25.75 -42.07
N SER B 217 36.94 25.70 -41.07
CA SER B 217 36.94 24.64 -40.07
C SER B 217 36.28 23.39 -40.65
N LYS B 218 36.33 22.29 -39.90
CA LYS B 218 35.92 20.95 -40.40
C LYS B 218 34.46 20.86 -40.84
N GLY B 219 33.59 21.64 -40.18
CA GLY B 219 32.17 21.67 -40.50
C GLY B 219 31.78 22.26 -41.85
N LEU B 220 32.72 22.93 -42.51
CA LEU B 220 32.46 23.66 -43.74
C LEU B 220 33.16 22.94 -44.88
N THR B 221 32.46 22.76 -46.00
CA THR B 221 33.04 22.21 -47.21
C THR B 221 33.08 23.33 -48.25
N TYR B 222 34.28 23.64 -48.72
CA TYR B 222 34.50 24.69 -49.73
C TYR B 222 33.88 24.25 -51.04
N ASP B 223 33.19 25.18 -51.71
CA ASP B 223 32.46 24.89 -52.95
C ASP B 223 33.33 25.24 -54.16
N GLU B 224 34.10 24.27 -54.64
CA GLU B 224 35.11 24.51 -55.69
C GLU B 224 34.57 24.48 -57.13
N LYS B 225 33.44 23.82 -57.33
CA LYS B 225 32.64 23.99 -58.55
C LYS B 225 32.35 25.47 -58.77
N THR B 226 31.80 26.12 -57.74
CA THR B 226 31.46 27.55 -57.81
C THR B 226 32.71 28.41 -57.88
N GLY B 227 33.68 28.11 -57.01
CA GLY B 227 35.00 28.74 -57.05
C GLY B 227 35.01 30.14 -56.49
N PHE B 228 36.11 30.85 -56.73
CA PHE B 228 36.22 32.27 -56.42
C PHE B 228 35.85 33.11 -57.64
N LYS B 229 35.02 34.12 -57.42
CA LYS B 229 34.86 35.23 -58.33
C LYS B 229 35.49 36.45 -57.66
N VAL B 230 36.49 37.02 -58.33
CA VAL B 230 37.30 38.10 -57.76
C VAL B 230 37.24 39.31 -58.70
N THR B 231 37.02 40.48 -58.11
CA THR B 231 36.53 41.65 -58.82
C THR B 231 37.12 42.91 -58.21
N SER B 232 37.08 43.98 -58.99
CA SER B 232 37.37 45.32 -58.51
C SER B 232 36.47 46.26 -59.31
N GLY B 233 35.32 46.61 -58.72
CA GLY B 233 34.26 47.33 -59.41
C GLY B 233 33.81 46.65 -60.70
N ASP B 234 33.92 47.37 -61.82
CA ASP B 234 33.74 46.82 -63.17
C ASP B 234 34.52 45.54 -63.40
N LYS B 235 35.79 45.54 -62.97
CA LYS B 235 36.78 44.57 -63.46
C LYS B 235 36.53 43.19 -62.88
N VAL B 236 36.50 42.18 -63.75
CA VAL B 236 36.54 40.78 -63.34
C VAL B 236 37.91 40.24 -63.71
N PHE B 237 38.61 39.67 -62.74
CA PHE B 237 39.92 39.07 -62.99
C PHE B 237 39.77 37.61 -63.36
N ALA B 238 40.80 37.07 -64.02
CA ALA B 238 40.79 35.69 -64.51
C ALA B 238 41.75 34.83 -63.69
N LYS B 239 41.28 33.63 -63.33
CA LYS B 239 42.10 32.62 -62.68
C LYS B 239 43.24 32.17 -63.61
N ASP B 240 44.40 31.90 -63.01
CA ASP B 240 45.65 31.56 -63.71
C ASP B 240 46.25 32.65 -64.62
N LYS B 241 45.69 33.86 -64.60
CA LYS B 241 46.35 35.04 -65.17
C LYS B 241 46.68 36.05 -64.08
N ASP B 242 45.66 36.47 -63.34
CA ASP B 242 45.78 37.51 -62.33
C ASP B 242 45.86 36.96 -60.90
N TYR B 243 45.26 35.79 -60.66
CA TYR B 243 45.37 35.10 -59.37
C TYR B 243 45.36 33.57 -59.57
N THR B 244 45.97 32.86 -58.63
CA THR B 244 45.81 31.40 -58.54
C THR B 244 45.01 31.03 -57.29
N VAL B 245 44.24 29.94 -57.39
CA VAL B 245 43.53 29.35 -56.27
C VAL B 245 44.00 27.92 -56.08
N GLU B 246 44.57 27.62 -54.91
CA GLU B 246 45.02 26.26 -54.57
C GLU B 246 44.45 25.81 -53.22
N VAL B 247 43.85 24.61 -53.20
CA VAL B 247 43.10 24.11 -52.04
C VAL B 247 43.89 22.99 -51.37
N LYS B 248 43.81 22.91 -50.05
CA LYS B 248 44.48 21.87 -49.27
C LYS B 248 43.61 21.46 -48.08
N LYS B 249 43.17 20.19 -48.08
CA LYS B 249 42.47 19.61 -46.93
C LYS B 249 43.48 19.13 -45.89
N GLN B 250 43.51 19.82 -44.75
CA GLN B 250 44.41 19.45 -43.65
C GLN B 250 43.95 18.17 -42.98
N GLU B 251 44.82 17.60 -42.16
CA GLU B 251 44.58 16.31 -41.55
C GLU B 251 43.46 16.38 -40.49
N ASP B 252 43.36 17.51 -39.79
CA ASP B 252 42.32 17.72 -38.77
C ASP B 252 40.96 18.21 -39.30
N GLY B 253 40.77 18.19 -40.62
CA GLY B 253 39.49 18.56 -41.23
C GLY B 253 39.46 19.95 -41.87
N GLU B 254 40.35 20.84 -41.42
CA GLU B 254 40.38 22.22 -41.93
C GLU B 254 40.71 22.25 -43.42
N THR B 255 39.99 23.08 -44.18
CA THR B 255 40.38 23.45 -45.55
C THR B 255 41.09 24.81 -45.53
N VAL B 256 42.40 24.81 -45.81
CA VAL B 256 43.11 26.06 -46.12
C VAL B 256 43.07 26.29 -47.63
N ILE B 257 42.83 27.55 -48.01
CA ILE B 257 42.77 27.97 -49.40
C ILE B 257 43.73 29.15 -49.54
N THR B 258 44.63 29.07 -50.52
CA THR B 258 45.57 30.14 -50.82
C THR B 258 45.15 30.80 -52.14
N ILE B 259 44.88 32.12 -52.08
CA ILE B 259 44.55 32.91 -53.27
C ILE B 259 45.64 33.96 -53.48
N ASN B 260 46.56 33.66 -54.41
CA ASN B 260 47.80 34.41 -54.56
C ASN B 260 47.78 35.19 -55.86
N PHE B 261 48.08 36.48 -55.78
CA PHE B 261 47.87 37.42 -56.88
C PHE B 261 49.15 37.79 -57.60
N VAL B 262 49.05 38.03 -58.90
CA VAL B 262 50.04 38.81 -59.63
C VAL B 262 49.76 40.28 -59.34
N TYR B 263 50.52 40.87 -58.41
CA TYR B 263 50.32 42.26 -58.00
C TYR B 263 50.28 43.23 -59.17
N GLU B 264 51.23 43.08 -60.10
CA GLU B 264 51.23 43.88 -61.34
C GLU B 264 49.83 44.04 -61.97
N ASN B 265 49.13 42.91 -62.13
CA ASN B 265 47.86 42.88 -62.84
C ASN B 265 46.71 43.61 -62.15
N ILE B 266 46.82 43.79 -60.84
CA ILE B 266 45.77 44.42 -60.03
C ILE B 266 46.06 45.89 -59.70
N LYS B 267 47.34 46.29 -59.76
CA LYS B 267 47.82 47.58 -59.25
C LYS B 267 47.04 48.79 -59.79
N ALA B 268 46.68 48.74 -61.06
CA ALA B 268 45.90 49.79 -61.71
C ALA B 268 44.48 49.95 -61.14
N TYR B 269 44.00 48.96 -60.38
CA TYR B 269 42.69 49.00 -59.72
C TYR B 269 42.79 49.28 -58.21
N ALA B 270 43.88 49.91 -57.78
CA ALA B 270 44.12 50.11 -56.34
C ALA B 270 42.95 50.82 -55.66
N GLU B 271 42.36 51.79 -56.34
CA GLU B 271 41.35 52.65 -55.73
C GLU B 271 40.01 51.96 -55.48
N THR B 272 39.68 50.95 -56.28
CA THR B 272 38.45 50.16 -56.09
C THR B 272 38.63 48.87 -55.27
N GLY B 273 39.86 48.56 -54.84
CA GLY B 273 40.11 47.48 -53.89
C GLY B 273 39.98 46.10 -54.52
N ILE B 274 40.00 45.07 -53.68
CA ILE B 274 39.63 43.71 -54.09
C ILE B 274 38.38 43.27 -53.35
N THR B 275 37.46 42.67 -54.08
CA THR B 275 36.39 41.86 -53.51
C THR B 275 36.58 40.42 -53.92
N LEU B 276 36.45 39.48 -52.97
CA LEU B 276 36.32 38.04 -53.26
C LEU B 276 34.90 37.60 -53.00
N ASN B 277 34.34 36.77 -53.89
CA ASN B 277 33.07 36.09 -53.61
C ASN B 277 33.20 34.58 -53.71
N TYR B 278 32.95 33.90 -52.59
CA TYR B 278 33.04 32.45 -52.50
C TYR B 278 32.07 31.94 -51.44
N GLN B 279 31.96 30.62 -51.33
CA GLN B 279 30.94 30.01 -50.48
C GLN B 279 31.35 28.63 -49.98
N ALA B 280 30.65 28.15 -48.95
CA ALA B 280 30.84 26.81 -48.42
C ALA B 280 29.49 26.18 -48.08
N THR B 281 29.53 24.89 -47.78
CA THR B 281 28.34 24.14 -47.35
C THR B 281 28.64 23.50 -45.98
N LEU B 282 27.67 23.56 -45.08
CA LEU B 282 27.76 22.83 -43.82
C LEU B 282 27.70 21.33 -44.10
N ASN B 283 28.66 20.59 -43.57
CA ASN B 283 28.71 19.13 -43.70
C ASN B 283 28.30 18.45 -42.39
N LYS B 284 28.35 17.12 -42.37
CA LYS B 284 27.93 16.36 -41.20
C LYS B 284 28.96 16.33 -40.07
N ASP B 285 30.13 16.95 -40.28
CA ASP B 285 31.12 17.15 -39.19
C ASP B 285 31.04 18.52 -38.51
N VAL B 286 29.89 19.21 -38.65
CA VAL B 286 29.66 20.51 -38.01
C VAL B 286 29.73 20.44 -36.46
N VAL B 287 30.20 21.54 -35.85
CA VAL B 287 30.07 21.78 -34.41
C VAL B 287 28.63 22.16 -34.07
N ILE B 288 28.02 21.38 -33.17
CA ILE B 288 26.59 21.51 -32.84
C ILE B 288 26.51 21.64 -31.32
N SER B 289 26.10 22.81 -30.83
CA SER B 289 26.04 23.09 -29.39
C SER B 289 24.86 24.01 -29.10
N ASN B 290 24.55 24.15 -27.81
CA ASN B 290 23.58 25.14 -27.32
C ASN B 290 24.11 26.01 -26.17
N LYS B 291 25.43 25.95 -25.93
CA LYS B 291 26.13 26.92 -25.11
C LYS B 291 27.20 27.61 -25.97
N GLU B 292 27.86 28.63 -25.42
CA GLU B 292 28.71 29.51 -26.22
C GLU B 292 29.91 28.76 -26.76
N ASN B 293 30.22 28.96 -28.02
CA ASN B 293 31.28 28.22 -28.70
C ASN B 293 31.73 28.96 -29.95
N LEU B 294 32.79 28.47 -30.58
CA LEU B 294 33.34 29.14 -31.78
C LEU B 294 32.59 28.78 -33.05
N GLY B 295 31.75 27.75 -33.00
CA GLY B 295 30.93 27.36 -34.14
C GLY B 295 31.78 26.90 -35.33
N ASN B 296 31.34 27.26 -36.53
CA ASN B 296 31.99 26.84 -37.75
C ASN B 296 32.51 28.05 -38.49
N THR B 297 33.84 28.17 -38.51
CA THR B 297 34.52 29.45 -38.66
C THR B 297 35.13 29.52 -40.05
N ASN B 298 35.01 30.68 -40.69
CA ASN B 298 35.84 31.04 -41.84
C ASN B 298 36.85 32.14 -41.47
N ASN B 299 38.13 31.79 -41.54
CA ASN B 299 39.21 32.73 -41.31
C ASN B 299 39.78 33.17 -42.65
N ILE B 300 40.01 34.48 -42.81
CA ILE B 300 40.78 35.00 -43.94
C ILE B 300 41.97 35.79 -43.38
N GLN B 301 43.11 35.64 -44.04
CA GLN B 301 44.31 36.39 -43.71
C GLN B 301 44.91 36.94 -45.01
N LEU B 302 45.30 38.20 -45.00
CA LEU B 302 46.04 38.81 -46.11
C LEU B 302 47.46 39.12 -45.65
N ASP B 303 48.44 38.44 -46.26
CA ASP B 303 49.85 38.86 -46.24
C ASP B 303 50.20 39.69 -47.49
N TYR B 304 50.98 40.75 -47.29
CA TYR B 304 51.50 41.52 -48.42
C TYR B 304 52.81 42.23 -48.09
N THR B 305 53.57 42.54 -49.13
CA THR B 305 54.87 43.19 -48.98
C THR B 305 54.73 44.55 -48.28
N ASN B 306 55.48 44.75 -47.21
CA ASN B 306 55.61 46.09 -46.64
C ASN B 306 56.73 46.85 -47.35
N ASN B 307 57.99 46.47 -47.08
CA ASN B 307 59.15 47.14 -47.63
C ASN B 307 59.84 46.21 -48.62
N PRO B 308 59.71 46.48 -49.94
CA PRO B 308 60.19 45.50 -50.92
C PRO B 308 61.72 45.44 -51.03
N HIS B 309 62.41 46.41 -50.43
CA HIS B 309 63.87 46.45 -50.41
C HIS B 309 64.52 45.61 -49.30
N VAL B 310 63.73 45.23 -48.29
CA VAL B 310 64.24 44.39 -47.20
C VAL B 310 63.50 43.06 -47.21
N LYS B 311 64.22 41.98 -46.87
CA LYS B 311 63.73 40.62 -47.10
C LYS B 311 62.77 40.21 -45.97
N ASP B 312 61.76 39.41 -46.33
CA ASP B 312 60.74 38.93 -45.40
C ASP B 312 60.08 40.06 -44.59
N SER B 313 59.81 41.18 -45.27
CA SER B 313 59.17 42.33 -44.67
C SER B 313 57.73 42.39 -45.15
N TYR B 314 56.81 42.03 -44.27
CA TYR B 314 55.40 41.82 -44.62
C TYR B 314 54.49 42.51 -43.61
N LYS B 315 53.28 42.82 -44.04
CA LYS B 315 52.16 43.05 -43.13
C LYS B 315 51.23 41.85 -43.18
N LYS B 316 50.53 41.58 -42.08
CA LYS B 316 49.36 40.69 -42.10
C LYS B 316 48.10 41.45 -41.64
N LEU B 317 46.97 41.13 -42.26
CA LEU B 317 45.65 41.45 -41.73
C LEU B 317 44.88 40.14 -41.57
N THR B 318 43.94 40.13 -40.63
CA THR B 318 43.06 38.96 -40.44
C THR B 318 41.64 39.40 -40.18
N ASP B 319 40.71 38.55 -40.59
CA ASP B 319 39.35 38.63 -40.09
C ASP B 319 38.78 37.23 -40.00
N LYS B 320 37.66 37.10 -39.28
CA LYS B 320 36.88 35.88 -39.31
C LYS B 320 35.39 36.14 -39.16
N VAL B 321 34.61 35.23 -39.74
CA VAL B 321 33.20 35.06 -39.40
C VAL B 321 32.97 33.62 -38.92
N THR B 322 31.77 33.35 -38.42
CA THR B 322 31.42 32.03 -37.97
C THR B 322 29.93 31.74 -38.12
N THR B 323 29.60 30.46 -38.26
CA THR B 323 28.23 30.02 -38.45
C THR B 323 27.88 28.86 -37.52
N TYR B 324 26.67 28.91 -36.97
CA TYR B 324 26.27 28.03 -35.89
C TYR B 324 25.15 27.14 -36.36
N THR B 325 24.97 26.02 -35.65
CA THR B 325 23.80 25.20 -35.86
C THR B 325 23.50 24.44 -34.58
N PHE B 326 22.27 23.92 -34.51
CA PHE B 326 21.72 23.40 -33.28
C PHE B 326 21.14 22.02 -33.55
N GLY B 327 20.77 21.34 -32.48
CA GLY B 327 20.05 20.06 -32.59
C GLY B 327 19.31 19.73 -31.32
N PHE B 328 18.33 18.85 -31.44
CA PHE B 328 17.65 18.28 -30.26
C PHE B 328 17.47 16.77 -30.35
N GLY B 329 17.38 16.14 -29.18
CA GLY B 329 16.88 14.78 -29.06
C GLY B 329 15.44 14.75 -28.58
N ILE B 330 14.75 13.67 -28.94
CA ILE B 330 13.54 13.23 -28.24
C ILE B 330 13.96 12.13 -27.28
N THR B 331 13.41 12.14 -26.08
CA THR B 331 13.50 10.98 -25.18
C THR B 331 12.10 10.43 -24.91
N LYS B 332 11.81 9.26 -25.48
CA LYS B 332 10.49 8.63 -25.31
C LYS B 332 10.41 7.90 -23.99
N VAL B 333 9.32 8.13 -23.26
CA VAL B 333 9.25 7.87 -21.84
C VAL B 333 7.82 7.41 -21.46
N ASP B 334 7.72 6.57 -20.44
CA ASP B 334 6.43 6.18 -19.88
C ASP B 334 5.87 7.29 -19.01
N SER B 335 4.57 7.50 -19.13
CA SER B 335 3.89 8.66 -18.52
C SER B 335 3.92 8.61 -16.98
N GLU B 336 3.68 7.43 -16.43
CA GLU B 336 3.57 7.26 -14.98
C GLU B 336 4.93 7.07 -14.33
N LEU B 337 5.84 6.41 -15.04
CA LEU B 337 7.21 6.19 -14.55
C LEU B 337 8.25 6.66 -15.58
N ASN B 338 8.77 7.87 -15.38
CA ASN B 338 9.66 8.51 -16.36
C ASN B 338 11.00 7.81 -16.55
N SER B 339 11.45 7.07 -15.54
CA SER B 339 12.64 6.24 -15.66
C SER B 339 12.55 5.16 -16.76
N LYS B 340 11.33 4.74 -17.11
CA LYS B 340 11.14 3.69 -18.13
C LYS B 340 11.24 4.24 -19.55
N LEU B 341 12.33 3.90 -20.24
CA LEU B 341 12.68 4.48 -21.52
C LEU B 341 12.19 3.51 -22.60
N LEU B 342 11.56 4.06 -23.65
CA LEU B 342 10.77 3.29 -24.60
C LEU B 342 11.37 3.30 -26.00
N GLN B 343 11.82 2.11 -26.44
CA GLN B 343 12.27 1.87 -27.80
C GLN B 343 11.09 1.76 -28.76
N GLY B 344 11.33 2.15 -30.01
CA GLY B 344 10.45 1.80 -31.12
C GLY B 344 9.50 2.90 -31.56
N ALA B 345 9.38 3.96 -30.75
CA ALA B 345 8.55 5.11 -31.12
C ALA B 345 9.13 5.80 -32.36
N GLU B 346 8.26 6.32 -33.22
CA GLU B 346 8.70 7.03 -34.43
C GLU B 346 8.22 8.49 -34.45
N PHE B 347 9.12 9.39 -34.83
CA PHE B 347 8.86 10.83 -34.83
C PHE B 347 9.26 11.47 -36.16
N SER B 348 8.54 12.53 -36.53
CA SER B 348 8.95 13.44 -37.59
C SER B 348 8.96 14.88 -37.08
N VAL B 349 9.74 15.70 -37.75
CA VAL B 349 9.88 17.11 -37.40
C VAL B 349 9.66 17.94 -38.67
N LYS B 350 8.79 18.94 -38.57
CA LYS B 350 8.65 20.00 -39.57
C LYS B 350 9.03 21.37 -38.99
N ASP B 351 9.84 22.14 -39.72
CA ASP B 351 9.93 23.59 -39.49
C ASP B 351 8.65 24.22 -40.00
N GLU B 352 8.09 25.13 -39.20
CA GLU B 352 6.91 25.91 -39.59
C GLU B 352 7.24 27.04 -40.57
N SER B 353 8.52 27.18 -40.94
CA SER B 353 8.95 28.02 -42.07
C SER B 353 8.14 27.83 -43.35
N GLY B 354 7.74 26.58 -43.62
CA GLY B 354 7.07 26.22 -44.86
C GLY B 354 7.70 24.96 -45.43
N LYS B 355 9.03 24.95 -45.48
CA LYS B 355 9.80 23.73 -45.70
C LYS B 355 9.81 22.83 -44.45
N THR B 356 9.53 21.54 -44.65
CA THR B 356 9.29 20.59 -43.55
C THR B 356 10.56 19.76 -43.26
N VAL B 357 11.68 20.44 -43.06
CA VAL B 357 13.00 19.80 -43.07
C VAL B 357 13.31 19.15 -41.71
N ALA B 358 13.92 17.97 -41.75
CA ALA B 358 14.43 17.30 -40.57
C ALA B 358 15.20 16.04 -40.96
N LYS B 359 16.47 16.20 -41.27
CA LYS B 359 17.14 15.35 -42.24
C LYS B 359 18.46 14.72 -41.78
N TYR B 360 18.87 14.94 -40.52
CA TYR B 360 20.16 14.44 -40.03
C TYR B 360 20.07 13.96 -38.59
N THR B 361 20.75 12.84 -38.31
CA THR B 361 20.65 12.18 -37.01
C THR B 361 21.97 11.49 -36.65
N TYR B 362 22.15 11.26 -35.34
CA TYR B 362 23.25 10.45 -34.83
C TYR B 362 22.84 8.98 -34.87
N ASP B 363 23.61 8.16 -35.60
CA ASP B 363 23.39 6.70 -35.64
C ASP B 363 24.03 6.05 -34.41
N GLU B 364 23.84 4.74 -34.28
CA GLU B 364 24.28 4.00 -33.09
C GLU B 364 25.80 4.01 -32.89
N LYS B 365 26.55 4.18 -33.97
CA LYS B 365 28.01 4.40 -33.88
C LYS B 365 28.42 5.84 -33.49
N GLY B 366 27.45 6.75 -33.33
CA GLY B 366 27.72 8.12 -32.91
C GLY B 366 28.18 9.01 -34.05
N GLN B 367 27.87 8.62 -35.28
CA GLN B 367 28.20 9.41 -36.47
C GLN B 367 26.95 10.12 -36.96
N VAL B 368 27.14 11.32 -37.51
CA VAL B 368 26.02 12.08 -38.07
C VAL B 368 25.77 11.60 -39.50
N VAL B 369 24.53 11.21 -39.77
CA VAL B 369 24.13 10.68 -41.08
C VAL B 369 22.79 11.29 -41.47
N SER B 370 22.42 11.17 -42.75
CA SER B 370 21.08 11.49 -43.19
C SER B 370 20.05 10.58 -42.51
N LEU B 371 18.97 11.18 -42.02
CA LEU B 371 17.79 10.43 -41.59
C LEU B 371 16.87 10.23 -42.79
N SER B 372 16.57 8.98 -43.11
CA SER B 372 15.75 8.63 -44.26
C SER B 372 14.32 9.14 -44.10
N GLY B 373 13.58 8.58 -43.13
CA GLY B 373 12.19 8.95 -42.86
C GLY B 373 12.02 9.44 -41.43
N ASN B 374 11.25 8.71 -40.63
CA ASN B 374 11.04 9.06 -39.22
C ASN B 374 12.25 8.69 -38.37
N GLY B 375 12.47 9.45 -37.29
CA GLY B 375 13.43 9.07 -36.27
C GLY B 375 12.89 7.98 -35.36
N VAL B 376 13.60 6.86 -35.28
CA VAL B 376 13.20 5.71 -34.46
C VAL B 376 14.00 5.74 -33.16
N THR B 377 13.34 5.48 -32.03
CA THR B 377 13.95 5.67 -30.70
C THR B 377 14.79 4.46 -30.25
N ASN B 378 15.89 4.76 -29.52
CA ASN B 378 16.80 3.75 -28.97
C ASN B 378 16.18 2.86 -27.89
N SER B 379 16.88 1.78 -27.59
CA SER B 379 16.85 1.13 -26.27
C SER B 379 16.98 2.07 -25.06
N LYS B 380 17.59 3.23 -25.25
CA LYS B 380 17.56 4.34 -24.27
C LYS B 380 16.47 5.41 -24.50
N GLY B 381 15.64 5.25 -25.53
CA GLY B 381 14.53 6.16 -25.80
C GLY B 381 14.84 7.31 -26.74
N ILE B 382 16.10 7.40 -27.19
CA ILE B 382 16.60 8.56 -27.93
C ILE B 382 16.47 8.35 -29.45
N THR B 383 15.86 9.33 -30.10
CA THR B 383 16.20 9.71 -31.48
C THR B 383 16.64 11.17 -31.48
N THR B 384 17.41 11.55 -32.50
CA THR B 384 17.96 12.89 -32.59
C THR B 384 17.67 13.52 -33.95
N PHE B 385 17.48 14.84 -33.95
CA PHE B 385 17.41 15.63 -35.17
C PHE B 385 18.36 16.83 -35.05
N VAL B 386 19.44 16.81 -35.82
CA VAL B 386 20.60 17.67 -35.58
C VAL B 386 20.93 18.43 -36.85
N GLY B 387 21.62 19.56 -36.68
CA GLY B 387 22.03 20.37 -37.80
C GLY B 387 20.96 21.34 -38.21
N LEU B 388 20.31 21.94 -37.21
CA LEU B 388 19.10 22.75 -37.41
C LEU B 388 19.35 24.18 -36.92
N LYS B 389 18.96 25.17 -37.71
CA LYS B 389 18.96 26.57 -37.25
C LYS B 389 17.85 26.82 -36.24
N GLU B 390 17.94 27.95 -35.54
CA GLU B 390 16.84 28.37 -34.65
C GLU B 390 15.52 28.57 -35.41
N GLY B 391 14.42 28.37 -34.70
CA GLY B 391 13.10 28.52 -35.26
C GLY B 391 12.08 27.72 -34.47
N LYS B 392 10.87 27.65 -35.01
CA LYS B 392 9.81 26.79 -34.46
C LYS B 392 9.77 25.45 -35.18
N TYR B 393 9.56 24.38 -34.42
CA TYR B 393 9.62 23.01 -34.93
C TYR B 393 8.51 22.17 -34.32
N LEU B 394 7.60 21.66 -35.16
CA LEU B 394 6.54 20.74 -34.71
C LEU B 394 7.04 19.30 -34.70
N ILE B 395 7.11 18.69 -33.52
CA ILE B 395 7.50 17.30 -33.38
C ILE B 395 6.22 16.46 -33.32
N THR B 396 6.13 15.43 -34.15
CA THR B 396 4.90 14.64 -34.30
C THR B 396 5.22 13.14 -34.11
N GLU B 397 4.58 12.49 -33.13
CA GLU B 397 4.70 11.05 -32.96
C GLU B 397 3.90 10.33 -34.03
N GLU B 398 4.61 9.66 -34.95
CA GLU B 398 3.98 9.02 -36.10
C GLU B 398 3.58 7.58 -35.75
N VAL B 399 4.47 6.85 -35.07
CA VAL B 399 4.19 5.50 -34.59
C VAL B 399 4.48 5.38 -33.09
N ALA B 400 3.52 4.84 -32.34
CA ALA B 400 3.67 4.69 -30.89
C ALA B 400 4.55 3.50 -30.56
N PRO B 401 5.24 3.51 -29.40
CA PRO B 401 5.89 2.28 -28.94
C PRO B 401 4.88 1.22 -28.57
N SER B 402 5.32 -0.04 -28.52
CA SER B 402 4.38 -1.16 -28.38
C SER B 402 3.72 -1.15 -27.01
N GLY B 403 2.40 -1.36 -27.00
CA GLY B 403 1.60 -1.32 -25.79
C GLY B 403 1.07 0.05 -25.43
N TYR B 404 1.41 1.07 -26.21
CA TYR B 404 1.20 2.46 -25.81
C TYR B 404 0.27 3.16 -26.77
N SER B 405 -0.36 4.23 -26.29
CA SER B 405 -1.21 5.05 -27.12
C SER B 405 -0.38 6.07 -27.88
N LEU B 406 -1.03 6.80 -28.77
CA LEU B 406 -0.38 7.82 -29.59
C LEU B 406 -0.80 9.21 -29.12
N LEU B 407 0.14 10.16 -29.15
CA LEU B 407 -0.18 11.56 -28.88
C LEU B 407 -1.13 12.10 -29.93
N LYS B 408 -2.08 12.93 -29.49
CA LYS B 408 -3.10 13.50 -30.35
C LYS B 408 -2.65 14.81 -31.05
N ASN B 409 -1.62 15.46 -30.50
CA ASN B 409 -1.12 16.74 -31.04
C ASN B 409 0.39 16.73 -31.13
N PRO B 410 0.96 17.48 -32.10
CA PRO B 410 2.39 17.68 -32.10
C PRO B 410 2.86 18.43 -30.87
N VAL B 411 4.09 18.15 -30.42
CA VAL B 411 4.83 19.03 -29.52
C VAL B 411 5.54 20.06 -30.36
N GLU B 412 5.22 21.32 -30.13
CA GLU B 412 5.95 22.43 -30.73
C GLU B 412 7.07 22.83 -29.79
N VAL B 413 8.28 22.97 -30.33
CA VAL B 413 9.38 23.56 -29.60
C VAL B 413 9.93 24.77 -30.34
N THR B 414 10.30 25.79 -29.57
CA THR B 414 10.94 26.97 -30.12
C THR B 414 12.38 27.00 -29.62
N ILE B 415 13.29 26.97 -30.58
CA ILE B 415 14.72 27.22 -30.36
C ILE B 415 15.01 28.69 -30.67
N THR B 416 15.58 29.38 -29.70
CA THR B 416 15.96 30.77 -29.87
C THR B 416 17.48 30.88 -29.70
N ALA B 417 18.14 31.50 -30.67
CA ALA B 417 19.58 31.67 -30.65
C ALA B 417 19.96 32.85 -29.76
N ASN B 418 20.95 32.64 -28.90
CA ASN B 418 21.46 33.70 -28.02
C ASN B 418 22.24 34.69 -28.87
N LYS B 419 22.12 35.97 -28.52
CA LYS B 419 22.92 37.00 -29.15
C LYS B 419 23.75 37.76 -28.14
N ASP B 420 24.91 38.26 -28.57
CA ASP B 420 25.75 39.14 -27.74
C ASP B 420 25.26 40.59 -27.85
N GLU B 421 26.06 41.52 -27.33
CA GLU B 421 25.66 42.93 -27.21
C GLU B 421 25.67 43.70 -28.54
N SER B 422 26.29 43.13 -29.57
CA SER B 422 26.30 43.69 -30.93
C SER B 422 25.32 42.99 -31.88
N GLY B 423 24.50 42.08 -31.36
CA GLY B 423 23.61 41.28 -32.19
C GLY B 423 24.27 40.18 -33.01
N LYS B 424 25.47 39.74 -32.63
CA LYS B 424 26.05 38.51 -33.16
C LYS B 424 25.51 37.28 -32.41
N TYR B 425 25.37 36.17 -33.15
CA TYR B 425 25.18 34.85 -32.55
C TYR B 425 26.40 34.52 -31.68
N THR B 426 26.15 33.99 -30.50
CA THR B 426 27.21 33.50 -29.62
C THR B 426 27.34 31.97 -29.66
N GLY B 427 26.41 31.31 -30.35
CA GLY B 427 26.35 29.86 -30.39
C GLY B 427 25.56 29.18 -29.30
N ALA B 428 25.22 29.91 -28.23
CA ALA B 428 24.24 29.41 -27.28
C ALA B 428 22.84 29.47 -27.89
N ALA B 429 21.97 28.59 -27.43
CA ALA B 429 20.53 28.67 -27.72
C ALA B 429 19.74 28.11 -26.57
N THR B 430 18.49 28.52 -26.49
CA THR B 430 17.52 27.94 -25.57
C THR B 430 16.51 27.17 -26.35
N ILE B 431 15.83 26.26 -25.66
CA ILE B 431 14.67 25.57 -26.19
C ILE B 431 13.50 25.75 -25.23
N GLU B 432 12.29 25.84 -25.77
CA GLU B 432 11.09 25.75 -24.94
C GLU B 432 9.98 24.99 -25.66
N ILE B 433 8.94 24.69 -24.90
CA ILE B 433 7.71 24.11 -25.44
C ILE B 433 6.72 25.24 -25.58
N SER B 434 6.32 25.51 -26.82
CA SER B 434 5.61 26.75 -27.15
C SER B 434 4.11 26.57 -27.45
N ASN B 435 3.64 25.34 -27.70
CA ASN B 435 2.20 25.10 -28.00
C ASN B 435 1.39 24.44 -26.86
N GLY B 436 1.91 24.50 -25.64
CA GLY B 436 1.17 24.04 -24.46
C GLY B 436 0.99 22.54 -24.34
N ASN B 437 1.66 21.75 -25.19
CA ASN B 437 1.52 20.29 -25.15
C ASN B 437 2.21 19.76 -23.88
N LYS B 438 1.39 19.37 -22.90
CA LYS B 438 1.88 18.90 -21.62
C LYS B 438 2.51 17.51 -21.67
N ALA B 439 2.36 16.80 -22.79
CA ALA B 439 3.12 15.56 -23.03
C ALA B 439 4.63 15.81 -23.12
N GLY B 440 5.03 17.03 -23.48
CA GLY B 440 6.44 17.38 -23.65
C GLY B 440 7.08 17.96 -22.41
N GLN B 441 8.39 17.82 -22.29
CA GLN B 441 9.15 18.48 -21.24
C GLN B 441 10.61 18.64 -21.63
N ILE B 442 11.16 19.82 -21.41
CA ILE B 442 12.58 20.08 -21.64
C ILE B 442 13.32 19.51 -20.43
N ILE B 443 14.30 18.65 -20.67
CA ILE B 443 15.15 18.08 -19.62
C ILE B 443 16.63 18.28 -20.00
N ASN B 444 17.54 17.61 -19.30
CA ASN B 444 18.97 17.86 -19.46
C ASN B 444 19.51 17.42 -20.82
N ASP B 445 20.49 18.16 -21.33
CA ASP B 445 21.04 17.95 -22.69
C ASP B 445 21.51 16.53 -22.92
N ILE B 446 21.56 16.15 -24.18
CA ILE B 446 22.32 14.98 -24.62
C ILE B 446 23.71 15.45 -25.09
N SER B 447 24.75 15.08 -24.34
CA SER B 447 26.14 15.23 -24.80
C SER B 447 26.56 14.01 -25.63
N GLU B 448 26.86 14.25 -26.91
CA GLU B 448 27.40 13.20 -27.78
C GLU B 448 28.90 13.09 -27.59
N ASN B 449 29.48 11.99 -28.08
CA ASN B 449 30.86 11.64 -27.74
C ASN B 449 31.87 12.50 -28.48
N ASP B 450 31.46 13.03 -29.63
CA ASP B 450 32.26 14.02 -30.37
C ASP B 450 32.23 15.44 -29.80
N GLY B 451 31.61 15.64 -28.64
CA GLY B 451 31.56 16.95 -27.99
C GLY B 451 30.36 17.82 -28.32
N ASN B 452 29.63 17.49 -29.39
CA ASN B 452 28.39 18.18 -29.69
C ASN B 452 27.32 18.00 -28.61
N ILE B 453 26.47 19.02 -28.47
CA ILE B 453 25.46 19.10 -27.41
C ILE B 453 24.10 19.34 -28.04
N LEU B 454 23.13 18.53 -27.65
CA LEU B 454 21.77 18.61 -28.16
C LEU B 454 20.82 18.90 -27.00
N PHE B 455 19.79 19.71 -27.27
CA PHE B 455 18.63 19.83 -26.37
C PHE B 455 17.99 18.45 -26.22
N ASN B 456 17.19 18.29 -25.17
CA ASN B 456 16.52 17.02 -24.87
C ASN B 456 15.05 17.24 -24.52
N VAL B 457 14.17 16.92 -25.48
CA VAL B 457 12.72 17.02 -25.31
C VAL B 457 12.18 15.66 -24.87
N GLN B 458 11.95 15.51 -23.57
CA GLN B 458 11.21 14.37 -23.05
C GLN B 458 9.76 14.41 -23.54
N ILE B 459 9.28 13.28 -24.05
CA ILE B 459 7.86 13.11 -24.40
C ILE B 459 7.31 11.90 -23.67
N GLU B 460 6.17 12.07 -23.02
CA GLU B 460 5.54 11.01 -22.23
C GLU B 460 4.53 10.24 -23.08
N ASN B 461 4.41 8.94 -22.83
CA ASN B 461 3.47 8.08 -23.55
C ASN B 461 2.63 7.32 -22.53
N HIS B 462 1.32 7.23 -22.79
CA HIS B 462 0.40 6.54 -21.87
C HIS B 462 0.29 5.08 -22.25
N ALA B 463 0.62 4.19 -21.30
CA ALA B 463 0.45 2.74 -21.50
C ALA B 463 -1.04 2.39 -21.64
N GLY B 464 -1.34 1.43 -22.50
CA GLY B 464 -2.67 0.84 -22.54
C GLY B 464 -2.88 -0.03 -21.33
N PHE B 465 -4.07 0.06 -20.74
CA PHE B 465 -4.46 -0.82 -19.64
C PHE B 465 -5.77 -1.51 -19.98
N SER B 466 -5.96 -2.72 -19.46
CA SER B 466 -7.18 -3.49 -19.69
C SER B 466 -8.22 -3.12 -18.63
N LEU B 467 -9.48 -3.09 -19.04
CA LEU B 467 -10.59 -2.85 -18.13
C LEU B 467 -11.09 -4.19 -17.57
N PRO B 468 -11.31 -4.27 -16.24
CA PRO B 468 -11.76 -5.53 -15.67
C PRO B 468 -13.19 -5.90 -16.06
N SER B 469 -13.41 -7.20 -16.27
CA SER B 469 -14.73 -7.73 -16.64
C SER B 469 -15.22 -8.71 -15.56
N THR B 470 -16.53 -8.66 -15.29
CA THR B 470 -17.13 -9.51 -14.24
C THR B 470 -17.21 -10.97 -14.69
N MET C 17 9.15 -17.28 3.31
CA MET C 17 10.24 -16.35 2.83
C MET C 17 11.52 -16.49 3.67
N THR C 18 12.00 -17.73 3.83
CA THR C 18 13.12 -18.04 4.75
C THR C 18 13.45 -19.55 4.67
N PRO C 19 14.71 -19.90 4.32
CA PRO C 19 15.02 -21.30 4.00
C PRO C 19 15.30 -22.14 5.24
N SER C 20 15.31 -23.46 5.07
CA SER C 20 15.48 -24.37 6.21
C SER C 20 16.86 -24.24 6.85
N ILE C 21 16.93 -24.61 8.12
CA ILE C 21 18.19 -24.62 8.86
C ILE C 21 18.69 -26.06 8.92
N SER C 22 19.97 -26.26 8.58
CA SER C 22 20.53 -27.60 8.41
C SER C 22 20.63 -28.34 9.74
N LYS C 23 20.47 -29.65 9.67
CA LYS C 23 20.76 -30.56 10.79
C LYS C 23 22.12 -30.26 11.47
N ASP C 24 23.10 -29.82 10.69
CA ASP C 24 24.45 -29.52 11.18
C ASP C 24 24.90 -28.07 10.91
N ALA C 25 23.96 -27.13 10.93
CA ALA C 25 24.31 -25.72 10.77
C ALA C 25 25.17 -25.26 11.95
N PRO C 26 26.06 -24.29 11.73
CA PRO C 26 26.93 -23.84 12.82
C PRO C 26 26.20 -22.97 13.84
N ILE C 27 26.68 -22.99 15.09
CA ILE C 27 26.11 -22.19 16.17
C ILE C 27 26.71 -20.76 16.17
N LYS C 28 27.77 -20.57 15.37
CA LYS C 28 28.42 -19.27 15.20
C LYS C 28 28.57 -18.91 13.72
N GLY C 29 28.96 -17.67 13.46
CA GLY C 29 29.28 -17.20 12.11
C GLY C 29 30.52 -16.32 12.05
N SER C 30 30.77 -15.75 10.87
CA SER C 30 31.90 -14.85 10.64
C SER C 30 31.46 -13.55 9.98
N ILE C 31 32.14 -12.46 10.34
CA ILE C 31 32.20 -11.26 9.50
C ILE C 31 33.63 -11.08 8.97
N THR C 32 33.76 -10.72 7.69
CA THR C 32 35.06 -10.36 7.08
C THR C 32 35.01 -8.98 6.43
N ILE C 33 36.14 -8.29 6.44
CA ILE C 33 36.22 -6.90 6.00
C ILE C 33 37.64 -6.50 5.59
N SER C 34 37.91 -6.64 4.28
CA SER C 34 39.12 -6.06 3.67
C SER C 34 39.03 -4.53 3.65
N LYS C 35 39.53 -3.92 4.72
CA LYS C 35 39.95 -2.52 4.69
C LYS C 35 41.23 -2.39 5.53
N LYS C 36 42.37 -2.61 4.89
CA LYS C 36 43.59 -3.03 5.59
C LYS C 36 44.45 -1.85 6.06
N GLY C 37 43.83 -0.68 6.24
CA GLY C 37 44.34 0.34 7.16
C GLY C 37 43.24 1.10 7.88
N ALA C 38 42.21 0.39 8.34
CA ALA C 38 41.23 0.94 9.28
C ALA C 38 40.53 -0.16 10.09
N THR C 39 40.19 0.16 11.34
CA THR C 39 39.53 -0.78 12.25
C THR C 39 38.04 -0.47 12.40
N PHE C 40 37.31 -1.41 13.02
CA PHE C 40 35.88 -1.24 13.32
C PHE C 40 35.52 -1.85 14.68
N THR C 41 34.50 -1.31 15.32
CA THR C 41 33.74 -2.03 16.33
C THR C 41 32.49 -2.64 15.69
N ALA C 42 32.14 -3.86 16.11
CA ALA C 42 30.81 -4.43 15.88
C ALA C 42 30.04 -4.45 17.20
N TYR C 43 28.77 -4.01 17.15
CA TYR C 43 27.89 -3.98 18.32
C TYR C 43 26.73 -4.94 18.10
N LYS C 44 26.59 -5.92 18.99
CA LYS C 44 25.51 -6.92 18.87
C LYS C 44 24.21 -6.32 19.39
N LEU C 45 23.21 -6.23 18.51
CA LEU C 45 21.95 -5.56 18.82
C LEU C 45 20.88 -6.59 19.15
N LEU C 46 20.64 -7.50 18.20
CA LEU C 46 19.74 -8.63 18.42
C LEU C 46 20.54 -9.91 18.52
N ASP C 47 20.04 -10.84 19.33
CA ASP C 47 20.48 -12.24 19.29
C ASP C 47 19.60 -13.02 18.31
N ALA C 48 20.23 -13.84 17.46
CA ALA C 48 19.54 -14.90 16.72
C ALA C 48 19.61 -16.22 17.48
N THR C 49 18.44 -16.74 17.84
CA THR C 49 18.31 -18.04 18.51
C THR C 49 17.54 -19.00 17.60
N LYS C 50 18.03 -20.22 17.50
CA LYS C 50 17.39 -21.24 16.69
C LYS C 50 16.18 -21.80 17.43
N SER C 51 15.07 -21.97 16.71
CA SER C 51 13.82 -22.41 17.29
C SER C 51 13.00 -23.06 16.19
N GLY C 52 12.71 -24.35 16.33
CA GLY C 52 12.01 -25.10 15.30
C GLY C 52 12.85 -25.22 14.05
N ASP C 53 12.34 -24.72 12.93
CA ASP C 53 13.10 -24.61 11.68
C ASP C 53 13.21 -23.14 11.25
N ALA C 54 13.63 -22.29 12.19
CA ALA C 54 13.74 -20.86 11.96
C ALA C 54 14.58 -20.19 13.04
N TYR C 55 15.20 -19.07 12.68
CA TYR C 55 15.85 -18.20 13.68
C TYR C 55 14.84 -17.18 14.21
N GLU C 56 14.83 -17.01 15.53
CA GLU C 56 14.08 -15.93 16.17
C GLU C 56 15.03 -14.91 16.76
N TYR C 57 14.58 -13.66 16.77
CA TYR C 57 15.45 -12.53 17.11
C TYR C 57 14.89 -11.81 18.33
N SER C 58 15.79 -11.25 19.13
CA SER C 58 15.41 -10.54 20.35
C SER C 58 16.57 -9.69 20.86
N VAL C 59 16.24 -8.72 21.71
CA VAL C 59 17.18 -7.67 22.12
C VAL C 59 18.33 -8.31 22.89
N ASN C 60 19.56 -7.94 22.53
CA ASN C 60 20.72 -8.36 23.30
C ASN C 60 20.74 -7.71 24.67
N SER C 61 21.15 -8.48 25.68
CA SER C 61 21.06 -8.08 27.09
C SER C 61 22.02 -6.96 27.48
N ASP C 62 23.07 -6.76 26.67
CA ASP C 62 23.95 -5.60 26.77
C ASP C 62 23.24 -4.27 26.42
N LEU C 63 22.13 -4.35 25.69
CA LEU C 63 21.40 -3.16 25.23
C LEU C 63 19.88 -3.19 25.50
N LYS C 64 19.41 -4.14 26.32
CA LYS C 64 17.97 -4.20 26.68
C LYS C 64 17.44 -2.83 27.14
N ASP C 65 18.25 -2.13 27.94
CA ASP C 65 17.91 -0.80 28.45
C ASP C 65 18.04 0.33 27.42
N PHE C 66 18.94 0.18 26.45
CA PHE C 66 19.09 1.14 25.34
C PHE C 66 17.85 1.20 24.45
N PHE C 67 17.36 0.03 24.02
CA PHE C 67 16.13 -0.06 23.23
C PHE C 67 14.92 0.50 24.00
N ASN C 68 13.96 1.05 23.25
CA ASN C 68 12.76 1.68 23.79
C ASN C 68 13.04 2.73 24.88
N ASN C 69 14.14 3.46 24.72
CA ASN C 69 14.51 4.55 25.63
C ASN C 69 14.33 5.89 24.92
N SER C 70 13.53 6.77 25.51
CA SER C 70 13.32 8.12 24.97
C SER C 70 14.53 9.04 25.06
N ASN C 71 15.51 8.68 25.89
CA ASN C 71 16.80 9.39 25.92
C ASN C 71 17.79 8.92 24.85
N TYR C 72 17.47 7.84 24.14
CA TYR C 72 18.29 7.35 23.04
C TYR C 72 17.45 6.94 21.81
N GLY C 73 16.31 7.61 21.63
CA GLY C 73 15.58 7.56 20.36
C GLY C 73 14.34 6.68 20.34
N SER C 74 14.10 5.95 21.44
CA SER C 74 13.00 4.98 21.54
C SER C 74 12.99 3.98 20.38
N TYR C 75 14.15 3.40 20.07
CA TYR C 75 14.27 2.37 19.03
C TYR C 75 13.63 1.05 19.45
N SER C 76 12.92 0.42 18.53
CA SER C 76 12.39 -0.93 18.74
C SER C 76 13.11 -1.93 17.84
N GLN C 77 13.14 -3.18 18.25
CA GLN C 77 13.49 -4.31 17.38
C GLN C 77 12.94 -4.20 15.94
N GLU C 78 11.69 -3.74 15.80
CA GLU C 78 11.05 -3.60 14.48
C GLU C 78 11.58 -2.39 13.70
N SER C 79 11.64 -1.23 14.36
CA SER C 79 12.03 0.02 13.70
C SER C 79 13.49 0.04 13.23
N ILE C 80 14.33 -0.79 13.87
CA ILE C 80 15.72 -0.99 13.43
C ILE C 80 15.81 -1.65 12.04
N GLN C 81 14.80 -2.45 11.69
CA GLN C 81 14.75 -3.09 10.37
C GLN C 81 14.20 -2.18 9.25
N LYS C 82 13.71 -1.00 9.61
CA LYS C 82 13.10 -0.06 8.66
C LYS C 82 13.84 1.29 8.60
N LEU C 83 15.17 1.28 8.80
CA LEU C 83 15.94 2.50 8.93
C LEU C 83 16.43 2.98 7.56
N SER C 84 16.10 4.22 7.20
CA SER C 84 16.69 4.89 6.03
C SER C 84 18.16 5.24 6.27
N GLY C 85 18.90 5.43 5.19
CA GLY C 85 20.34 5.71 5.23
C GLY C 85 20.78 6.79 6.20
N GLU C 86 19.93 7.79 6.44
CA GLU C 86 20.17 8.82 7.44
C GLU C 86 19.79 8.37 8.86
N GLU C 87 18.63 7.72 9.02
CA GLU C 87 18.21 7.18 10.32
C GLU C 87 19.24 6.20 10.89
N VAL C 88 19.84 5.41 10.00
CA VAL C 88 20.96 4.53 10.33
C VAL C 88 22.10 5.31 11.00
N LYS C 89 22.43 6.49 10.46
CA LYS C 89 23.46 7.36 11.05
C LYS C 89 23.05 7.94 12.41
N GLU C 90 21.79 8.39 12.54
CA GLU C 90 21.27 8.84 13.82
C GLU C 90 21.30 7.71 14.86
N PHE C 91 20.89 6.50 14.45
CA PHE C 91 20.95 5.32 15.31
C PHE C 91 22.36 5.03 15.82
N ALA C 92 23.33 5.10 14.91
CA ALA C 92 24.73 4.92 15.27
C ALA C 92 25.17 5.92 16.32
N VAL C 93 24.79 7.18 16.15
CA VAL C 93 25.17 8.25 17.07
C VAL C 93 24.46 8.10 18.41
N LYS C 94 23.19 7.70 18.38
CA LYS C 94 22.44 7.39 19.61
C LYS C 94 23.05 6.22 20.41
N LEU C 95 23.55 5.21 19.68
CA LEU C 95 24.18 4.06 20.31
C LEU C 95 25.53 4.39 20.97
N HIS C 96 26.34 5.22 20.31
CA HIS C 96 27.64 5.65 20.84
C HIS C 96 27.52 6.42 22.16
N LYS C 97 26.46 7.24 22.27
CA LYS C 97 26.15 7.97 23.50
C LYS C 97 25.82 7.01 24.65
N TYR C 98 24.99 6.00 24.36
CA TYR C 98 24.62 4.98 25.36
C TYR C 98 25.82 4.18 25.85
N VAL C 99 26.65 3.75 24.91
CA VAL C 99 27.88 2.99 25.20
C VAL C 99 28.80 3.78 26.14
N LEU C 100 29.09 5.02 25.79
CA LEU C 100 29.94 5.89 26.62
C LEU C 100 29.31 6.21 27.97
N ASP C 101 28.02 6.49 27.98
CA ASP C 101 27.31 6.79 29.24
C ASP C 101 27.28 5.63 30.24
N ASN C 102 27.21 4.40 29.73
CA ASN C 102 27.24 3.19 30.57
C ASN C 102 28.61 2.46 30.55
N LYS C 103 29.63 3.13 30.01
CA LYS C 103 30.96 2.56 29.76
C LYS C 103 31.02 1.10 29.28
N LYS C 104 30.03 0.69 28.48
CA LYS C 104 30.01 -0.64 27.86
C LYS C 104 30.97 -0.62 26.67
N SER C 105 31.01 -1.71 25.91
CA SER C 105 31.82 -1.75 24.68
C SER C 105 31.37 -2.86 23.75
N GLY C 106 31.64 -2.67 22.46
CA GLY C 106 31.36 -3.68 21.45
C GLY C 106 32.59 -4.52 21.17
N LYS C 107 32.55 -5.25 20.06
CA LYS C 107 33.62 -6.17 19.68
C LYS C 107 34.54 -5.49 18.66
N GLU C 108 35.82 -5.31 19.02
CA GLU C 108 36.84 -4.88 18.06
C GLU C 108 37.11 -5.99 17.05
N LEU C 109 37.24 -5.61 15.78
CA LEU C 109 37.45 -6.57 14.68
C LEU C 109 38.91 -6.54 14.18
N THR C 110 39.46 -7.73 13.93
CA THR C 110 40.67 -7.88 13.11
C THR C 110 40.31 -7.68 11.62
N ASP C 111 41.30 -7.79 10.74
CA ASP C 111 41.21 -7.20 9.41
C ASP C 111 41.52 -8.20 8.29
N GLY C 112 40.79 -8.09 7.17
CA GLY C 112 40.99 -8.97 6.01
C GLY C 112 40.67 -10.43 6.25
N GLN C 113 39.98 -10.73 7.35
CA GLN C 113 40.08 -12.03 8.01
C GLN C 113 38.76 -12.42 8.67
N LYS C 114 38.57 -13.72 8.88
CA LYS C 114 37.35 -14.26 9.49
C LYS C 114 37.25 -13.88 10.96
N ASN C 115 36.42 -12.87 11.25
CA ASN C 115 36.10 -12.49 12.63
C ASN C 115 34.88 -13.28 13.12
N THR C 116 35.10 -14.16 14.10
CA THR C 116 34.06 -15.05 14.60
C THR C 116 33.10 -14.29 15.53
N VAL C 117 31.80 -14.39 15.25
CA VAL C 117 30.75 -13.83 16.12
C VAL C 117 29.51 -14.73 16.18
N ASP C 118 28.75 -14.57 17.25
CA ASP C 118 27.48 -15.30 17.43
C ASP C 118 26.45 -14.80 16.41
N LEU C 119 25.46 -15.64 16.09
CA LEU C 119 24.45 -15.28 15.09
C LEU C 119 23.54 -14.16 15.60
N GLY C 120 23.17 -13.25 14.70
CA GLY C 120 22.34 -12.10 15.08
C GLY C 120 22.51 -10.88 14.16
N TYR C 121 22.41 -9.71 14.76
CA TYR C 121 22.23 -8.45 14.04
C TYR C 121 23.19 -7.43 14.61
N TYR C 122 23.99 -6.82 13.75
CA TYR C 122 25.13 -6.00 14.17
C TYR C 122 25.11 -4.65 13.46
N LEU C 123 25.31 -3.58 14.23
CA LEU C 123 25.86 -2.33 13.72
C LEU C 123 27.39 -2.42 13.72
N VAL C 124 28.01 -2.05 12.60
CA VAL C 124 29.47 -1.92 12.49
C VAL C 124 29.85 -0.46 12.19
N THR C 125 30.66 0.13 13.06
CA THR C 125 31.10 1.54 12.92
C THR C 125 32.61 1.67 13.13
N GLU C 126 33.24 2.53 12.34
CA GLU C 126 34.70 2.73 12.39
C GLU C 126 35.09 3.37 13.72
N ALA C 127 36.04 2.74 14.42
CA ALA C 127 36.52 3.22 15.72
C ALA C 127 37.76 4.09 15.55
N SER C 128 38.69 3.65 14.71
CA SER C 128 39.80 4.49 14.25
C SER C 128 40.46 3.91 13.00
N SER C 129 41.35 4.71 12.39
CA SER C 129 42.36 4.21 11.45
C SER C 129 43.76 4.34 12.05
N ASP C 130 44.72 3.64 11.44
CA ASP C 130 46.15 3.83 11.73
C ASP C 130 46.73 4.97 10.88
N SER C 131 46.17 6.17 11.05
CA SER C 131 46.60 7.37 10.32
C SER C 131 46.48 8.58 11.25
N GLU C 132 47.60 9.23 11.51
CA GLU C 132 47.66 10.31 12.50
C GLU C 132 47.10 11.62 11.92
N GLY C 133 47.24 11.78 10.60
CA GLY C 133 46.48 12.79 9.85
C GLY C 133 45.00 12.47 9.76
N ALA C 134 44.19 13.51 9.55
CA ALA C 134 42.73 13.41 9.70
C ALA C 134 42.14 12.39 8.75
N ALA C 135 40.98 11.85 9.13
CA ALA C 135 40.37 10.72 8.45
C ALA C 135 38.85 10.85 8.39
N VAL C 136 38.27 10.15 7.42
CA VAL C 136 36.84 10.19 7.16
C VAL C 136 36.20 9.00 7.87
N ALA C 137 35.07 9.26 8.52
CA ALA C 137 34.13 8.20 8.91
C ALA C 137 33.48 7.54 7.67
N SER C 138 33.86 6.29 7.43
CA SER C 138 33.00 5.35 6.68
C SER C 138 31.67 5.24 7.40
N THR C 139 30.58 5.16 6.62
CA THR C 139 29.24 5.32 7.19
C THR C 139 28.71 3.98 7.73
N PRO C 140 27.95 4.02 8.86
CA PRO C 140 27.46 2.83 9.57
C PRO C 140 26.81 1.74 8.72
N ILE C 141 27.26 0.49 8.92
CA ILE C 141 26.67 -0.69 8.30
C ILE C 141 25.77 -1.40 9.32
N ILE C 142 24.59 -1.83 8.89
CA ILE C 142 23.82 -2.87 9.58
C ILE C 142 23.88 -4.18 8.81
N VAL C 143 24.26 -5.25 9.49
CA VAL C 143 24.45 -6.57 8.89
C VAL C 143 23.83 -7.68 9.73
N SER C 144 23.30 -8.69 9.05
CA SER C 144 22.71 -9.85 9.68
C SER C 144 23.66 -11.01 9.47
N VAL C 145 24.01 -11.70 10.56
CA VAL C 145 24.69 -13.00 10.50
C VAL C 145 23.76 -14.09 11.06
N PRO C 146 23.41 -15.09 10.24
CA PRO C 146 23.72 -15.28 8.82
C PRO C 146 22.90 -14.35 7.96
N GLN C 147 22.99 -14.53 6.64
CA GLN C 147 22.05 -13.89 5.71
C GLN C 147 21.58 -14.90 4.66
N VAL C 148 20.53 -14.53 3.92
CA VAL C 148 19.87 -15.44 3.00
C VAL C 148 20.61 -15.41 1.65
N SER C 149 20.71 -16.58 1.01
CA SER C 149 21.30 -16.69 -0.33
C SER C 149 20.51 -17.69 -1.16
N GLY C 150 19.47 -17.18 -1.83
CA GLY C 150 18.68 -17.98 -2.76
C GLY C 150 17.86 -19.04 -2.06
N ASP C 151 18.48 -20.18 -1.80
CA ASP C 151 17.81 -21.35 -1.20
C ASP C 151 18.44 -21.83 0.12
N SER C 152 19.40 -21.06 0.65
CA SER C 152 20.06 -21.42 1.90
C SER C 152 20.74 -20.21 2.56
N TRP C 153 21.44 -20.46 3.65
CA TRP C 153 21.99 -19.40 4.50
C TRP C 153 23.46 -19.09 4.17
N ASN C 154 24.01 -18.08 4.83
CA ASN C 154 25.43 -17.75 4.73
C ASN C 154 25.97 -17.23 6.07
N TYR C 155 26.72 -18.08 6.77
CA TYR C 155 27.14 -17.81 8.13
C TYR C 155 28.47 -17.07 8.18
N ASP C 156 29.15 -16.98 7.04
CA ASP C 156 30.44 -16.30 6.93
C ASP C 156 30.31 -15.25 5.84
N VAL C 157 30.26 -13.98 6.25
CA VAL C 157 29.70 -12.92 5.42
C VAL C 157 30.68 -11.74 5.33
N THR C 158 30.89 -11.25 4.12
CA THR C 158 31.78 -10.13 3.86
C THR C 158 30.99 -8.83 3.80
N ILE C 159 31.58 -7.76 4.33
CA ILE C 159 31.00 -6.42 4.23
C ILE C 159 32.04 -5.43 3.68
N ASN C 160 32.10 -5.34 2.35
CA ASN C 160 32.89 -4.30 1.67
C ASN C 160 32.32 -2.93 1.99
N PRO C 161 33.04 -2.11 2.79
CA PRO C 161 32.48 -0.86 3.28
C PRO C 161 32.57 0.23 2.20
N LYS C 162 32.48 1.50 2.62
CA LYS C 162 32.79 2.62 1.73
C LYS C 162 34.23 3.08 2.00
N ASP C 163 35.00 3.26 0.92
CA ASP C 163 36.40 3.70 1.03
C ASP C 163 36.44 5.24 0.89
N ASN C 164 35.52 5.91 1.58
CA ASN C 164 34.97 7.18 1.10
C ASN C 164 35.53 8.44 1.77
N THR C 165 35.28 9.58 1.12
CA THR C 165 36.14 10.76 1.18
C THR C 165 35.45 11.87 1.97
N PRO C 166 36.17 12.97 2.28
CA PRO C 166 35.47 14.11 2.89
C PRO C 166 34.48 14.75 1.92
N ILE C 167 33.44 15.39 2.48
CA ILE C 167 32.47 16.13 1.68
C ILE C 167 32.26 17.54 2.23
N LEU C 168 32.26 18.53 1.34
CA LEU C 168 31.65 19.85 1.55
C LEU C 168 30.74 20.15 0.37
N GLU C 169 29.46 20.33 0.66
CA GLU C 169 28.41 20.30 -0.37
C GLU C 169 27.44 21.44 -0.05
N LYS C 170 27.54 22.55 -0.79
CA LYS C 170 26.58 23.66 -0.70
C LYS C 170 25.51 23.54 -1.79
N ASN C 171 24.26 23.82 -1.41
CA ASN C 171 23.15 23.89 -2.35
C ASN C 171 22.22 25.08 -2.04
N ILE C 172 21.54 25.55 -3.08
CA ILE C 172 20.37 26.40 -2.91
C ILE C 172 19.17 25.48 -2.70
N VAL C 173 18.30 25.84 -1.77
CA VAL C 173 17.09 25.08 -1.49
C VAL C 173 15.92 25.84 -2.11
N LYS C 174 15.40 25.33 -3.22
CA LYS C 174 14.28 25.97 -3.93
C LYS C 174 13.25 24.89 -4.28
N GLU C 175 11.99 25.13 -3.92
CA GLU C 175 10.87 24.23 -4.22
C GLU C 175 11.18 22.81 -3.77
N ASN C 176 11.43 22.66 -2.46
CA ASN C 176 11.94 21.42 -1.85
C ASN C 176 12.86 20.60 -2.78
N GLN C 177 13.86 21.28 -3.34
CA GLN C 177 14.89 20.66 -4.16
C GLN C 177 16.23 21.31 -3.90
N ARG C 178 17.30 20.52 -3.95
CA ARG C 178 18.64 21.00 -3.68
C ARG C 178 19.36 21.14 -5.00
N VAL C 179 19.61 22.39 -5.39
CA VAL C 179 20.20 22.72 -6.70
C VAL C 179 21.45 23.60 -6.55
N LYS C 180 22.32 23.52 -7.55
CA LYS C 180 23.57 24.25 -7.56
C LYS C 180 23.43 25.67 -8.10
N THR C 181 22.40 25.93 -8.91
CA THR C 181 22.13 27.23 -9.51
C THR C 181 20.63 27.56 -9.45
N SER C 182 20.32 28.85 -9.44
CA SER C 182 18.94 29.30 -9.43
C SER C 182 18.82 30.68 -10.04
N SER C 183 17.58 31.13 -10.25
CA SER C 183 17.28 32.49 -10.64
C SER C 183 16.20 33.07 -9.74
N GLU C 184 16.33 34.36 -9.42
CA GLU C 184 15.40 35.05 -8.53
C GLU C 184 15.30 36.52 -8.92
N ASN C 185 14.26 37.19 -8.43
CA ASN C 185 14.08 38.63 -8.58
C ASN C 185 14.89 39.35 -7.52
N ILE C 186 15.29 40.59 -7.78
CA ILE C 186 15.78 41.49 -6.74
C ILE C 186 14.72 41.55 -5.65
N GLY C 187 15.16 41.35 -4.41
CA GLY C 187 14.26 41.35 -3.26
C GLY C 187 13.94 39.96 -2.75
N ASP C 188 14.00 38.95 -3.63
CA ASP C 188 13.62 37.60 -3.26
C ASP C 188 14.69 36.95 -2.37
N VAL C 189 14.25 35.98 -1.57
CA VAL C 189 15.11 35.22 -0.70
C VAL C 189 15.79 34.08 -1.49
N VAL C 190 17.05 33.81 -1.17
CA VAL C 190 17.76 32.62 -1.65
C VAL C 190 18.16 31.80 -0.43
N LYS C 191 17.49 30.66 -0.23
CA LYS C 191 17.78 29.78 0.90
C LYS C 191 18.96 28.88 0.56
N TYR C 192 19.90 28.75 1.51
CA TYR C 192 21.07 27.89 1.36
C TYR C 192 21.07 26.72 2.33
N GLU C 193 21.74 25.65 1.93
CA GLU C 193 22.02 24.51 2.81
C GLU C 193 23.43 23.98 2.51
N VAL C 194 24.23 23.79 3.56
CA VAL C 194 25.52 23.10 3.46
C VAL C 194 25.46 21.77 4.21
N LYS C 195 26.05 20.73 3.62
CA LYS C 195 26.37 19.48 4.31
C LYS C 195 27.89 19.35 4.35
N ALA C 196 28.42 18.98 5.52
CA ALA C 196 29.85 18.67 5.65
C ALA C 196 30.11 17.45 6.54
N SER C 197 31.08 16.64 6.13
CA SER C 197 31.68 15.62 7.01
C SER C 197 32.23 16.27 8.27
N ILE C 198 32.14 15.53 9.37
CA ILE C 198 32.99 15.77 10.55
C ILE C 198 34.15 14.76 10.49
N PRO C 199 35.40 15.25 10.38
CA PRO C 199 36.53 14.32 10.37
C PRO C 199 36.73 13.71 11.75
N VAL C 200 37.12 12.44 11.80
CA VAL C 200 37.43 11.77 13.07
C VAL C 200 38.93 11.92 13.38
N TYR C 201 39.25 11.91 14.67
CA TYR C 201 40.64 11.81 15.14
C TYR C 201 40.75 10.78 16.26
N GLN C 202 41.98 10.36 16.53
CA GLN C 202 42.32 9.56 17.72
C GLN C 202 42.19 10.38 19.02
N LYS C 203 42.08 9.68 20.13
CA LYS C 203 41.42 10.21 21.34
C LYS C 203 42.24 11.31 22.06
N ASN C 204 43.56 11.22 21.97
CA ASN C 204 44.46 12.17 22.65
C ASN C 204 44.43 13.60 22.10
N ALA C 205 44.33 13.74 20.77
CA ALA C 205 44.69 14.98 20.08
C ALA C 205 43.59 16.05 20.25
N GLN C 206 43.94 17.16 20.89
CA GLN C 206 42.99 18.21 21.29
C GLN C 206 43.32 19.51 20.56
N ASP C 207 42.49 20.53 20.79
CA ASP C 207 42.58 21.83 20.08
C ASP C 207 42.48 21.65 18.56
N ILE C 208 41.34 21.09 18.12
CA ILE C 208 41.04 20.90 16.71
C ILE C 208 40.26 22.12 16.20
N MET C 209 40.72 22.69 15.08
CA MET C 209 40.00 23.73 14.34
C MET C 209 38.96 23.11 13.42
N TYR C 210 37.73 23.63 13.49
CA TYR C 210 36.67 23.31 12.54
C TYR C 210 35.94 24.62 12.19
N LYS C 211 36.31 25.20 11.04
CA LYS C 211 36.07 26.63 10.76
C LYS C 211 35.54 26.80 9.34
N PHE C 212 34.28 27.22 9.23
CA PHE C 212 33.67 27.55 7.94
C PHE C 212 33.91 29.02 7.60
N THR C 213 34.23 29.29 6.33
CA THR C 213 34.25 30.65 5.78
C THR C 213 33.28 30.75 4.60
N ASP C 214 32.12 31.35 4.85
CA ASP C 214 31.13 31.59 3.81
C ASP C 214 31.33 32.98 3.22
N THR C 215 31.37 33.08 1.89
CA THR C 215 31.55 34.37 1.20
C THR C 215 30.40 34.59 0.24
N MET C 216 29.67 35.67 0.46
CA MET C 216 28.62 36.12 -0.43
C MET C 216 29.11 37.33 -1.21
N SER C 217 28.97 37.28 -2.52
CA SER C 217 29.24 38.42 -3.37
C SER C 217 28.23 39.56 -3.12
N LYS C 218 28.58 40.74 -3.61
CA LYS C 218 27.97 42.00 -3.18
C LYS C 218 26.47 42.14 -3.53
N GLY C 219 26.06 41.45 -4.60
CA GLY C 219 24.66 41.35 -4.99
C GLY C 219 23.74 40.63 -4.01
N LEU C 220 24.32 39.88 -3.07
CA LEU C 220 23.57 39.18 -2.03
C LEU C 220 23.69 39.87 -0.67
N THR C 221 22.57 40.08 0.01
CA THR C 221 22.59 40.54 1.39
C THR C 221 22.25 39.39 2.33
N TYR C 222 23.21 39.08 3.21
CA TYR C 222 23.06 38.03 4.24
C TYR C 222 21.96 38.37 5.24
N ASP C 223 21.03 37.43 5.41
CA ASP C 223 19.92 37.56 6.35
C ASP C 223 20.41 37.18 7.74
N GLU C 224 20.80 38.18 8.52
CA GLU C 224 21.41 37.95 9.83
C GLU C 224 20.42 38.08 10.97
N LYS C 225 19.22 38.60 10.68
CA LYS C 225 18.04 38.38 11.53
C LYS C 225 17.73 36.89 11.67
N THR C 226 17.54 36.22 10.55
CA THR C 226 17.21 34.79 10.56
C THR C 226 18.40 33.99 11.06
N GLY C 227 19.58 34.30 10.55
CA GLY C 227 20.82 33.71 11.06
C GLY C 227 20.97 32.24 10.73
N PHE C 228 21.98 31.62 11.34
CA PHE C 228 22.33 30.22 11.07
C PHE C 228 21.53 29.27 11.96
N LYS C 229 21.04 28.17 11.37
CA LYS C 229 20.57 27.00 12.11
C LYS C 229 21.56 25.84 11.87
N VAL C 230 22.39 25.58 12.86
CA VAL C 230 23.39 24.51 12.79
C VAL C 230 22.81 23.25 13.41
N THR C 231 22.88 22.13 12.69
CA THR C 231 22.35 20.85 13.16
C THR C 231 23.21 19.65 12.78
N SER C 232 23.08 18.58 13.57
CA SER C 232 23.46 17.23 13.14
C SER C 232 22.33 16.25 13.44
N GLY C 233 21.80 15.62 12.40
CA GLY C 233 20.55 14.89 12.48
C GLY C 233 19.50 15.70 13.21
N ASP C 234 19.08 15.21 14.38
CA ASP C 234 18.09 15.90 15.21
C ASP C 234 18.71 16.78 16.30
N LYS C 235 20.04 16.78 16.42
CA LYS C 235 20.74 17.65 17.35
C LYS C 235 20.81 19.07 16.81
N VAL C 236 20.14 20.00 17.51
CA VAL C 236 20.31 21.43 17.30
C VAL C 236 21.42 21.97 18.19
N PHE C 237 22.53 22.39 17.60
CA PHE C 237 23.56 23.13 18.32
C PHE C 237 23.13 24.58 18.54
N ALA C 238 23.80 25.26 19.47
CA ALA C 238 23.39 26.60 19.92
C ALA C 238 24.58 27.56 19.90
N LYS C 239 24.27 28.83 19.66
CA LYS C 239 25.28 29.85 19.34
C LYS C 239 26.05 30.23 20.61
N ASP C 240 27.29 30.68 20.44
CA ASP C 240 28.21 31.05 21.53
C ASP C 240 28.56 29.92 22.52
N LYS C 241 28.30 28.67 22.14
CA LYS C 241 28.61 27.50 22.95
C LYS C 241 29.35 26.48 22.07
N ASP C 242 28.62 25.94 21.10
CA ASP C 242 29.15 24.94 20.19
C ASP C 242 29.89 25.61 19.03
N TYR C 243 29.35 26.75 18.58
CA TYR C 243 29.95 27.53 17.49
C TYR C 243 29.82 29.03 17.73
N THR C 244 30.66 29.81 17.05
CA THR C 244 30.49 31.27 16.94
C THR C 244 30.15 31.68 15.50
N VAL C 245 29.66 32.91 15.33
CA VAL C 245 29.34 33.49 14.01
C VAL C 245 29.84 34.94 13.92
N GLU C 246 31.02 35.13 13.36
CA GLU C 246 31.57 36.47 13.08
C GLU C 246 31.18 36.88 11.65
N VAL C 247 30.74 38.13 11.48
CA VAL C 247 30.35 38.68 10.17
C VAL C 247 31.17 39.92 9.82
N LYS C 248 31.98 39.82 8.76
CA LYS C 248 32.67 40.97 8.18
C LYS C 248 31.95 41.37 6.88
N LYS C 249 31.32 42.54 6.90
CA LYS C 249 30.75 43.15 5.70
C LYS C 249 31.62 44.33 5.29
N GLN C 250 32.09 44.35 4.04
CA GLN C 250 32.57 45.58 3.40
C GLN C 250 31.48 46.16 2.49
N GLU C 251 31.32 47.48 2.50
CA GLU C 251 30.02 48.11 2.21
C GLU C 251 29.73 48.32 0.72
N ASP C 252 30.78 48.45 -0.09
CA ASP C 252 30.69 48.14 -1.53
C ASP C 252 30.23 46.70 -1.77
N GLY C 253 30.81 45.76 -1.04
CA GLY C 253 31.27 44.48 -1.58
C GLY C 253 30.82 43.28 -0.78
N GLU C 254 31.74 42.34 -0.55
CA GLU C 254 31.42 41.01 -0.06
C GLU C 254 30.97 41.02 1.39
N THR C 255 30.10 40.07 1.74
CA THR C 255 29.91 39.63 3.12
C THR C 255 30.66 38.32 3.25
N VAL C 256 31.58 38.25 4.22
CA VAL C 256 32.28 37.01 4.52
C VAL C 256 32.04 36.66 5.99
N ILE C 257 31.63 35.42 6.23
CA ILE C 257 31.11 35.00 7.52
C ILE C 257 31.94 33.80 8.00
N THR C 258 32.62 33.96 9.13
CA THR C 258 33.37 32.87 9.75
C THR C 258 32.46 32.16 10.75
N ILE C 259 32.33 30.84 10.58
CA ILE C 259 31.63 30.00 11.55
C ILE C 259 32.63 29.02 12.18
N ASN C 260 33.07 29.37 13.39
CA ASN C 260 34.09 28.61 14.11
C ASN C 260 33.43 27.70 15.13
N PHE C 261 33.76 26.41 15.07
CA PHE C 261 33.18 25.41 15.97
C PHE C 261 34.15 25.07 17.09
N VAL C 262 33.62 24.90 18.30
CA VAL C 262 34.26 24.09 19.34
C VAL C 262 34.15 22.62 18.93
N TYR C 263 35.26 22.08 18.43
CA TYR C 263 35.28 20.70 17.89
C TYR C 263 34.81 19.66 18.92
N GLU C 264 35.17 19.86 20.18
CA GLU C 264 34.84 18.91 21.26
C GLU C 264 33.33 18.61 21.28
N ASN C 265 32.53 19.66 21.19
CA ASN C 265 31.08 19.55 21.42
C ASN C 265 30.26 18.93 20.28
N ILE C 266 30.88 18.72 19.12
CA ILE C 266 30.21 18.08 17.97
C ILE C 266 30.73 16.67 17.67
N LYS C 267 31.78 16.25 18.36
CA LYS C 267 32.56 15.06 17.99
C LYS C 267 31.74 13.77 18.08
N ALA C 268 30.80 13.73 19.04
CA ALA C 268 29.84 12.62 19.16
C ALA C 268 29.03 12.41 17.88
N TYR C 269 28.72 13.50 17.18
CA TYR C 269 27.80 13.45 16.03
C TYR C 269 28.59 13.40 14.70
N ALA C 270 29.71 12.67 14.70
CA ALA C 270 30.58 12.58 13.53
C ALA C 270 29.91 11.95 12.32
N GLU C 271 29.06 10.96 12.60
CA GLU C 271 28.48 10.11 11.57
C GLU C 271 27.21 10.71 10.94
N THR C 272 26.59 11.65 11.65
CA THR C 272 25.45 12.41 11.12
C THR C 272 25.85 13.69 10.36
N GLY C 273 27.11 14.11 10.48
CA GLY C 273 27.62 15.28 9.74
C GLY C 273 27.23 16.62 10.37
N ILE C 274 27.72 17.71 9.77
CA ILE C 274 27.19 19.05 10.05
C ILE C 274 26.27 19.49 8.90
N THR C 275 25.09 19.98 9.25
CA THR C 275 24.20 20.68 8.33
C THR C 275 24.04 22.14 8.78
N LEU C 276 24.30 23.06 7.85
CA LEU C 276 24.08 24.51 8.08
C LEU C 276 22.88 24.97 7.25
N ASN C 277 22.05 25.84 7.83
CA ASN C 277 20.86 26.38 7.17
C ASN C 277 20.80 27.90 7.32
N TYR C 278 20.96 28.60 6.19
CA TYR C 278 20.98 30.05 6.17
C TYR C 278 20.48 30.56 4.84
N GLN C 279 20.28 31.87 4.74
CA GLN C 279 19.65 32.48 3.58
C GLN C 279 20.09 33.92 3.36
N ALA C 280 19.97 34.37 2.12
CA ALA C 280 20.35 35.72 1.73
C ALA C 280 19.22 36.34 0.93
N THR C 281 19.38 37.59 0.55
CA THR C 281 18.44 38.29 -0.32
C THR C 281 19.19 38.98 -1.45
N LEU C 282 18.69 38.85 -2.67
CA LEU C 282 19.19 39.63 -3.82
C LEU C 282 18.93 41.11 -3.61
N ASN C 283 19.97 41.91 -3.84
CA ASN C 283 19.91 43.35 -3.63
C ASN C 283 20.16 44.09 -4.94
N LYS C 284 20.28 45.42 -4.88
CA LYS C 284 20.36 46.23 -6.07
C LYS C 284 21.76 46.26 -6.70
N ASP C 285 22.78 45.68 -6.06
CA ASP C 285 24.13 45.60 -6.67
C ASP C 285 24.33 44.32 -7.47
N VAL C 286 23.23 43.70 -7.88
CA VAL C 286 23.22 42.34 -8.37
C VAL C 286 23.82 42.29 -9.77
N VAL C 287 24.57 41.23 -10.09
CA VAL C 287 25.00 40.92 -11.46
C VAL C 287 23.78 40.56 -12.32
N ILE C 288 23.59 41.31 -13.41
CA ILE C 288 22.43 41.16 -14.33
C ILE C 288 22.99 41.16 -15.74
N SER C 289 22.78 40.06 -16.48
CA SER C 289 23.37 39.89 -17.82
C SER C 289 22.54 38.89 -18.62
N ASN C 290 22.91 38.70 -19.88
CA ASN C 290 22.32 37.65 -20.71
C ASN C 290 23.32 36.85 -21.56
N LYS C 291 24.61 36.99 -21.27
CA LYS C 291 25.60 35.98 -21.63
C LYS C 291 25.88 35.05 -20.47
N GLU C 292 26.59 33.98 -20.78
CA GLU C 292 27.25 33.16 -19.76
C GLU C 292 28.05 34.06 -18.84
N ASN C 293 27.81 33.91 -17.54
CA ASN C 293 28.43 34.75 -16.52
C ASN C 293 28.42 34.07 -15.16
N LEU C 294 28.98 34.74 -14.16
CA LEU C 294 29.24 34.13 -12.85
C LEU C 294 28.14 34.41 -11.85
N GLY C 295 27.35 35.44 -12.10
CA GLY C 295 26.14 35.68 -11.34
C GLY C 295 26.42 36.08 -9.91
N ASN C 296 25.55 35.65 -9.00
CA ASN C 296 25.60 36.07 -7.63
C ASN C 296 25.85 34.88 -6.74
N THR C 297 27.10 34.78 -6.27
CA THR C 297 27.66 33.55 -5.76
C THR C 297 27.53 33.50 -4.24
N ASN C 298 27.25 32.30 -3.72
CA ASN C 298 27.67 31.90 -2.39
C ASN C 298 28.81 30.90 -2.49
N ASN C 299 29.94 31.23 -1.88
CA ASN C 299 31.09 30.31 -1.75
C ASN C 299 31.21 29.88 -0.30
N ILE C 300 31.52 28.60 -0.09
CA ILE C 300 31.77 28.09 1.26
C ILE C 300 33.14 27.41 1.33
N GLN C 301 33.86 27.67 2.41
CA GLN C 301 35.15 27.03 2.70
C GLN C 301 35.05 26.34 4.06
N LEU C 302 35.63 25.16 4.17
CA LEU C 302 35.94 24.56 5.46
C LEU C 302 37.45 24.33 5.54
N ASP C 303 38.05 24.83 6.60
CA ASP C 303 39.39 24.44 7.03
C ASP C 303 39.29 23.58 8.28
N TYR C 304 39.93 22.41 8.25
CA TYR C 304 40.06 21.55 9.42
C TYR C 304 41.49 21.01 9.58
N THR C 305 41.80 20.64 10.82
CA THR C 305 43.15 20.18 11.19
C THR C 305 43.45 18.87 10.47
N ASN C 306 44.58 18.82 9.76
CA ASN C 306 45.01 17.59 9.11
C ASN C 306 45.76 16.71 10.14
N ASN C 307 47.08 16.86 10.25
CA ASN C 307 47.86 16.23 11.30
C ASN C 307 47.95 17.21 12.50
N PRO C 308 47.30 16.87 13.63
CA PRO C 308 47.15 17.84 14.72
C PRO C 308 48.37 18.05 15.63
N HIS C 309 49.40 17.21 15.47
CA HIS C 309 50.65 17.37 16.22
C HIS C 309 51.52 18.47 15.60
N VAL C 310 51.71 18.41 14.29
CA VAL C 310 52.39 19.48 13.53
C VAL C 310 51.43 20.65 13.28
N LYS C 311 51.93 21.87 13.49
CA LYS C 311 51.12 23.09 13.34
C LYS C 311 51.14 23.57 11.88
N ASP C 312 50.08 24.28 11.50
CA ASP C 312 49.82 24.68 10.11
C ASP C 312 49.79 23.50 9.12
N SER C 313 49.28 22.36 9.60
CA SER C 313 48.86 21.26 8.73
C SER C 313 47.33 21.24 8.72
N TYR C 314 46.76 21.63 7.57
CA TYR C 314 45.30 21.77 7.43
C TYR C 314 44.84 21.12 6.13
N LYS C 315 43.57 20.72 6.10
CA LYS C 315 42.86 20.38 4.87
C LYS C 315 41.92 21.52 4.46
N LYS C 316 41.76 21.71 3.16
CA LYS C 316 40.88 22.76 2.60
C LYS C 316 39.89 22.13 1.62
N LEU C 317 38.60 22.19 1.97
CA LEU C 317 37.51 21.90 1.03
C LEU C 317 36.77 23.18 0.68
N THR C 318 36.46 23.33 -0.61
CA THR C 318 35.66 24.46 -1.12
C THR C 318 34.45 23.94 -1.90
N ASP C 319 33.35 24.69 -1.83
CA ASP C 319 32.23 24.53 -2.77
C ASP C 319 31.49 25.85 -2.94
N LYS C 320 30.75 26.00 -4.05
CA LYS C 320 30.00 27.22 -4.31
C LYS C 320 28.75 27.01 -5.18
N VAL C 321 27.80 27.93 -5.03
CA VAL C 321 26.56 27.98 -5.80
C VAL C 321 26.38 29.41 -6.29
N THR C 322 25.41 29.62 -7.17
CA THR C 322 25.24 30.91 -7.81
C THR C 322 23.79 31.16 -8.24
N THR C 323 23.35 32.40 -8.08
CA THR C 323 22.00 32.78 -8.40
C THR C 323 22.00 33.90 -9.44
N TYR C 324 21.13 33.77 -10.43
CA TYR C 324 21.14 34.65 -11.60
C TYR C 324 19.90 35.53 -11.61
N THR C 325 20.00 36.70 -12.24
CA THR C 325 18.81 37.45 -12.63
C THR C 325 19.02 38.18 -13.95
N PHE C 326 17.93 38.55 -14.59
CA PHE C 326 17.94 39.18 -15.91
C PHE C 326 17.19 40.50 -15.87
N GLY C 327 17.26 41.24 -16.97
CA GLY C 327 16.45 42.44 -17.16
C GLY C 327 16.30 42.82 -18.62
N PHE C 328 15.35 43.70 -18.89
CA PHE C 328 15.17 44.23 -20.24
C PHE C 328 14.82 45.70 -20.19
N GLY C 329 15.22 46.42 -21.23
CA GLY C 329 14.73 47.76 -21.50
C GLY C 329 13.68 47.76 -22.58
N ILE C 330 12.96 48.88 -22.67
CA ILE C 330 12.10 49.19 -23.79
C ILE C 330 12.69 50.40 -24.50
N THR C 331 12.76 50.34 -25.83
CA THR C 331 13.14 51.51 -26.64
C THR C 331 11.90 51.99 -27.41
N LYS C 332 11.34 53.12 -26.96
CA LYS C 332 10.08 53.66 -27.51
C LYS C 332 10.42 54.61 -28.65
N VAL C 333 9.67 54.48 -29.74
CA VAL C 333 10.15 54.79 -31.07
C VAL C 333 8.97 55.09 -31.98
N ASP C 334 9.18 55.98 -32.94
CA ASP C 334 8.15 56.34 -33.92
C ASP C 334 7.91 55.19 -34.90
N SER C 335 6.64 54.98 -35.24
CA SER C 335 6.19 53.78 -35.94
C SER C 335 6.76 53.62 -37.36
N GLU C 336 6.93 54.75 -38.07
CA GLU C 336 7.44 54.75 -39.47
C GLU C 336 8.88 55.21 -39.54
N LEU C 337 9.26 56.17 -38.71
CA LEU C 337 10.65 56.59 -38.55
C LEU C 337 11.26 56.03 -37.26
N ASN C 338 11.82 54.82 -37.34
CA ASN C 338 12.32 54.11 -36.15
C ASN C 338 13.51 54.78 -35.43
N SER C 339 14.26 55.62 -36.15
CA SER C 339 15.39 56.36 -35.57
C SER C 339 14.96 57.56 -34.72
N LYS C 340 13.66 57.89 -34.74
CA LYS C 340 13.10 58.89 -33.83
C LYS C 340 12.69 58.28 -32.47
N LEU C 341 13.27 58.79 -31.39
CA LEU C 341 13.14 58.21 -30.04
C LEU C 341 12.24 59.10 -29.20
N LEU C 342 11.31 58.49 -28.45
CA LEU C 342 10.19 59.22 -27.85
C LEU C 342 10.25 59.18 -26.33
N GLN C 343 10.22 60.38 -25.73
CA GLN C 343 10.29 60.56 -24.28
C GLN C 343 8.90 60.68 -23.71
N GLY C 344 8.73 60.23 -22.46
CA GLY C 344 7.48 60.41 -21.71
C GLY C 344 6.42 59.34 -21.90
N ALA C 345 6.67 58.38 -22.81
CA ALA C 345 5.96 57.10 -22.81
C ALA C 345 6.18 56.38 -21.50
N GLU C 346 5.14 55.72 -21.00
CA GLU C 346 5.19 55.09 -19.69
C GLU C 346 4.69 53.66 -19.78
N PHE C 347 5.35 52.75 -19.07
CA PHE C 347 5.05 51.32 -19.14
C PHE C 347 4.92 50.68 -17.75
N SER C 348 4.04 49.69 -17.65
CA SER C 348 4.00 48.75 -16.53
C SER C 348 4.26 47.34 -17.06
N VAL C 349 4.88 46.52 -16.21
CA VAL C 349 5.27 45.16 -16.54
C VAL C 349 4.64 44.22 -15.51
N LYS C 350 4.08 43.11 -15.97
CA LYS C 350 3.28 42.21 -15.13
C LYS C 350 3.75 40.76 -15.33
N ASP C 351 3.72 39.97 -14.25
CA ASP C 351 3.99 38.52 -14.34
C ASP C 351 2.86 37.75 -15.05
N GLU C 352 3.07 36.46 -15.26
CA GLU C 352 2.08 35.59 -15.94
C GLU C 352 0.69 35.66 -15.32
N SER C 353 0.62 35.62 -13.99
CA SER C 353 -0.66 35.63 -13.26
C SER C 353 -1.51 36.87 -13.58
N GLY C 354 -0.98 38.06 -13.25
CA GLY C 354 -1.79 39.29 -13.28
C GLY C 354 -1.19 40.48 -12.55
N LYS C 355 -0.51 40.23 -11.42
CA LYS C 355 0.11 41.30 -10.62
C LYS C 355 1.28 41.95 -11.35
N THR C 356 1.64 43.16 -10.92
CA THR C 356 2.96 43.71 -11.20
C THR C 356 4.01 43.01 -10.34
N VAL C 357 4.93 42.31 -11.00
CA VAL C 357 6.32 42.24 -10.55
C VAL C 357 7.02 43.59 -10.82
N ALA C 358 8.28 43.58 -11.26
CA ALA C 358 8.85 44.65 -12.08
C ALA C 358 9.04 45.94 -11.28
N LYS C 359 10.00 45.90 -10.38
CA LYS C 359 10.09 46.84 -9.28
C LYS C 359 11.35 47.71 -9.29
N TYR C 360 12.28 47.47 -10.22
CA TYR C 360 13.61 48.08 -10.20
C TYR C 360 14.04 48.54 -11.59
N THR C 361 14.76 49.66 -11.64
CA THR C 361 15.14 50.29 -12.90
C THR C 361 16.48 50.98 -12.79
N TYR C 362 17.07 51.30 -13.94
CA TYR C 362 18.29 52.11 -14.02
C TYR C 362 17.92 53.58 -14.17
N ASP C 363 18.19 54.38 -13.13
CA ASP C 363 17.94 55.81 -13.18
C ASP C 363 18.97 56.50 -14.06
N GLU C 364 18.81 57.82 -14.25
CA GLU C 364 19.52 58.54 -15.30
C GLU C 364 21.06 58.57 -15.11
N LYS C 365 21.51 58.43 -13.87
CA LYS C 365 22.94 58.42 -13.54
C LYS C 365 23.57 57.02 -13.45
N GLY C 366 22.78 56.00 -13.83
CA GLY C 366 23.32 54.67 -14.13
C GLY C 366 23.26 53.73 -12.95
N GLN C 367 22.40 54.04 -11.98
CA GLN C 367 22.32 53.32 -10.73
C GLN C 367 20.97 52.61 -10.62
N VAL C 368 20.96 51.46 -9.96
CA VAL C 368 19.76 50.64 -9.84
C VAL C 368 19.01 51.14 -8.62
N VAL C 369 17.73 51.49 -8.81
CA VAL C 369 16.88 52.02 -7.75
C VAL C 369 15.51 51.36 -7.85
N SER C 370 14.76 51.41 -6.77
CA SER C 370 13.37 50.94 -6.78
C SER C 370 12.57 51.81 -7.74
N LEU C 371 11.67 51.19 -8.47
CA LEU C 371 10.81 51.89 -9.43
C LEU C 371 9.42 52.00 -8.85
N SER C 372 8.97 53.24 -8.67
CA SER C 372 7.78 53.54 -7.88
C SER C 372 6.51 53.15 -8.66
N GLY C 373 6.29 53.81 -9.79
CA GLY C 373 5.10 53.62 -10.61
C GLY C 373 5.48 53.06 -11.95
N ASN C 374 5.01 53.68 -13.02
CA ASN C 374 5.44 53.33 -14.37
C ASN C 374 6.88 53.74 -14.59
N GLY C 375 7.59 52.93 -15.37
CA GLY C 375 8.87 53.32 -15.94
C GLY C 375 8.65 54.26 -17.10
N VAL C 376 9.28 55.43 -17.04
CA VAL C 376 9.03 56.52 -17.98
C VAL C 376 10.21 56.57 -18.91
N THR C 377 9.95 56.72 -20.21
CA THR C 377 11.02 56.66 -21.20
C THR C 377 11.77 57.99 -21.24
N ASN C 378 12.86 58.00 -22.00
CA ASN C 378 14.06 58.76 -21.75
C ASN C 378 14.15 59.85 -22.80
N SER C 379 15.17 60.71 -22.73
CA SER C 379 15.67 61.42 -23.91
C SER C 379 15.92 60.48 -25.08
N LYS C 380 16.46 59.29 -24.78
CA LYS C 380 16.75 58.26 -25.79
C LYS C 380 15.69 57.16 -25.93
N GLY C 381 14.48 57.41 -25.42
CA GLY C 381 13.39 56.45 -25.53
C GLY C 381 13.45 55.21 -24.63
N ILE C 382 14.41 55.17 -23.70
CA ILE C 382 14.64 54.03 -22.80
C ILE C 382 13.95 54.17 -21.46
N THR C 383 13.25 53.11 -21.05
CA THR C 383 13.02 52.80 -19.65
C THR C 383 13.47 51.35 -19.44
N THR C 384 13.74 50.95 -18.19
CA THR C 384 14.25 49.60 -17.89
C THR C 384 13.50 48.95 -16.75
N PHE C 385 13.44 47.61 -16.78
CA PHE C 385 12.94 46.80 -15.68
C PHE C 385 13.91 45.66 -15.44
N VAL C 386 14.62 45.74 -14.32
CA VAL C 386 15.79 44.88 -14.09
C VAL C 386 15.62 44.08 -12.80
N GLY C 387 16.30 42.94 -12.72
CA GLY C 387 16.18 42.07 -11.57
C GLY C 387 14.94 41.22 -11.68
N LEU C 388 14.80 40.55 -12.82
CA LEU C 388 13.72 39.60 -13.07
C LEU C 388 14.27 38.27 -13.57
N LYS C 389 13.69 37.19 -13.09
CA LYS C 389 14.02 35.85 -13.60
C LYS C 389 13.31 35.54 -14.93
N GLU C 390 13.66 34.40 -15.53
CA GLU C 390 12.95 33.87 -16.71
C GLU C 390 11.44 33.70 -16.46
N GLY C 391 10.64 33.91 -17.50
CA GLY C 391 9.17 33.98 -17.34
C GLY C 391 8.53 34.74 -18.48
N LYS C 392 7.20 34.65 -18.58
CA LYS C 392 6.43 35.53 -19.50
C LYS C 392 6.04 36.82 -18.78
N TYR C 393 6.38 37.96 -19.38
CA TYR C 393 6.11 39.28 -18.81
C TYR C 393 5.29 40.11 -19.80
N LEU C 394 4.30 40.84 -19.29
CA LEU C 394 3.36 41.62 -20.12
C LEU C 394 3.69 43.10 -20.02
N ILE C 395 4.12 43.68 -21.13
CA ILE C 395 4.52 45.09 -21.22
C ILE C 395 3.35 45.91 -21.76
N THR C 396 2.80 46.79 -20.93
CA THR C 396 1.58 47.55 -21.26
C THR C 396 1.90 49.05 -21.23
N GLU C 397 1.62 49.75 -22.32
CA GLU C 397 1.76 51.20 -22.36
C GLU C 397 0.61 51.86 -21.62
N GLU C 398 0.93 52.46 -20.48
CA GLU C 398 -0.04 53.13 -19.63
C GLU C 398 -0.30 54.55 -20.12
N VAL C 399 0.75 55.24 -20.56
CA VAL C 399 0.64 56.60 -21.09
C VAL C 399 1.43 56.73 -22.41
N ALA C 400 0.81 57.33 -23.41
CA ALA C 400 1.47 57.55 -24.70
C ALA C 400 2.47 58.69 -24.57
N PRO C 401 3.52 58.68 -25.41
CA PRO C 401 4.28 59.91 -25.56
C PRO C 401 3.45 61.00 -26.26
N SER C 402 3.75 62.25 -25.96
CA SER C 402 2.95 63.38 -26.43
C SER C 402 2.92 63.39 -27.96
N GLY C 403 1.73 63.58 -28.52
CA GLY C 403 1.52 63.50 -29.97
C GLY C 403 1.06 62.15 -30.46
N TYR C 404 1.37 61.08 -29.71
CA TYR C 404 1.14 59.70 -30.16
C TYR C 404 -0.05 59.13 -29.43
N SER C 405 -0.66 58.10 -30.03
CA SER C 405 -1.78 57.40 -29.40
C SER C 405 -1.34 56.12 -28.68
N LEU C 406 -2.22 55.62 -27.83
CA LEU C 406 -1.92 54.46 -26.98
C LEU C 406 -1.94 53.19 -27.84
N LEU C 407 -1.11 52.21 -27.49
CA LEU C 407 -1.15 50.90 -28.12
C LEU C 407 -2.41 50.17 -27.71
N LYS C 408 -3.03 49.46 -28.65
CA LYS C 408 -4.27 48.71 -28.39
C LYS C 408 -4.03 47.56 -27.43
N ASN C 409 -2.93 46.83 -27.65
CA ASN C 409 -2.61 45.65 -26.87
C ASN C 409 -1.29 45.80 -26.11
N PRO C 410 -1.10 45.00 -25.05
CA PRO C 410 0.25 44.85 -24.49
C PRO C 410 1.18 44.05 -25.40
N VAL C 411 2.46 44.12 -25.09
CA VAL C 411 3.49 43.34 -25.77
C VAL C 411 3.98 42.30 -24.76
N GLU C 412 4.01 41.03 -25.16
CA GLU C 412 4.40 39.95 -24.26
C GLU C 412 5.78 39.45 -24.67
N VAL C 413 6.69 39.41 -23.69
CA VAL C 413 8.01 38.81 -23.89
C VAL C 413 8.16 37.60 -23.01
N THR C 414 8.73 36.54 -23.57
CA THR C 414 9.18 35.40 -22.81
C THR C 414 10.71 35.50 -22.72
N ILE C 415 11.24 35.54 -21.50
CA ILE C 415 12.65 35.30 -21.26
C ILE C 415 12.85 33.84 -20.91
N THR C 416 13.75 33.18 -21.62
CA THR C 416 14.13 31.79 -21.35
C THR C 416 15.60 31.76 -20.95
N ALA C 417 15.87 31.11 -19.81
CA ALA C 417 17.23 30.97 -19.28
C ALA C 417 17.92 29.76 -19.92
N ASN C 418 19.10 29.99 -20.46
CA ASN C 418 19.99 28.92 -20.92
C ASN C 418 20.38 28.00 -19.76
N LYS C 419 20.59 26.73 -20.09
CA LYS C 419 21.16 25.76 -19.17
C LYS C 419 22.40 25.13 -19.78
N ASP C 420 23.19 24.44 -18.95
CA ASP C 420 24.35 23.67 -19.43
C ASP C 420 24.01 22.17 -19.43
N GLU C 421 24.99 21.34 -19.77
CA GLU C 421 24.81 19.88 -19.88
C GLU C 421 24.30 19.22 -18.59
N SER C 422 24.68 19.79 -17.44
CA SER C 422 24.27 19.27 -16.13
C SER C 422 22.91 19.83 -15.68
N GLY C 423 22.30 20.70 -16.49
CA GLY C 423 21.03 21.32 -16.15
C GLY C 423 21.13 22.52 -15.23
N LYS C 424 22.31 23.16 -15.20
CA LYS C 424 22.53 24.35 -14.39
C LYS C 424 22.38 25.58 -15.25
N TYR C 425 21.88 26.66 -14.66
CA TYR C 425 21.89 27.97 -15.30
C TYR C 425 23.33 28.35 -15.65
N THR C 426 23.53 28.81 -16.87
CA THR C 426 24.80 29.42 -17.26
C THR C 426 24.84 30.92 -17.01
N GLY C 427 23.68 31.54 -16.79
CA GLY C 427 23.56 32.99 -16.70
C GLY C 427 23.12 33.64 -18.01
N ALA C 428 23.27 32.94 -19.13
CA ALA C 428 22.84 33.46 -20.42
C ALA C 428 21.31 33.39 -20.51
N ALA C 429 20.72 34.20 -21.38
CA ALA C 429 19.28 34.12 -21.64
C ALA C 429 18.92 34.62 -23.04
N THR C 430 17.76 34.18 -23.54
CA THR C 430 17.15 34.74 -24.75
C THR C 430 15.82 35.40 -24.42
N ILE C 431 15.40 36.31 -25.28
CA ILE C 431 14.09 36.97 -25.17
C ILE C 431 13.38 36.84 -26.52
N GLU C 432 12.06 36.66 -26.48
CA GLU C 432 11.23 36.68 -27.70
C GLU C 432 9.91 37.34 -27.44
N ILE C 433 9.39 38.04 -28.45
CA ILE C 433 7.98 38.41 -28.46
C ILE C 433 7.11 37.19 -28.67
N SER C 434 6.22 36.96 -27.71
CA SER C 434 5.52 35.69 -27.59
C SER C 434 4.00 35.78 -27.77
N ASN C 435 3.43 36.99 -27.88
CA ASN C 435 1.99 37.19 -28.11
C ASN C 435 1.60 37.75 -29.49
N GLY C 436 2.57 37.84 -30.42
CA GLY C 436 2.28 38.22 -31.81
C GLY C 436 2.09 39.71 -32.10
N ASN C 437 2.32 40.56 -31.11
CA ASN C 437 2.28 42.02 -31.30
C ASN C 437 3.41 42.43 -32.21
N LYS C 438 3.07 43.17 -33.27
CA LYS C 438 4.04 43.62 -34.27
C LYS C 438 4.68 44.95 -33.88
N ALA C 439 4.01 45.71 -33.00
CA ALA C 439 4.57 46.93 -32.43
C ALA C 439 5.85 46.65 -31.65
N GLY C 440 5.92 45.47 -31.03
CA GLY C 440 7.15 45.00 -30.37
C GLY C 440 8.16 44.45 -31.34
N GLN C 441 9.44 44.63 -31.04
CA GLN C 441 10.54 43.95 -31.73
C GLN C 441 11.82 43.91 -30.88
N ILE C 442 12.55 42.81 -30.95
CA ILE C 442 13.78 42.63 -30.16
C ILE C 442 14.98 43.16 -30.96
N ILE C 443 15.72 44.11 -30.37
CA ILE C 443 16.85 44.77 -31.02
C ILE C 443 18.10 44.55 -30.17
N ASN C 444 19.20 45.24 -30.48
CA ASN C 444 20.47 44.96 -29.79
C ASN C 444 20.45 45.40 -28.34
N ASP C 445 21.24 44.70 -27.53
CA ASP C 445 21.14 44.74 -26.07
C ASP C 445 21.51 46.12 -25.57
N ILE C 446 20.99 46.46 -24.40
CA ILE C 446 21.37 47.69 -23.70
C ILE C 446 22.48 47.35 -22.71
N SER C 447 23.67 47.91 -22.96
CA SER C 447 24.81 47.74 -22.07
C SER C 447 24.91 48.94 -21.15
N GLU C 448 24.62 48.73 -19.87
CA GLU C 448 24.79 49.76 -18.86
C GLU C 448 26.27 49.97 -18.52
N ASN C 449 26.57 51.09 -17.88
CA ASN C 449 27.97 51.49 -17.62
C ASN C 449 28.68 50.64 -16.57
N ASP C 450 27.90 50.11 -15.61
CA ASP C 450 28.41 49.16 -14.61
C ASP C 450 28.72 47.76 -15.13
N GLY C 451 28.50 47.53 -16.42
CA GLY C 451 28.81 46.25 -17.05
C GLY C 451 27.68 45.24 -16.99
N ASN C 452 26.52 45.65 -16.52
CA ASN C 452 25.32 44.82 -16.64
C ASN C 452 24.71 44.94 -18.03
N ILE C 453 24.08 43.86 -18.46
CA ILE C 453 23.55 43.73 -19.82
C ILE C 453 22.06 43.34 -19.77
N LEU C 454 21.22 44.16 -20.42
CA LEU C 454 19.78 43.96 -20.47
C LEU C 454 19.35 43.69 -21.91
N PHE C 455 18.23 42.98 -22.05
CA PHE C 455 17.56 42.84 -23.35
C PHE C 455 17.02 44.20 -23.78
N ASN C 456 16.70 44.32 -25.07
CA ASN C 456 16.13 45.55 -25.58
C ASN C 456 14.91 45.26 -26.45
N VAL C 457 13.72 45.59 -25.94
CA VAL C 457 12.47 45.45 -26.68
C VAL C 457 12.12 46.80 -27.31
N GLN C 458 12.35 46.95 -28.62
CA GLN C 458 11.85 48.11 -29.38
C GLN C 458 10.33 48.06 -29.48
N ILE C 459 9.67 49.18 -29.17
CA ILE C 459 8.23 49.29 -29.32
C ILE C 459 7.87 50.52 -30.18
N GLU C 460 7.03 50.31 -31.18
CA GLU C 460 6.67 51.37 -32.16
C GLU C 460 5.38 52.08 -31.75
N ASN C 461 5.38 53.41 -31.85
CA ASN C 461 4.20 54.22 -31.54
C ASN C 461 3.72 54.92 -32.81
N HIS C 462 2.44 54.76 -33.16
CA HIS C 462 1.82 55.50 -34.28
C HIS C 462 1.41 56.90 -33.82
N ALA C 463 1.78 57.91 -34.59
CA ALA C 463 1.44 59.30 -34.29
C ALA C 463 -0.05 59.53 -34.50
N GLY C 464 -0.65 60.34 -33.62
CA GLY C 464 -2.10 60.46 -33.54
C GLY C 464 -2.59 61.16 -32.28
N MET D 17 -34.18 -46.08 79.90
CA MET D 17 -34.44 -45.99 78.43
C MET D 17 -35.08 -47.31 77.92
N THR D 18 -34.40 -48.43 78.19
CA THR D 18 -34.92 -49.77 77.88
C THR D 18 -36.01 -50.22 78.89
N PRO D 19 -37.28 -50.37 78.44
CA PRO D 19 -38.44 -50.27 79.36
C PRO D 19 -38.64 -51.45 80.33
N SER D 20 -39.73 -51.41 81.09
CA SER D 20 -40.04 -52.40 82.13
C SER D 20 -41.54 -52.70 82.21
N ILE D 21 -41.90 -53.82 82.83
CA ILE D 21 -43.28 -54.35 82.79
C ILE D 21 -43.98 -54.06 84.13
N SER D 22 -45.30 -53.89 84.09
CA SER D 22 -46.12 -53.68 85.29
C SER D 22 -46.98 -54.90 85.64
N LYS D 23 -48.13 -55.05 84.98
CA LYS D 23 -49.17 -56.00 85.44
C LYS D 23 -50.20 -56.31 84.35
N ASP D 24 -50.84 -55.27 83.82
CA ASP D 24 -51.77 -55.40 82.69
C ASP D 24 -51.08 -55.35 81.30
N ALA D 25 -49.76 -55.58 81.28
CA ALA D 25 -49.07 -56.10 80.09
C ALA D 25 -49.23 -57.62 80.00
N PRO D 26 -50.07 -58.11 79.06
CA PRO D 26 -50.51 -59.51 79.12
C PRO D 26 -49.45 -60.55 78.70
N ILE D 27 -49.82 -61.83 78.72
CA ILE D 27 -49.02 -62.92 78.16
C ILE D 27 -48.75 -62.78 76.64
N LYS D 28 -49.69 -62.19 75.91
CA LYS D 28 -49.71 -62.23 74.44
C LYS D 28 -49.63 -60.83 73.83
N GLY D 29 -49.15 -60.75 72.59
CA GLY D 29 -49.16 -59.53 71.80
C GLY D 29 -50.17 -59.62 70.66
N SER D 30 -50.06 -58.70 69.70
CA SER D 30 -50.84 -58.77 68.46
C SER D 30 -50.08 -58.16 67.28
N ILE D 31 -50.13 -58.84 66.13
CA ILE D 31 -49.67 -58.26 64.86
C ILE D 31 -50.84 -58.21 63.87
N THR D 32 -50.96 -57.09 63.16
CA THR D 32 -51.91 -56.94 62.05
C THR D 32 -51.19 -56.36 60.83
N ILE D 33 -51.71 -56.66 59.64
CA ILE D 33 -51.13 -56.17 58.38
C ILE D 33 -52.17 -56.13 57.24
N SER D 34 -51.97 -55.22 56.28
CA SER D 34 -52.83 -55.10 55.09
C SER D 34 -52.01 -55.17 53.79
N LYS D 35 -52.45 -56.03 52.87
CA LYS D 35 -52.08 -55.93 51.45
C LYS D 35 -53.12 -56.58 50.54
N LYS D 36 -53.46 -57.84 50.82
CA LYS D 36 -54.68 -58.50 50.34
C LYS D 36 -54.65 -58.99 48.88
N GLY D 37 -53.68 -58.53 48.09
CA GLY D 37 -53.24 -59.25 46.90
C GLY D 37 -52.43 -60.50 47.21
N ALA D 38 -51.73 -60.51 48.34
CA ALA D 38 -50.93 -61.66 48.77
C ALA D 38 -50.69 -61.65 50.29
N THR D 39 -50.69 -62.87 50.87
CA THR D 39 -50.72 -63.06 52.32
C THR D 39 -49.33 -63.34 52.86
N PHE D 40 -49.11 -62.98 54.12
CA PHE D 40 -47.79 -63.07 54.75
C PHE D 40 -47.70 -64.24 55.75
N THR D 41 -46.54 -64.40 56.38
CA THR D 41 -46.26 -65.57 57.22
C THR D 41 -45.26 -65.21 58.32
N ALA D 42 -45.61 -65.52 59.57
CA ALA D 42 -44.75 -65.24 60.73
C ALA D 42 -44.03 -66.51 61.19
N TYR D 43 -42.70 -66.47 61.19
CA TYR D 43 -41.87 -67.53 61.75
C TYR D 43 -41.25 -67.03 63.05
N LYS D 44 -41.58 -67.69 64.16
CA LYS D 44 -41.09 -67.28 65.48
C LYS D 44 -39.64 -67.73 65.67
N LEU D 45 -38.78 -66.78 66.00
CA LEU D 45 -37.34 -67.01 66.08
C LEU D 45 -36.90 -67.15 67.52
N LEU D 46 -37.25 -66.16 68.36
CA LEU D 46 -36.94 -66.17 69.78
C LEU D 46 -38.21 -66.13 70.62
N ASP D 47 -38.19 -66.80 71.78
CA ASP D 47 -39.25 -66.65 72.79
C ASP D 47 -38.90 -65.53 73.74
N ALA D 48 -39.87 -64.67 74.02
CA ALA D 48 -39.76 -63.66 75.06
C ALA D 48 -40.47 -64.15 76.30
N THR D 49 -39.69 -64.51 77.32
CA THR D 49 -40.23 -65.15 78.52
C THR D 49 -39.95 -64.28 79.75
N LYS D 50 -41.02 -64.03 80.51
CA LYS D 50 -40.99 -63.07 81.61
C LYS D 50 -40.41 -63.71 82.87
N SER D 51 -39.46 -63.02 83.51
CA SER D 51 -39.13 -63.29 84.91
C SER D 51 -38.72 -61.99 85.62
N GLY D 52 -39.49 -61.62 86.64
CA GLY D 52 -39.30 -60.35 87.35
C GLY D 52 -39.66 -59.15 86.50
N ASP D 53 -38.77 -58.15 86.53
CA ASP D 53 -38.88 -56.97 85.66
C ASP D 53 -38.69 -57.35 84.18
N ALA D 54 -37.67 -58.16 83.91
CA ALA D 54 -37.15 -58.34 82.54
C ALA D 54 -38.01 -59.29 81.69
N TYR D 55 -37.86 -59.15 80.37
CA TYR D 55 -37.97 -60.29 79.45
C TYR D 55 -36.59 -60.89 79.20
N GLU D 56 -36.48 -62.20 79.41
CA GLU D 56 -35.32 -62.97 78.95
C GLU D 56 -35.68 -63.65 77.64
N TYR D 57 -34.75 -63.58 76.68
CA TYR D 57 -34.97 -64.12 75.34
C TYR D 57 -34.22 -65.45 75.15
N SER D 58 -34.86 -66.39 74.47
CA SER D 58 -34.19 -67.62 74.03
C SER D 58 -34.83 -68.16 72.75
N VAL D 59 -34.11 -69.08 72.07
CA VAL D 59 -34.48 -69.49 70.71
C VAL D 59 -35.68 -70.42 70.81
N ASN D 60 -36.58 -70.37 69.83
CA ASN D 60 -37.79 -71.18 69.85
C ASN D 60 -37.47 -72.61 69.47
N SER D 61 -38.10 -73.55 70.18
CA SER D 61 -37.88 -75.00 70.00
C SER D 61 -37.90 -75.47 68.53
N ASP D 62 -38.73 -74.84 67.72
CA ASP D 62 -38.84 -75.15 66.29
C ASP D 62 -37.55 -74.94 65.51
N LEU D 63 -36.75 -73.94 65.90
CA LEU D 63 -35.55 -73.55 65.17
C LEU D 63 -34.26 -73.74 65.97
N LYS D 64 -34.29 -74.55 67.03
CA LYS D 64 -33.06 -74.87 67.78
C LYS D 64 -31.99 -75.51 66.88
N ASP D 65 -32.45 -76.32 65.91
CA ASP D 65 -31.55 -76.99 64.97
C ASP D 65 -31.27 -76.17 63.71
N PHE D 66 -32.00 -75.06 63.53
CA PHE D 66 -31.65 -74.01 62.57
C PHE D 66 -30.52 -73.12 63.10
N PHE D 67 -30.71 -72.57 64.30
CA PHE D 67 -29.71 -71.67 64.90
C PHE D 67 -28.41 -72.41 65.17
N ASN D 68 -27.28 -71.73 64.93
CA ASN D 68 -25.95 -72.30 65.08
C ASN D 68 -25.80 -73.61 64.33
N ASN D 69 -26.11 -73.56 63.04
CA ASN D 69 -25.95 -74.70 62.12
C ASN D 69 -25.16 -74.25 60.89
N SER D 70 -24.10 -74.99 60.57
CA SER D 70 -23.21 -74.72 59.43
C SER D 70 -23.97 -74.57 58.13
N ASN D 71 -24.94 -75.44 57.91
CA ASN D 71 -25.64 -75.54 56.64
C ASN D 71 -26.80 -74.55 56.50
N TYR D 72 -27.07 -73.75 57.54
CA TYR D 72 -28.00 -72.63 57.44
C TYR D 72 -27.45 -71.34 58.04
N GLY D 73 -26.13 -71.13 57.89
CA GLY D 73 -25.51 -69.81 58.10
C GLY D 73 -24.99 -69.52 59.50
N SER D 74 -25.07 -70.51 60.39
CA SER D 74 -24.52 -70.41 61.75
C SER D 74 -24.96 -69.13 62.47
N TYR D 75 -26.26 -68.81 62.36
CA TYR D 75 -26.83 -67.65 63.04
C TYR D 75 -26.95 -67.92 64.53
N SER D 76 -26.56 -66.95 65.35
CA SER D 76 -26.75 -67.04 66.81
C SER D 76 -27.86 -66.09 67.25
N GLN D 77 -28.39 -66.36 68.44
CA GLN D 77 -29.33 -65.48 69.14
C GLN D 77 -28.93 -63.99 69.14
N GLU D 78 -27.62 -63.73 69.28
CA GLU D 78 -27.05 -62.37 69.20
C GLU D 78 -27.50 -61.59 67.95
N SER D 79 -27.49 -62.26 66.80
CA SER D 79 -27.57 -61.60 65.48
C SER D 79 -28.91 -60.91 65.19
N ILE D 80 -30.01 -61.60 65.49
CA ILE D 80 -31.39 -61.15 65.20
C ILE D 80 -31.61 -59.65 65.47
N GLN D 81 -31.14 -59.21 66.64
CA GLN D 81 -31.36 -57.84 67.10
C GLN D 81 -30.59 -56.80 66.26
N LYS D 82 -29.50 -57.23 65.61
CA LYS D 82 -28.60 -56.34 64.86
C LYS D 82 -28.32 -56.90 63.46
N LEU D 83 -29.30 -56.75 62.57
CA LEU D 83 -29.27 -57.33 61.22
C LEU D 83 -29.92 -56.37 60.22
N SER D 84 -29.15 -55.98 59.20
CA SER D 84 -29.40 -54.75 58.46
C SER D 84 -30.48 -54.92 57.38
N GLY D 85 -30.07 -55.23 56.15
CA GLY D 85 -30.95 -55.19 54.98
C GLY D 85 -30.75 -56.42 54.12
N GLU D 86 -29.65 -56.45 53.38
CA GLU D 86 -29.20 -57.66 52.67
C GLU D 86 -28.95 -58.81 53.64
N GLU D 87 -28.48 -58.48 54.83
CA GLU D 87 -28.30 -59.46 55.91
C GLU D 87 -29.60 -60.13 56.36
N VAL D 88 -30.70 -59.38 56.36
CA VAL D 88 -32.02 -59.89 56.76
C VAL D 88 -32.60 -60.77 55.65
N LYS D 89 -32.43 -60.33 54.41
CA LYS D 89 -32.75 -61.13 53.22
C LYS D 89 -31.99 -62.46 53.20
N GLU D 90 -30.69 -62.43 53.53
CA GLU D 90 -29.86 -63.64 53.56
C GLU D 90 -30.32 -64.62 54.62
N PHE D 91 -30.59 -64.10 55.81
CA PHE D 91 -31.22 -64.85 56.90
C PHE D 91 -32.52 -65.54 56.49
N ALA D 92 -33.34 -64.84 55.72
CA ALA D 92 -34.61 -65.39 55.23
C ALA D 92 -34.39 -66.56 54.26
N VAL D 93 -33.45 -66.39 53.33
CA VAL D 93 -33.08 -67.44 52.37
C VAL D 93 -32.67 -68.73 53.11
N LYS D 94 -31.80 -68.58 54.10
CA LYS D 94 -31.33 -69.74 54.87
C LYS D 94 -32.38 -70.30 55.83
N LEU D 95 -33.36 -69.50 56.20
CA LEU D 95 -34.49 -69.98 57.01
C LEU D 95 -35.52 -70.75 56.19
N HIS D 96 -35.89 -70.21 55.02
CA HIS D 96 -36.82 -70.91 54.11
C HIS D 96 -36.29 -72.29 53.73
N LYS D 97 -34.97 -72.39 53.50
CA LYS D 97 -34.34 -73.66 53.17
C LYS D 97 -34.41 -74.65 54.33
N TYR D 98 -34.13 -74.18 55.55
CA TYR D 98 -34.33 -75.00 56.75
C TYR D 98 -35.77 -75.44 56.84
N VAL D 99 -36.69 -74.47 56.76
CA VAL D 99 -38.13 -74.73 56.83
C VAL D 99 -38.60 -75.76 55.78
N LEU D 100 -38.09 -75.64 54.56
CA LEU D 100 -38.35 -76.63 53.50
C LEU D 100 -37.82 -78.03 53.85
N ASP D 101 -36.55 -78.09 54.24
CA ASP D 101 -35.86 -79.36 54.54
C ASP D 101 -36.55 -80.15 55.65
N ASN D 102 -37.12 -79.46 56.63
CA ASN D 102 -37.67 -80.09 57.83
C ASN D 102 -39.20 -80.09 57.89
N LYS D 103 -39.87 -79.85 56.75
CA LYS D 103 -41.33 -79.79 56.68
C LYS D 103 -41.97 -78.91 57.77
N LYS D 104 -41.31 -77.80 58.10
CA LYS D 104 -41.82 -76.86 59.10
C LYS D 104 -42.89 -75.99 58.47
N SER D 105 -43.78 -75.45 59.30
CA SER D 105 -44.86 -74.58 58.85
C SER D 105 -45.13 -73.51 59.91
N GLY D 106 -44.19 -72.58 60.02
CA GLY D 106 -44.37 -71.40 60.87
C GLY D 106 -45.52 -70.56 60.39
N LYS D 107 -46.21 -69.89 61.32
CA LYS D 107 -47.67 -69.81 61.30
C LYS D 107 -48.19 -68.88 60.22
N GLU D 108 -49.05 -69.42 59.36
CA GLU D 108 -49.60 -68.70 58.21
C GLU D 108 -50.66 -67.70 58.67
N LEU D 109 -50.97 -66.74 57.81
CA LEU D 109 -51.56 -65.48 58.23
C LEU D 109 -52.74 -65.10 57.33
N THR D 110 -53.82 -64.58 57.93
CA THR D 110 -55.00 -64.06 57.22
C THR D 110 -55.01 -62.53 57.27
N ASP D 111 -55.29 -61.92 56.12
CA ASP D 111 -54.84 -60.56 55.81
C ASP D 111 -55.88 -59.52 56.22
N GLY D 112 -55.42 -58.46 56.90
CA GLY D 112 -56.28 -57.34 57.30
C GLY D 112 -56.76 -57.43 58.74
N GLN D 113 -57.27 -58.60 59.12
CA GLN D 113 -57.74 -58.84 60.50
C GLN D 113 -56.55 -59.15 61.42
N LYS D 114 -56.74 -58.93 62.71
CA LYS D 114 -55.64 -58.99 63.70
C LYS D 114 -55.20 -60.44 63.98
N ASN D 115 -53.97 -60.57 64.50
CA ASN D 115 -53.42 -61.87 64.88
C ASN D 115 -52.80 -61.80 66.27
N THR D 116 -53.41 -62.47 67.24
CA THR D 116 -52.82 -62.68 68.56
C THR D 116 -51.64 -63.66 68.45
N VAL D 117 -50.51 -63.30 69.06
CA VAL D 117 -49.27 -64.06 68.97
C VAL D 117 -48.63 -64.24 70.35
N ASP D 118 -47.71 -65.18 70.47
CA ASP D 118 -46.79 -65.23 71.61
C ASP D 118 -45.78 -64.08 71.52
N LEU D 119 -45.24 -63.69 72.66
CA LEU D 119 -44.21 -62.67 72.72
C LEU D 119 -42.86 -63.27 72.33
N GLY D 120 -42.07 -62.48 71.59
CA GLY D 120 -40.89 -62.98 70.91
C GLY D 120 -40.49 -62.18 69.68
N TYR D 121 -39.28 -62.43 69.19
CA TYR D 121 -38.85 -61.98 67.86
C TYR D 121 -39.43 -62.89 66.77
N TYR D 122 -39.80 -62.30 65.64
CA TYR D 122 -40.32 -63.04 64.49
C TYR D 122 -39.57 -62.62 63.24
N LEU D 123 -39.48 -63.52 62.27
CA LEU D 123 -39.37 -63.14 60.86
C LEU D 123 -40.74 -63.23 60.20
N VAL D 124 -41.10 -62.19 59.44
CA VAL D 124 -42.37 -62.11 58.72
C VAL D 124 -42.13 -61.92 57.22
N THR D 125 -42.60 -62.86 56.40
CA THR D 125 -42.38 -62.85 54.95
C THR D 125 -43.68 -63.12 54.17
N GLU D 126 -43.60 -62.99 52.85
CA GLU D 126 -44.63 -63.49 51.92
C GLU D 126 -44.35 -64.96 51.58
N ALA D 127 -45.33 -65.83 51.81
CA ALA D 127 -45.23 -67.26 51.44
C ALA D 127 -45.70 -67.49 50.01
N SER D 128 -46.96 -67.15 49.75
CA SER D 128 -47.56 -67.27 48.41
C SER D 128 -48.23 -65.97 48.00
N SER D 129 -48.08 -65.62 46.72
CA SER D 129 -49.09 -64.80 46.03
C SER D 129 -50.33 -65.63 45.72
N ASP D 130 -51.39 -64.94 45.32
CA ASP D 130 -52.69 -65.56 45.09
C ASP D 130 -53.05 -65.74 43.62
N SER D 131 -52.31 -65.09 42.72
CA SER D 131 -52.44 -65.29 41.27
C SER D 131 -51.85 -66.64 40.83
N GLU D 132 -52.15 -67.02 39.60
CA GLU D 132 -51.27 -67.92 38.81
C GLU D 132 -50.14 -67.13 38.15
N GLY D 133 -50.42 -65.89 37.74
CA GLY D 133 -49.43 -64.99 37.18
C GLY D 133 -48.28 -64.65 38.12
N ALA D 134 -47.19 -64.15 37.55
CA ALA D 134 -45.88 -64.11 38.21
C ALA D 134 -45.91 -63.16 39.41
N ALA D 135 -45.23 -63.55 40.48
CA ALA D 135 -45.25 -62.80 41.73
C ALA D 135 -43.83 -62.44 42.14
N VAL D 136 -43.70 -61.33 42.87
CA VAL D 136 -42.43 -60.88 43.43
C VAL D 136 -42.55 -60.78 44.96
N ALA D 137 -41.56 -61.30 45.67
CA ALA D 137 -41.60 -61.39 47.13
C ALA D 137 -41.30 -60.02 47.73
N SER D 138 -42.11 -59.61 48.71
CA SER D 138 -41.78 -58.45 49.52
C SER D 138 -40.63 -58.75 50.47
N THR D 139 -39.88 -57.72 50.84
CA THR D 139 -38.71 -57.87 51.71
C THR D 139 -39.14 -58.42 53.08
N PRO D 140 -38.44 -59.45 53.59
CA PRO D 140 -38.63 -59.95 54.95
C PRO D 140 -38.38 -58.89 56.03
N ILE D 141 -39.19 -58.92 57.09
CA ILE D 141 -39.02 -58.04 58.25
C ILE D 141 -38.82 -58.90 59.49
N ILE D 142 -37.76 -58.63 60.23
CA ILE D 142 -37.61 -59.10 61.61
C ILE D 142 -38.31 -58.11 62.53
N VAL D 143 -39.35 -58.56 63.22
CA VAL D 143 -40.14 -57.69 64.11
C VAL D 143 -40.25 -58.25 65.54
N SER D 144 -40.19 -57.35 66.51
CA SER D 144 -40.17 -57.71 67.93
C SER D 144 -41.56 -57.49 68.49
N VAL D 145 -42.05 -58.45 69.27
CA VAL D 145 -43.30 -58.31 70.01
C VAL D 145 -43.04 -58.55 71.50
N PRO D 146 -43.15 -57.50 72.34
CA PRO D 146 -43.52 -56.14 71.99
C PRO D 146 -42.29 -55.30 71.62
N GLN D 147 -42.52 -54.12 71.04
CA GLN D 147 -41.44 -53.24 70.56
C GLN D 147 -41.31 -52.02 71.48
N VAL D 148 -40.13 -51.41 71.53
CA VAL D 148 -39.90 -50.18 72.30
C VAL D 148 -40.72 -49.01 71.72
N SER D 149 -41.83 -48.69 72.37
CA SER D 149 -42.78 -47.66 71.90
C SER D 149 -42.64 -46.37 72.72
N GLY D 150 -41.46 -45.78 72.66
CA GLY D 150 -41.13 -44.60 73.47
C GLY D 150 -41.08 -44.90 74.95
N ASP D 151 -42.25 -44.87 75.59
CA ASP D 151 -42.37 -45.04 77.05
C ASP D 151 -42.35 -46.52 77.39
N SER D 152 -43.37 -47.25 76.91
CA SER D 152 -43.70 -48.60 77.36
C SER D 152 -43.10 -49.62 76.39
N TRP D 153 -43.81 -50.72 76.16
CA TRP D 153 -43.77 -51.42 74.88
C TRP D 153 -45.16 -51.38 74.24
N ASN D 154 -45.22 -51.39 72.90
CA ASN D 154 -46.48 -51.65 72.19
C ASN D 154 -46.65 -53.14 71.89
N TYR D 155 -47.78 -53.69 72.32
CA TYR D 155 -48.03 -55.13 72.30
C TYR D 155 -48.83 -55.48 71.06
N ASP D 156 -49.87 -54.68 70.80
CA ASP D 156 -50.50 -54.63 69.49
C ASP D 156 -49.64 -53.81 68.53
N VAL D 157 -48.96 -54.51 67.62
CA VAL D 157 -48.05 -53.92 66.63
C VAL D 157 -48.64 -54.05 65.23
N THR D 158 -48.22 -53.17 64.32
CA THR D 158 -48.48 -53.33 62.89
C THR D 158 -47.35 -52.68 62.10
N ILE D 159 -46.73 -53.47 61.22
CA ILE D 159 -46.01 -52.96 60.05
C ILE D 159 -46.78 -53.41 58.80
N ASN D 160 -46.38 -52.91 57.63
CA ASN D 160 -47.25 -52.89 56.44
C ASN D 160 -46.51 -52.55 55.12
N PRO D 161 -46.02 -51.30 54.97
CA PRO D 161 -45.80 -50.69 53.64
C PRO D 161 -45.02 -51.47 52.56
N LYS D 162 -44.24 -52.50 52.95
CA LYS D 162 -43.45 -53.28 52.00
C LYS D 162 -44.31 -54.01 50.94
N ASP D 163 -44.68 -53.25 49.92
CA ASP D 163 -45.21 -53.76 48.65
C ASP D 163 -44.15 -53.45 47.58
N ASN D 164 -43.76 -54.45 46.82
CA ASN D 164 -42.67 -54.33 45.85
C ASN D 164 -43.08 -54.79 44.45
N THR D 165 -42.63 -54.04 43.44
CA THR D 165 -42.78 -54.40 42.03
C THR D 165 -41.45 -54.93 41.50
N PRO D 166 -41.47 -55.75 40.43
CA PRO D 166 -40.25 -56.44 40.01
C PRO D 166 -39.23 -55.49 39.38
N ILE D 167 -37.98 -55.57 39.82
CA ILE D 167 -36.93 -54.64 39.39
C ILE D 167 -35.93 -55.35 38.49
N LEU D 168 -35.49 -54.65 37.44
CA LEU D 168 -34.27 -54.98 36.71
C LEU D 168 -33.54 -53.68 36.41
N GLU D 169 -32.28 -53.60 36.82
CA GLU D 169 -31.51 -52.38 36.57
C GLU D 169 -30.02 -52.65 36.35
N LYS D 170 -29.50 -52.06 35.27
CA LYS D 170 -28.08 -52.12 34.97
C LYS D 170 -27.39 -50.83 35.37
N ASN D 171 -26.20 -50.97 35.93
CA ASN D 171 -25.35 -49.85 36.27
C ASN D 171 -23.93 -50.14 35.81
N ILE D 172 -23.25 -49.11 35.33
CA ILE D 172 -21.80 -49.09 35.29
C ILE D 172 -21.28 -48.92 36.72
N VAL D 173 -20.20 -49.62 37.06
CA VAL D 173 -19.53 -49.51 38.36
C VAL D 173 -18.21 -48.75 38.18
N LYS D 174 -18.08 -47.62 38.85
CA LYS D 174 -16.90 -46.76 38.72
C LYS D 174 -16.67 -45.93 39.99
N GLU D 175 -15.53 -46.18 40.65
CA GLU D 175 -15.11 -45.44 41.84
C GLU D 175 -16.08 -45.63 43.03
N ASN D 176 -16.34 -46.90 43.37
CA ASN D 176 -17.29 -47.31 44.42
C ASN D 176 -18.76 -46.96 44.18
N GLN D 177 -19.09 -46.54 42.96
CA GLN D 177 -20.38 -45.94 42.65
C GLN D 177 -21.04 -46.71 41.51
N ARG D 178 -22.34 -46.96 41.66
CA ARG D 178 -23.20 -47.40 40.56
C ARG D 178 -23.69 -46.19 39.79
N VAL D 179 -23.40 -46.14 38.49
CA VAL D 179 -23.83 -45.04 37.63
C VAL D 179 -24.48 -45.54 36.36
N LYS D 180 -25.39 -44.73 35.82
CA LYS D 180 -26.11 -45.05 34.58
C LYS D 180 -25.34 -44.65 33.32
N THR D 181 -24.39 -43.71 33.48
CA THR D 181 -23.51 -43.30 32.38
C THR D 181 -22.08 -43.08 32.86
N SER D 182 -21.12 -43.17 31.94
CA SER D 182 -19.71 -42.88 32.22
C SER D 182 -19.01 -42.36 30.97
N SER D 183 -17.74 -42.00 31.13
CA SER D 183 -16.83 -41.84 30.00
C SER D 183 -15.52 -42.55 30.28
N GLU D 184 -14.94 -43.13 29.24
CA GLU D 184 -13.60 -43.70 29.32
C GLU D 184 -12.78 -43.36 28.08
N ASN D 185 -11.50 -43.75 28.13
CA ASN D 185 -10.65 -43.79 26.94
C ASN D 185 -10.81 -45.09 26.18
N ILE D 186 -10.41 -45.09 24.91
CA ILE D 186 -10.27 -46.34 24.17
C ILE D 186 -9.20 -47.21 24.83
N GLY D 187 -9.56 -48.47 25.07
CA GLY D 187 -8.67 -49.41 25.76
C GLY D 187 -9.08 -49.72 27.19
N ASP D 188 -9.86 -48.82 27.80
CA ASP D 188 -10.27 -48.97 29.21
C ASP D 188 -11.40 -49.98 29.35
N VAL D 189 -11.51 -50.53 30.56
CA VAL D 189 -12.62 -51.38 30.95
C VAL D 189 -13.83 -50.53 31.39
N VAL D 190 -15.02 -50.97 30.99
CA VAL D 190 -16.29 -50.52 31.58
C VAL D 190 -16.88 -51.69 32.37
N LYS D 191 -17.00 -51.52 33.69
CA LYS D 191 -17.51 -52.58 34.58
C LYS D 191 -19.02 -52.45 34.78
N TYR D 192 -19.76 -53.52 34.48
CA TYR D 192 -21.23 -53.53 34.59
C TYR D 192 -21.66 -54.32 35.81
N GLU D 193 -22.77 -53.91 36.41
CA GLU D 193 -23.50 -54.74 37.36
C GLU D 193 -24.99 -54.69 37.06
N VAL D 194 -25.64 -55.85 37.00
CA VAL D 194 -27.09 -55.95 36.91
C VAL D 194 -27.61 -56.50 38.25
N LYS D 195 -28.68 -55.88 38.76
CA LYS D 195 -29.49 -56.43 39.85
C LYS D 195 -30.86 -56.83 39.29
N ALA D 196 -31.37 -57.98 39.70
CA ALA D 196 -32.68 -58.45 39.27
C ALA D 196 -33.41 -59.20 40.37
N SER D 197 -34.69 -58.91 40.52
CA SER D 197 -35.58 -59.76 41.29
C SER D 197 -35.81 -61.08 40.55
N ILE D 198 -35.73 -62.18 41.29
CA ILE D 198 -36.25 -63.47 40.86
C ILE D 198 -37.74 -63.47 41.19
N PRO D 199 -38.59 -63.83 40.21
CA PRO D 199 -40.00 -63.99 40.52
C PRO D 199 -40.28 -65.30 41.23
N VAL D 200 -41.40 -65.37 41.94
CA VAL D 200 -41.85 -66.57 42.63
C VAL D 200 -43.24 -66.99 42.13
N TYR D 201 -43.48 -68.30 42.12
CA TYR D 201 -44.82 -68.87 41.89
C TYR D 201 -45.09 -69.98 42.88
N GLN D 202 -46.37 -70.31 43.06
CA GLN D 202 -46.78 -71.47 43.87
C GLN D 202 -46.14 -72.78 43.40
N LYS D 203 -46.07 -73.75 44.29
CA LYS D 203 -45.08 -74.84 44.22
C LYS D 203 -45.20 -75.72 42.98
N ASN D 204 -46.42 -75.86 42.44
CA ASN D 204 -46.69 -76.76 41.31
C ASN D 204 -46.14 -76.26 39.95
N ALA D 205 -44.85 -75.92 39.94
CA ALA D 205 -44.28 -75.00 38.95
C ALA D 205 -43.25 -75.75 38.11
N GLN D 206 -43.46 -75.81 36.79
CA GLN D 206 -42.59 -76.55 35.87
C GLN D 206 -42.33 -75.74 34.60
N ASP D 207 -41.15 -75.96 34.00
CA ASP D 207 -40.74 -75.28 32.75
C ASP D 207 -40.74 -73.75 32.89
N ILE D 208 -40.05 -73.27 33.92
CA ILE D 208 -40.00 -71.84 34.22
C ILE D 208 -38.85 -71.21 33.44
N MET D 209 -39.17 -70.16 32.68
CA MET D 209 -38.15 -69.38 31.97
C MET D 209 -37.65 -68.24 32.86
N TYR D 210 -36.32 -68.15 32.99
CA TYR D 210 -35.64 -66.94 33.48
C TYR D 210 -34.40 -66.70 32.62
N LYS D 211 -34.44 -65.67 31.79
CA LYS D 211 -33.57 -65.55 30.61
C LYS D 211 -33.16 -64.11 30.36
N PHE D 212 -31.85 -63.85 30.36
CA PHE D 212 -31.29 -62.52 30.07
C PHE D 212 -30.80 -62.46 28.62
N THR D 213 -30.99 -61.31 27.99
CA THR D 213 -30.28 -60.96 26.75
C THR D 213 -29.60 -59.61 26.93
N ASP D 214 -28.26 -59.59 26.82
CA ASP D 214 -27.44 -58.37 26.95
C ASP D 214 -26.84 -57.98 25.62
N THR D 215 -27.10 -56.75 25.16
CA THR D 215 -26.71 -56.29 23.83
C THR D 215 -25.71 -55.14 23.92
N MET D 216 -24.48 -55.40 23.51
CA MET D 216 -23.42 -54.38 23.49
C MET D 216 -23.29 -53.81 22.08
N SER D 217 -23.24 -52.49 21.97
CA SER D 217 -22.94 -51.83 20.70
C SER D 217 -21.46 -52.00 20.32
N LYS D 218 -21.16 -51.73 19.05
CA LYS D 218 -19.89 -52.17 18.44
C LYS D 218 -18.65 -51.55 19.05
N GLY D 219 -18.80 -50.38 19.67
CA GLY D 219 -17.70 -49.75 20.38
C GLY D 219 -17.22 -50.49 21.62
N LEU D 220 -18.03 -51.44 22.09
CA LEU D 220 -17.71 -52.25 23.26
C LEU D 220 -17.36 -53.69 22.86
N THR D 221 -16.18 -54.13 23.28
CA THR D 221 -15.78 -55.54 23.22
C THR D 221 -16.05 -56.21 24.57
N TYR D 222 -17.01 -57.15 24.58
CA TYR D 222 -17.26 -58.01 25.73
C TYR D 222 -15.99 -58.75 26.18
N ASP D 223 -15.68 -58.69 27.48
CA ASP D 223 -14.46 -59.30 28.04
C ASP D 223 -14.72 -60.78 28.37
N GLU D 224 -14.65 -61.62 27.34
CA GLU D 224 -15.08 -63.04 27.44
C GLU D 224 -14.11 -63.93 28.25
N LYS D 225 -12.88 -63.45 28.48
CA LYS D 225 -12.03 -64.01 29.55
C LYS D 225 -12.70 -63.86 30.92
N THR D 226 -12.82 -62.63 31.40
CA THR D 226 -13.32 -62.35 32.76
C THR D 226 -14.75 -62.89 32.96
N GLY D 227 -15.59 -62.77 31.94
CA GLY D 227 -16.86 -63.47 31.90
C GLY D 227 -17.86 -62.96 32.92
N PHE D 228 -18.82 -63.80 33.29
CA PHE D 228 -19.83 -63.47 34.31
C PHE D 228 -19.49 -64.10 35.67
N LYS D 229 -19.38 -63.25 36.70
CA LYS D 229 -19.60 -63.64 38.09
C LYS D 229 -21.07 -63.42 38.43
N VAL D 230 -21.75 -64.46 38.92
CA VAL D 230 -23.18 -64.39 39.22
C VAL D 230 -23.50 -64.93 40.62
N THR D 231 -24.27 -64.15 41.38
CA THR D 231 -24.37 -64.28 42.83
C THR D 231 -25.78 -63.94 43.32
N SER D 232 -26.08 -64.38 44.54
CA SER D 232 -27.27 -63.94 45.26
C SER D 232 -26.97 -63.79 46.75
N GLY D 233 -26.37 -62.66 47.09
CA GLY D 233 -25.75 -62.48 48.41
C GLY D 233 -24.54 -63.37 48.59
N ASP D 234 -24.60 -64.24 49.61
CA ASP D 234 -23.55 -65.23 49.89
C ASP D 234 -23.31 -66.19 48.72
N LYS D 235 -24.41 -66.61 48.08
CA LYS D 235 -24.38 -67.73 47.13
C LYS D 235 -23.72 -67.30 45.83
N VAL D 236 -22.57 -67.90 45.52
CA VAL D 236 -22.01 -67.88 44.17
C VAL D 236 -22.61 -69.05 43.37
N PHE D 237 -23.08 -68.75 42.16
CA PHE D 237 -23.54 -69.79 41.23
C PHE D 237 -22.40 -70.23 40.31
N ALA D 238 -22.67 -71.26 39.50
CA ALA D 238 -21.62 -71.93 38.72
C ALA D 238 -22.07 -72.13 37.27
N LYS D 239 -21.15 -71.89 36.32
CA LYS D 239 -21.46 -71.94 34.90
C LYS D 239 -21.63 -73.39 34.43
N ASP D 240 -22.52 -73.59 33.45
CA ASP D 240 -22.89 -74.92 32.92
C ASP D 240 -23.52 -75.88 33.95
N LYS D 241 -23.97 -75.34 35.08
CA LYS D 241 -24.82 -76.06 36.03
C LYS D 241 -26.08 -75.23 36.29
N ASP D 242 -25.90 -74.02 36.81
CA ASP D 242 -27.00 -73.13 37.15
C ASP D 242 -27.36 -72.20 35.99
N TYR D 243 -26.37 -71.85 35.16
CA TYR D 243 -26.58 -70.95 34.04
C TYR D 243 -25.64 -71.25 32.86
N THR D 244 -26.09 -70.89 31.65
CA THR D 244 -25.27 -70.92 30.43
C THR D 244 -25.03 -69.49 29.94
N VAL D 245 -23.79 -69.20 29.51
CA VAL D 245 -23.45 -67.95 28.82
C VAL D 245 -23.09 -68.24 27.35
N GLU D 246 -23.87 -67.66 26.43
CA GLU D 246 -23.69 -67.87 24.98
C GLU D 246 -23.49 -66.53 24.25
N VAL D 247 -22.30 -66.35 23.67
CA VAL D 247 -21.94 -65.12 22.96
C VAL D 247 -22.14 -65.32 21.44
N LYS D 248 -23.13 -64.62 20.87
CA LYS D 248 -23.28 -64.47 19.42
C LYS D 248 -22.93 -63.04 19.01
N LYS D 249 -21.78 -62.87 18.37
CA LYS D 249 -21.38 -61.59 17.76
C LYS D 249 -22.20 -61.31 16.51
N GLN D 250 -23.12 -60.36 16.59
CA GLN D 250 -24.03 -60.02 15.48
C GLN D 250 -23.27 -59.32 14.33
N GLU D 251 -23.93 -59.23 13.18
CA GLU D 251 -23.25 -58.88 11.91
C GLU D 251 -22.69 -57.46 11.91
N ASP D 252 -23.48 -56.52 12.41
CA ASP D 252 -23.16 -55.08 12.37
C ASP D 252 -22.19 -54.58 13.47
N GLY D 253 -21.46 -55.48 14.13
CA GLY D 253 -20.54 -55.13 15.22
C GLY D 253 -21.12 -55.31 16.62
N GLU D 254 -22.44 -55.37 16.72
CA GLU D 254 -23.11 -55.62 18.01
C GLU D 254 -22.76 -57.01 18.56
N THR D 255 -22.77 -57.14 19.89
CA THR D 255 -22.64 -58.44 20.57
C THR D 255 -23.88 -58.68 21.45
N VAL D 256 -24.69 -59.69 21.09
CA VAL D 256 -25.73 -60.19 21.98
C VAL D 256 -25.16 -61.33 22.84
N ILE D 257 -25.46 -61.29 24.13
CA ILE D 257 -24.98 -62.30 25.08
C ILE D 257 -26.19 -62.85 25.83
N THR D 258 -26.53 -64.12 25.57
CA THR D 258 -27.70 -64.75 26.18
C THR D 258 -27.27 -65.53 27.42
N ILE D 259 -27.85 -65.18 28.57
CA ILE D 259 -27.57 -65.85 29.84
C ILE D 259 -28.88 -66.46 30.35
N ASN D 260 -28.91 -67.80 30.42
CA ASN D 260 -30.15 -68.55 30.69
C ASN D 260 -29.97 -69.43 31.92
N PHE D 261 -31.03 -69.58 32.70
CA PHE D 261 -30.94 -70.05 34.09
C PHE D 261 -31.79 -71.31 34.32
N VAL D 262 -31.30 -72.18 35.18
CA VAL D 262 -32.10 -73.27 35.77
C VAL D 262 -32.87 -72.72 36.98
N TYR D 263 -34.14 -72.40 36.76
CA TYR D 263 -34.97 -71.66 37.73
C TYR D 263 -35.09 -72.34 39.09
N GLU D 264 -35.13 -73.67 39.08
CA GLU D 264 -35.10 -74.46 40.31
C GLU D 264 -33.87 -74.16 41.18
N ASN D 265 -32.73 -73.97 40.54
CA ASN D 265 -31.47 -73.70 41.26
C ASN D 265 -31.33 -72.30 41.83
N ILE D 266 -32.23 -71.39 41.43
CA ILE D 266 -32.29 -70.05 42.00
C ILE D 266 -33.58 -69.74 42.78
N LYS D 267 -34.58 -70.62 42.74
CA LYS D 267 -35.88 -70.41 43.43
C LYS D 267 -35.74 -70.18 44.93
N ALA D 268 -34.81 -70.91 45.55
CA ALA D 268 -34.52 -70.77 46.99
C ALA D 268 -33.93 -69.40 47.38
N TYR D 269 -33.38 -68.67 46.41
CA TYR D 269 -32.68 -67.43 46.65
C TYR D 269 -33.50 -66.21 46.23
N ALA D 270 -34.83 -66.37 46.14
CA ALA D 270 -35.71 -65.32 45.61
C ALA D 270 -35.53 -63.97 46.32
N GLU D 271 -35.35 -64.01 47.63
CA GLU D 271 -35.37 -62.81 48.47
C GLU D 271 -34.04 -62.03 48.50
N THR D 272 -32.96 -62.63 47.99
CA THR D 272 -31.73 -61.90 47.65
C THR D 272 -31.61 -61.50 46.18
N GLY D 273 -32.47 -62.02 45.32
CA GLY D 273 -32.44 -61.69 43.89
C GLY D 273 -31.25 -62.29 43.14
N ILE D 274 -31.05 -61.83 41.90
CA ILE D 274 -29.87 -62.16 41.11
C ILE D 274 -29.00 -60.93 40.90
N THR D 275 -27.68 -61.14 40.92
CA THR D 275 -26.72 -60.10 40.59
C THR D 275 -25.77 -60.64 39.51
N LEU D 276 -25.53 -59.84 38.47
CA LEU D 276 -24.52 -60.15 37.45
C LEU D 276 -23.36 -59.16 37.55
N ASN D 277 -22.14 -59.67 37.44
CA ASN D 277 -20.96 -58.82 37.26
C ASN D 277 -20.19 -59.27 36.02
N TYR D 278 -20.06 -58.35 35.07
CA TYR D 278 -19.31 -58.56 33.84
C TYR D 278 -18.76 -57.22 33.37
N GLN D 279 -17.89 -57.26 32.36
CA GLN D 279 -17.24 -56.05 31.87
C GLN D 279 -17.02 -56.07 30.37
N ALA D 280 -16.74 -54.89 29.82
CA ALA D 280 -16.39 -54.74 28.42
C ALA D 280 -15.24 -53.77 28.31
N THR D 281 -14.70 -53.67 27.10
CA THR D 281 -13.61 -52.74 26.79
C THR D 281 -13.99 -51.87 25.59
N LEU D 282 -13.70 -50.57 25.68
CA LEU D 282 -13.76 -49.68 24.53
C LEU D 282 -12.71 -50.09 23.50
N ASN D 283 -13.19 -50.68 22.40
CA ASN D 283 -12.42 -50.80 21.15
C ASN D 283 -12.51 -49.49 20.35
N LYS D 284 -12.17 -49.54 19.06
CA LYS D 284 -11.99 -48.33 18.25
C LYS D 284 -12.98 -48.24 17.09
N ASP D 285 -14.03 -49.08 17.11
CA ASP D 285 -15.27 -48.80 16.36
C ASP D 285 -16.22 -47.88 17.14
N VAL D 286 -15.66 -47.02 17.97
CA VAL D 286 -16.34 -46.47 19.14
C VAL D 286 -17.02 -45.18 18.67
N VAL D 287 -18.22 -44.92 19.17
CA VAL D 287 -18.92 -43.67 18.86
C VAL D 287 -18.25 -42.52 19.63
N ILE D 288 -17.71 -41.57 18.87
CA ILE D 288 -17.00 -40.40 19.38
C ILE D 288 -17.75 -39.17 18.85
N SER D 289 -18.11 -38.26 19.76
CA SER D 289 -18.87 -37.06 19.40
C SER D 289 -18.76 -36.02 20.51
N ASN D 290 -19.13 -34.79 20.19
CA ASN D 290 -19.33 -33.75 21.20
C ASN D 290 -20.72 -33.09 21.12
N LYS D 291 -21.64 -33.73 20.40
CA LYS D 291 -23.06 -33.43 20.49
C LYS D 291 -23.76 -34.54 21.24
N GLU D 292 -24.96 -34.27 21.73
CA GLU D 292 -25.75 -35.31 22.39
C GLU D 292 -25.88 -36.52 21.44
N ASN D 293 -25.61 -37.71 21.97
CA ASN D 293 -25.75 -38.93 21.18
C ASN D 293 -26.04 -40.12 22.09
N LEU D 294 -26.26 -41.28 21.48
CA LEU D 294 -26.53 -42.50 22.25
C LEU D 294 -25.30 -43.08 22.95
N GLY D 295 -24.11 -42.79 22.43
CA GLY D 295 -22.87 -43.26 23.01
C GLY D 295 -22.59 -44.71 22.68
N ASN D 296 -21.84 -45.36 23.55
CA ASN D 296 -21.62 -46.78 23.47
C ASN D 296 -22.39 -47.50 24.57
N THR D 297 -23.43 -48.23 24.17
CA THR D 297 -24.52 -48.62 25.05
C THR D 297 -24.34 -50.08 25.47
N ASN D 298 -24.75 -50.38 26.70
CA ASN D 298 -25.04 -51.74 27.12
C ASN D 298 -26.52 -51.83 27.43
N ASN D 299 -27.24 -52.64 26.66
CA ASN D 299 -28.65 -52.97 26.94
C ASN D 299 -28.73 -54.28 27.68
N ILE D 300 -29.73 -54.40 28.55
CA ILE D 300 -30.10 -55.68 29.14
C ILE D 300 -31.61 -55.86 29.08
N GLN D 301 -32.04 -57.02 28.58
CA GLN D 301 -33.42 -57.45 28.61
C GLN D 301 -33.51 -58.68 29.52
N LEU D 302 -34.57 -58.76 30.32
CA LEU D 302 -34.87 -59.96 31.10
C LEU D 302 -36.26 -60.45 30.72
N ASP D 303 -36.33 -61.71 30.29
CA ASP D 303 -37.60 -62.39 30.09
C ASP D 303 -37.77 -63.48 31.13
N TYR D 304 -38.90 -63.44 31.85
CA TYR D 304 -39.31 -64.55 32.70
C TYR D 304 -40.76 -64.98 32.44
N THR D 305 -41.08 -66.20 32.86
CA THR D 305 -42.44 -66.75 32.72
C THR D 305 -43.44 -65.90 33.50
N ASN D 306 -44.50 -65.46 32.83
CA ASN D 306 -45.65 -64.89 33.53
C ASN D 306 -46.53 -66.01 34.11
N ASN D 307 -47.68 -66.30 33.50
CA ASN D 307 -48.49 -67.45 33.90
C ASN D 307 -47.80 -68.74 33.43
N PRO D 308 -47.49 -69.67 34.35
CA PRO D 308 -46.76 -70.87 33.96
C PRO D 308 -47.59 -71.92 33.21
N HIS D 309 -48.91 -71.94 33.43
CA HIS D 309 -49.77 -73.03 32.93
C HIS D 309 -50.05 -72.89 31.43
N VAL D 310 -50.45 -71.69 31.01
CA VAL D 310 -50.31 -71.28 29.60
C VAL D 310 -48.81 -71.18 29.26
N LYS D 311 -48.44 -71.68 28.08
CA LYS D 311 -47.04 -71.71 27.67
C LYS D 311 -46.73 -70.59 26.66
N ASP D 312 -45.47 -70.15 26.66
CA ASP D 312 -45.06 -68.88 26.05
C ASP D 312 -45.97 -67.72 26.46
N SER D 313 -46.17 -67.60 27.77
CA SER D 313 -46.69 -66.39 28.42
C SER D 313 -45.54 -65.80 29.23
N TYR D 314 -45.00 -64.68 28.73
CA TYR D 314 -43.77 -64.07 29.28
C TYR D 314 -44.01 -62.65 29.74
N LYS D 315 -43.19 -62.20 30.69
CA LYS D 315 -43.01 -60.78 30.98
C LYS D 315 -41.62 -60.36 30.52
N LYS D 316 -41.51 -59.12 30.06
CA LYS D 316 -40.25 -58.54 29.58
C LYS D 316 -39.88 -57.36 30.49
N LEU D 317 -38.64 -57.36 30.98
CA LEU D 317 -38.04 -56.17 31.60
C LEU D 317 -36.77 -55.75 30.88
N THR D 318 -36.47 -54.45 30.91
CA THR D 318 -35.32 -53.87 30.21
C THR D 318 -34.67 -52.73 30.98
N ASP D 319 -33.38 -52.54 30.74
CA ASP D 319 -32.66 -51.37 31.21
C ASP D 319 -31.42 -51.15 30.36
N LYS D 320 -30.87 -49.94 30.39
CA LYS D 320 -29.67 -49.62 29.61
C LYS D 320 -28.75 -48.62 30.32
N VAL D 321 -27.46 -48.76 30.08
CA VAL D 321 -26.45 -47.74 30.42
C VAL D 321 -25.58 -47.46 29.20
N THR D 322 -24.87 -46.33 29.20
CA THR D 322 -23.98 -45.99 28.10
C THR D 322 -22.67 -45.34 28.56
N THR D 323 -21.67 -45.38 27.69
CA THR D 323 -20.37 -44.80 27.96
C THR D 323 -19.90 -43.98 26.76
N TYR D 324 -19.44 -42.76 27.03
CA TYR D 324 -19.08 -41.80 26.01
C TYR D 324 -17.59 -41.57 25.97
N THR D 325 -17.12 -41.03 24.85
CA THR D 325 -15.73 -40.61 24.71
C THR D 325 -15.60 -39.57 23.61
N PHE D 326 -14.50 -38.81 23.65
CA PHE D 326 -14.37 -37.58 22.88
C PHE D 326 -13.08 -37.63 22.05
N GLY D 327 -12.88 -36.60 21.22
CA GLY D 327 -11.61 -36.41 20.53
C GLY D 327 -11.43 -34.98 20.08
N PHE D 328 -10.19 -34.62 19.77
CA PHE D 328 -9.92 -33.40 19.03
C PHE D 328 -8.90 -33.62 17.92
N GLY D 329 -9.13 -32.95 16.79
CA GLY D 329 -8.07 -32.60 15.86
C GLY D 329 -7.28 -31.41 16.34
N ILE D 330 -6.03 -31.32 15.88
CA ILE D 330 -5.26 -30.07 15.86
C ILE D 330 -5.19 -29.65 14.40
N THR D 331 -5.31 -28.35 14.12
CA THR D 331 -5.12 -27.83 12.77
C THR D 331 -4.00 -26.78 12.75
N LYS D 332 -2.88 -27.14 12.10
CA LYS D 332 -1.64 -26.34 12.14
C LYS D 332 -1.62 -25.44 10.92
N VAL D 333 -1.26 -24.19 11.16
CA VAL D 333 -1.77 -23.07 10.41
C VAL D 333 -0.79 -21.90 10.59
N ASP D 334 -0.71 -21.03 9.59
CA ASP D 334 0.23 -19.90 9.62
C ASP D 334 -0.38 -18.76 10.43
N SER D 335 0.44 -18.15 11.28
CA SER D 335 0.05 -17.03 12.14
C SER D 335 -0.64 -15.89 11.39
N GLU D 336 -0.06 -15.49 10.26
CA GLU D 336 -0.55 -14.34 9.49
C GLU D 336 -1.65 -14.72 8.49
N LEU D 337 -1.55 -15.91 7.91
CA LEU D 337 -2.46 -16.36 6.85
C LEU D 337 -3.08 -17.70 7.24
N ASN D 338 -4.15 -17.65 8.04
CA ASN D 338 -4.68 -18.85 8.69
C ASN D 338 -5.26 -19.89 7.73
N SER D 339 -5.54 -19.49 6.49
CA SER D 339 -5.84 -20.46 5.42
C SER D 339 -4.62 -21.27 4.95
N LYS D 340 -3.40 -20.81 5.25
CA LYS D 340 -2.20 -21.61 4.96
C LYS D 340 -2.13 -22.78 5.92
N LEU D 341 -2.40 -23.98 5.40
CA LEU D 341 -2.32 -25.22 6.17
C LEU D 341 -0.91 -25.78 6.08
N LEU D 342 -0.38 -26.26 7.21
CA LEU D 342 1.04 -26.56 7.34
C LEU D 342 1.24 -28.07 7.60
N GLN D 343 1.90 -28.73 6.65
CA GLN D 343 2.21 -30.15 6.76
C GLN D 343 3.42 -30.39 7.65
N GLY D 344 3.47 -31.56 8.27
CA GLY D 344 4.71 -32.09 8.84
C GLY D 344 5.03 -31.68 10.26
N ALA D 345 4.26 -30.74 10.83
CA ALA D 345 4.37 -30.42 12.25
C ALA D 345 3.99 -31.63 13.11
N GLU D 346 4.62 -31.75 14.27
CA GLU D 346 4.39 -32.88 15.17
C GLU D 346 4.01 -32.41 16.58
N PHE D 347 3.00 -33.08 17.15
CA PHE D 347 2.47 -32.74 18.48
C PHE D 347 2.44 -33.97 19.39
N SER D 348 2.58 -33.73 20.69
CA SER D 348 2.24 -34.72 21.70
C SER D 348 1.12 -34.19 22.59
N VAL D 349 0.37 -35.12 23.18
CA VAL D 349 -0.75 -34.81 24.06
C VAL D 349 -0.62 -35.62 25.35
N LYS D 350 -0.57 -34.91 26.48
CA LYS D 350 -0.52 -35.51 27.82
C LYS D 350 -1.80 -35.16 28.57
N ASP D 351 -2.41 -36.12 29.25
CA ASP D 351 -3.44 -35.83 30.26
C ASP D 351 -2.75 -35.31 31.52
N GLU D 352 -3.36 -34.32 32.16
CA GLU D 352 -2.79 -33.70 33.36
C GLU D 352 -2.94 -34.55 34.64
N SER D 353 -3.23 -35.84 34.47
CA SER D 353 -2.67 -36.92 35.31
C SER D 353 -1.26 -37.40 34.87
N GLY D 354 -0.37 -36.45 34.55
CA GLY D 354 1.08 -36.72 34.45
C GLY D 354 1.61 -37.00 33.04
N LYS D 355 1.05 -38.01 32.38
CA LYS D 355 1.78 -38.81 31.36
C LYS D 355 1.12 -38.79 29.97
N THR D 356 1.79 -39.40 28.99
CA THR D 356 1.25 -39.60 27.64
C THR D 356 0.56 -40.97 27.52
N VAL D 357 -0.70 -41.03 27.94
CA VAL D 357 -1.58 -42.20 27.74
C VAL D 357 -2.21 -42.18 26.33
N ALA D 358 -2.30 -40.99 25.72
CA ALA D 358 -3.17 -40.76 24.56
C ALA D 358 -2.59 -41.34 23.25
N LYS D 359 -3.06 -42.53 22.88
CA LYS D 359 -2.41 -43.34 21.86
C LYS D 359 -3.38 -43.85 20.78
N TYR D 360 -4.29 -42.98 20.31
CA TYR D 360 -5.17 -43.33 19.16
C TYR D 360 -5.44 -42.15 18.22
N THR D 361 -5.68 -42.45 16.94
CA THR D 361 -5.76 -41.44 15.89
C THR D 361 -6.52 -41.96 14.65
N TYR D 362 -7.06 -41.03 13.86
CA TYR D 362 -7.56 -41.31 12.50
C TYR D 362 -6.42 -41.28 11.49
N ASP D 363 -6.34 -42.30 10.63
CA ASP D 363 -5.38 -42.30 9.51
C ASP D 363 -6.04 -41.75 8.25
N GLU D 364 -5.30 -41.76 7.13
CA GLU D 364 -5.80 -41.19 5.87
C GLU D 364 -6.91 -42.03 5.22
N LYS D 365 -6.99 -43.30 5.58
CA LYS D 365 -8.08 -44.17 5.13
C LYS D 365 -9.41 -43.90 5.86
N GLY D 366 -9.40 -43.06 6.90
CA GLY D 366 -10.59 -42.69 7.66
C GLY D 366 -10.86 -43.64 8.83
N GLN D 367 -9.77 -44.24 9.33
CA GLN D 367 -9.84 -45.42 10.20
C GLN D 367 -9.17 -45.08 11.52
N VAL D 368 -9.77 -45.50 12.62
CA VAL D 368 -9.18 -45.28 13.94
C VAL D 368 -8.12 -46.36 14.18
N VAL D 369 -6.94 -45.93 14.62
CA VAL D 369 -5.79 -46.82 14.82
C VAL D 369 -4.96 -46.31 15.99
N SER D 370 -4.05 -47.15 16.47
CA SER D 370 -3.07 -46.74 17.49
C SER D 370 -2.06 -45.77 16.88
N LEU D 371 -1.68 -44.76 17.67
CA LEU D 371 -0.68 -43.78 17.27
C LEU D 371 0.64 -44.14 17.95
N SER D 372 1.72 -44.16 17.16
CA SER D 372 3.02 -44.67 17.63
C SER D 372 3.66 -43.68 18.59
N GLY D 373 4.08 -42.53 18.05
CA GLY D 373 4.73 -41.47 18.83
C GLY D 373 3.93 -40.19 18.73
N ASN D 374 4.58 -39.12 18.25
CA ASN D 374 3.90 -37.88 17.94
C ASN D 374 2.84 -38.04 16.85
N GLY D 375 1.85 -37.14 16.86
CA GLY D 375 0.86 -37.04 15.80
C GLY D 375 1.28 -36.01 14.79
N VAL D 376 1.24 -36.38 13.50
CA VAL D 376 1.91 -35.64 12.44
C VAL D 376 0.88 -34.99 11.54
N THR D 377 1.05 -33.70 11.25
CA THR D 377 0.03 -32.92 10.55
C THR D 377 -0.03 -33.25 9.05
N ASN D 378 -1.22 -33.05 8.49
CA ASN D 378 -1.62 -33.49 7.15
C ASN D 378 -1.26 -32.43 6.11
N SER D 379 -1.55 -32.74 4.84
CA SER D 379 -1.70 -31.73 3.78
C SER D 379 -2.73 -30.64 4.14
N LYS D 380 -3.78 -31.03 4.86
CA LYS D 380 -4.73 -30.10 5.46
C LYS D 380 -4.36 -29.56 6.85
N GLY D 381 -3.16 -29.87 7.33
CA GLY D 381 -2.67 -29.40 8.64
C GLY D 381 -3.20 -30.16 9.85
N ILE D 382 -3.94 -31.25 9.61
CA ILE D 382 -4.67 -31.97 10.65
C ILE D 382 -3.84 -33.15 11.15
N THR D 383 -3.73 -33.25 12.48
CA THR D 383 -3.57 -34.53 13.19
C THR D 383 -4.66 -34.67 14.25
N THR D 384 -5.06 -35.90 14.56
CA THR D 384 -6.13 -36.15 15.53
C THR D 384 -5.69 -37.01 16.71
N PHE D 385 -6.17 -36.65 17.91
CA PHE D 385 -6.09 -37.49 19.11
C PHE D 385 -7.49 -37.74 19.65
N VAL D 386 -7.78 -39.02 19.90
CA VAL D 386 -9.09 -39.59 19.61
C VAL D 386 -9.38 -40.69 20.62
N GLY D 387 -10.64 -40.77 21.06
CA GLY D 387 -11.05 -41.68 22.14
C GLY D 387 -10.46 -41.27 23.47
N LEU D 388 -10.61 -39.99 23.81
CA LEU D 388 -10.17 -39.46 25.10
C LEU D 388 -11.38 -39.00 25.91
N LYS D 389 -11.41 -39.35 27.19
CA LYS D 389 -12.47 -38.86 28.10
C LYS D 389 -12.23 -37.40 28.49
N GLU D 390 -13.18 -36.81 29.22
CA GLU D 390 -13.08 -35.40 29.57
C GLU D 390 -11.96 -35.17 30.62
N GLY D 391 -11.46 -33.94 30.67
CA GLY D 391 -10.33 -33.59 31.53
C GLY D 391 -9.52 -32.45 30.92
N LYS D 392 -8.35 -32.21 31.50
CA LYS D 392 -7.38 -31.25 30.97
C LYS D 392 -6.29 -31.98 30.15
N TYR D 393 -6.00 -31.47 28.95
CA TYR D 393 -4.97 -32.06 28.07
C TYR D 393 -3.99 -31.01 27.58
N LEU D 394 -2.71 -31.39 27.51
CA LEU D 394 -1.61 -30.46 27.17
C LEU D 394 -1.02 -30.79 25.80
N ILE D 395 -1.30 -29.94 24.82
CA ILE D 395 -0.77 -30.09 23.46
C ILE D 395 0.58 -29.41 23.36
N THR D 396 1.65 -30.21 23.24
CA THR D 396 3.00 -29.68 23.04
C THR D 396 3.36 -29.81 21.57
N GLU D 397 3.89 -28.74 20.99
CA GLU D 397 4.53 -28.82 19.67
C GLU D 397 5.95 -29.33 19.82
N GLU D 398 6.24 -30.48 19.21
CA GLU D 398 7.53 -31.16 19.36
C GLU D 398 8.44 -30.89 18.16
N VAL D 399 7.88 -30.96 16.94
CA VAL D 399 8.59 -30.62 15.70
C VAL D 399 7.84 -29.51 14.97
N ALA D 400 8.54 -28.44 14.61
CA ALA D 400 7.96 -27.36 13.80
C ALA D 400 7.79 -27.77 12.34
N PRO D 401 6.89 -27.12 11.60
CA PRO D 401 6.87 -27.29 10.14
C PRO D 401 7.97 -26.48 9.43
N SER D 402 8.35 -26.91 8.23
CA SER D 402 9.49 -26.32 7.52
C SER D 402 9.26 -24.83 7.33
N GLY D 403 10.21 -24.02 7.78
CA GLY D 403 10.14 -22.56 7.63
C GLY D 403 9.61 -21.82 8.85
N TYR D 404 9.24 -22.56 9.89
CA TYR D 404 8.56 -21.97 11.05
C TYR D 404 9.35 -22.18 12.33
N SER D 405 9.08 -21.34 13.33
CA SER D 405 9.61 -21.55 14.67
C SER D 405 8.78 -22.58 15.46
N LEU D 406 9.27 -22.93 16.65
CA LEU D 406 8.59 -23.85 17.56
C LEU D 406 7.95 -23.03 18.66
N LEU D 407 6.76 -23.45 19.09
CA LEU D 407 6.12 -22.83 20.25
C LEU D 407 6.88 -23.22 21.52
N LYS D 408 7.12 -22.23 22.38
CA LYS D 408 7.85 -22.41 23.64
C LYS D 408 6.99 -23.11 24.69
N ASN D 409 5.70 -22.81 24.71
CA ASN D 409 4.76 -23.36 25.69
C ASN D 409 3.71 -24.22 25.02
N PRO D 410 3.13 -25.17 25.76
CA PRO D 410 2.09 -26.03 25.21
C PRO D 410 0.73 -25.34 25.19
N VAL D 411 -0.19 -25.87 24.41
CA VAL D 411 -1.57 -25.38 24.38
C VAL D 411 -2.43 -26.27 25.26
N GLU D 412 -2.85 -25.76 26.41
CA GLU D 412 -3.76 -26.50 27.29
C GLU D 412 -5.19 -26.38 26.78
N VAL D 413 -5.91 -27.50 26.84
CA VAL D 413 -7.33 -27.52 26.56
C VAL D 413 -8.07 -28.34 27.61
N THR D 414 -9.22 -27.83 28.03
CA THR D 414 -10.10 -28.52 28.96
C THR D 414 -11.31 -28.99 28.16
N ILE D 415 -11.52 -30.30 28.12
CA ILE D 415 -12.78 -30.88 27.63
C ILE D 415 -13.74 -31.05 28.81
N THR D 416 -14.88 -30.38 28.75
CA THR D 416 -15.91 -30.48 29.78
C THR D 416 -17.13 -31.19 29.19
N ALA D 417 -17.57 -32.26 29.86
CA ALA D 417 -18.67 -33.08 29.38
C ALA D 417 -20.04 -32.58 29.89
N ASN D 418 -20.97 -32.37 28.96
CA ASN D 418 -22.33 -31.93 29.30
C ASN D 418 -23.06 -32.97 30.15
N LYS D 419 -23.71 -32.50 31.21
CA LYS D 419 -24.67 -33.34 31.95
C LYS D 419 -26.13 -33.00 31.66
N ASP D 420 -27.02 -33.91 32.03
CA ASP D 420 -28.46 -33.63 32.07
C ASP D 420 -28.93 -33.29 33.50
N GLU D 421 -30.25 -33.23 33.69
CA GLU D 421 -30.82 -32.68 34.92
C GLU D 421 -30.69 -33.61 36.13
N SER D 422 -30.57 -34.91 35.87
CA SER D 422 -30.24 -35.90 36.91
C SER D 422 -28.74 -36.27 36.97
N GLY D 423 -27.90 -35.58 36.21
CA GLY D 423 -26.44 -35.71 36.32
C GLY D 423 -25.80 -36.83 35.50
N LYS D 424 -26.52 -37.33 34.51
CA LYS D 424 -25.96 -38.27 33.52
C LYS D 424 -25.24 -37.54 32.39
N TYR D 425 -24.19 -38.16 31.90
CA TYR D 425 -23.55 -37.77 30.63
C TYR D 425 -24.58 -37.85 29.49
N THR D 426 -24.63 -36.79 28.67
CA THR D 426 -25.42 -36.77 27.44
C THR D 426 -24.61 -37.10 26.19
N GLY D 427 -23.29 -37.17 26.33
CA GLY D 427 -22.39 -37.38 25.19
C GLY D 427 -22.00 -36.13 24.43
N ALA D 428 -22.59 -34.99 24.78
CA ALA D 428 -22.09 -33.71 24.32
C ALA D 428 -20.95 -33.28 25.23
N ALA D 429 -20.04 -32.47 24.69
CA ALA D 429 -19.02 -31.80 25.49
C ALA D 429 -18.68 -30.43 24.89
N THR D 430 -17.98 -29.61 25.67
CA THR D 430 -17.29 -28.43 25.14
C THR D 430 -15.79 -28.57 25.27
N ILE D 431 -15.07 -27.73 24.53
CA ILE D 431 -13.63 -27.53 24.71
C ILE D 431 -13.32 -26.04 24.84
N GLU D 432 -12.25 -25.73 25.55
CA GLU D 432 -11.66 -24.38 25.52
C GLU D 432 -10.14 -24.44 25.76
N ILE D 433 -9.43 -23.40 25.34
CA ILE D 433 -8.05 -23.18 25.74
C ILE D 433 -8.06 -22.63 27.16
N SER D 434 -7.39 -23.33 28.07
CA SER D 434 -7.52 -23.08 29.50
C SER D 434 -6.25 -22.48 30.16
N ASN D 435 -5.21 -22.19 29.37
CA ASN D 435 -3.93 -21.68 29.90
C ASN D 435 -3.36 -20.41 29.24
N GLY D 436 -4.18 -19.71 28.46
CA GLY D 436 -3.80 -18.40 27.93
C GLY D 436 -2.79 -18.46 26.80
N ASN D 437 -2.59 -19.64 26.21
CA ASN D 437 -1.70 -19.76 25.06
C ASN D 437 -2.41 -19.25 23.81
N LYS D 438 -2.05 -18.03 23.41
CA LYS D 438 -2.73 -17.35 22.29
C LYS D 438 -2.44 -17.94 20.91
N ALA D 439 -1.48 -18.86 20.84
CA ALA D 439 -1.26 -19.64 19.64
C ALA D 439 -2.43 -20.58 19.31
N GLY D 440 -3.26 -20.88 20.30
CA GLY D 440 -4.43 -21.72 20.10
C GLY D 440 -5.71 -20.92 20.00
N GLN D 441 -6.63 -21.35 19.13
CA GLN D 441 -8.04 -21.06 19.32
C GLN D 441 -8.96 -22.15 18.76
N ILE D 442 -10.17 -22.23 19.33
CA ILE D 442 -11.11 -23.29 19.00
C ILE D 442 -11.89 -22.90 17.75
N ILE D 443 -12.10 -23.86 16.86
CA ILE D 443 -12.76 -23.61 15.57
C ILE D 443 -13.74 -24.73 15.31
N ASN D 444 -14.31 -24.79 14.10
CA ASN D 444 -15.39 -25.72 13.83
C ASN D 444 -14.97 -27.17 13.93
N ASP D 445 -15.84 -28.00 14.49
CA ASP D 445 -15.60 -29.44 14.62
C ASP D 445 -15.06 -30.01 13.29
N ILE D 446 -14.10 -30.91 13.39
CA ILE D 446 -13.83 -31.85 12.30
C ILE D 446 -14.85 -32.98 12.39
N SER D 447 -15.62 -33.16 11.32
CA SER D 447 -16.49 -34.32 11.12
C SER D 447 -15.76 -35.36 10.26
N GLU D 448 -15.80 -36.62 10.67
CA GLU D 448 -15.17 -37.71 9.94
C GLU D 448 -16.22 -38.46 9.13
N ASN D 449 -15.76 -39.29 8.19
CA ASN D 449 -16.67 -39.97 7.24
C ASN D 449 -17.51 -41.08 7.88
N ASP D 450 -17.13 -41.52 9.08
CA ASP D 450 -17.88 -42.53 9.83
C ASP D 450 -18.97 -41.96 10.77
N GLY D 451 -19.17 -40.65 10.74
CA GLY D 451 -20.19 -39.99 11.59
C GLY D 451 -19.65 -39.38 12.87
N ASN D 452 -18.40 -39.68 13.21
CA ASN D 452 -17.79 -39.19 14.45
C ASN D 452 -17.34 -37.75 14.33
N ILE D 453 -17.53 -36.99 15.41
CA ILE D 453 -17.31 -35.56 15.43
C ILE D 453 -16.23 -35.24 16.45
N LEU D 454 -15.12 -34.66 15.99
CA LEU D 454 -14.03 -34.25 16.86
C LEU D 454 -14.08 -32.75 17.05
N PHE D 455 -13.56 -32.29 18.20
CA PHE D 455 -13.17 -30.88 18.38
C PHE D 455 -12.00 -30.53 17.45
N ASN D 456 -11.67 -29.25 17.39
CA ASN D 456 -10.65 -28.75 16.45
C ASN D 456 -9.93 -27.56 17.06
N VAL D 457 -8.69 -27.80 17.48
CA VAL D 457 -7.83 -26.76 18.06
C VAL D 457 -6.96 -26.21 16.93
N GLN D 458 -7.25 -24.99 16.47
CA GLN D 458 -6.33 -24.30 15.56
C GLN D 458 -5.10 -23.88 16.33
N ILE D 459 -3.93 -24.20 15.79
CA ILE D 459 -2.66 -23.73 16.36
C ILE D 459 -1.87 -22.96 15.32
N GLU D 460 -1.36 -21.81 15.74
CA GLU D 460 -0.60 -20.91 14.85
C GLU D 460 0.91 -21.16 14.95
N ASN D 461 1.61 -20.84 13.87
CA ASN D 461 3.07 -20.94 13.80
C ASN D 461 3.62 -19.69 13.13
N HIS D 462 4.55 -19.01 13.81
CA HIS D 462 5.19 -17.81 13.27
C HIS D 462 6.28 -18.24 12.30
N ALA D 463 6.22 -17.72 11.08
CA ALA D 463 7.23 -18.05 10.05
C ALA D 463 8.57 -17.44 10.42
N GLY D 464 9.64 -18.10 9.99
CA GLY D 464 10.94 -17.48 9.90
C GLY D 464 10.89 -16.34 8.89
N PHE D 465 11.51 -15.21 9.26
CA PHE D 465 11.77 -14.12 8.32
C PHE D 465 13.19 -13.59 8.52
N SER D 466 13.73 -12.98 7.47
CA SER D 466 15.13 -12.54 7.45
C SER D 466 15.21 -11.07 7.82
N LEU D 467 16.33 -10.68 8.44
CA LEU D 467 16.63 -9.28 8.72
C LEU D 467 17.50 -8.70 7.60
N PRO D 468 17.08 -7.58 6.99
CA PRO D 468 17.80 -7.03 5.83
C PRO D 468 19.08 -6.29 6.21
N SER D 469 20.14 -6.47 5.41
CA SER D 469 21.43 -5.80 5.62
C SER D 469 21.63 -4.67 4.60
N THR D 470 22.70 -3.90 4.77
CA THR D 470 22.91 -2.63 4.04
C THR D 470 23.11 -2.84 2.53
#